data_5ZZG
# 
_entry.id   5ZZG 
# 
_audit_conform.dict_name       mmcif_pdbx.dic 
_audit_conform.dict_version    5.380 
_audit_conform.dict_location   http://mmcif.pdb.org/dictionaries/ascii/mmcif_pdbx.dic 
# 
loop_
_database_2.database_id 
_database_2.database_code 
_database_2.pdbx_database_accession 
_database_2.pdbx_DOI 
PDB   5ZZG         pdb_00005zzg 10.2210/pdb5zzg/pdb 
WWPDB D_1300007926 ?            ?                   
# 
_pdbx_database_status.status_code                     REL 
_pdbx_database_status.status_code_sf                  REL 
_pdbx_database_status.status_code_mr                  ? 
_pdbx_database_status.entry_id                        5ZZG 
_pdbx_database_status.recvd_initial_deposition_date   2018-06-01 
_pdbx_database_status.SG_entry                        N 
_pdbx_database_status.deposit_site                    PDBJ 
_pdbx_database_status.process_site                    PDBJ 
_pdbx_database_status.status_code_cs                  ? 
_pdbx_database_status.methods_development_category    ? 
_pdbx_database_status.pdb_format_compatible           Y 
_pdbx_database_status.status_code_nmr_data            ? 
# 
loop_
_audit_author.name 
_audit_author.pdbx_ordinal 
_audit_author.identifier_ORCID 
'Yuan, H.'  1 ? 
'Lin, Y.W.' 2 ? 
# 
_citation.abstract                  ? 
_citation.abstract_id_CAS           ? 
_citation.book_id_ISBN              ? 
_citation.book_publisher            ? 
_citation.book_publisher_city       ? 
_citation.book_title                ? 
_citation.coordinate_linkage        ? 
_citation.country                   US 
_citation.database_id_Medline       ? 
_citation.details                   ? 
_citation.id                        primary 
_citation.journal_abbrev            'Acs Catalysis' 
_citation.journal_id_ASTM           ? 
_citation.journal_id_CSD            ? 
_citation.journal_id_ISSN           2155-5435 
_citation.journal_full              ? 
_citation.journal_issue             ? 
_citation.journal_volume            8 
_citation.language                  ? 
_citation.page_first                9619 
_citation.page_last                 9624 
_citation.title                     
;A Rationally Designed Myoglobin Exhibits a Catalytic Dehalogenation Efficiency More than 1000-Fold That of a Native Dehaloperoxidase
;
_citation.year                      2018 
_citation.database_id_CSD           ? 
_citation.pdbx_database_id_DOI      10.1021/acscatal.8b02979 
_citation.pdbx_database_id_PubMed   ? 
_citation.unpublished_flag          ? 
# 
loop_
_citation_author.citation_id 
_citation_author.name 
_citation_author.ordinal 
_citation_author.identifier_ORCID 
primary 'Yin, L.L.' 1 ? 
primary 'Yuan, H.'  2 ? 
primary 'Liu, C.'   3 ? 
primary 'He, B.'    4 ? 
primary 'Gao, S.Q.' 5 ? 
primary 'Wen, G.B.' 6 ? 
primary 'Tan, X.'   7 ? 
primary 'Lin, Y.W.' 8 ? 
# 
_cell.angle_alpha                  90.00 
_cell.angle_alpha_esd              ? 
_cell.angle_beta                   90.00 
_cell.angle_beta_esd               ? 
_cell.angle_gamma                  90.00 
_cell.angle_gamma_esd              ? 
_cell.entry_id                     5ZZG 
_cell.details                      ? 
_cell.formula_units_Z              ? 
_cell.length_a                     39.899 
_cell.length_a_esd                 ? 
_cell.length_b                     49.477 
_cell.length_b_esd                 ? 
_cell.length_c                     77.333 
_cell.length_c_esd                 ? 
_cell.volume                       ? 
_cell.volume_esd                   ? 
_cell.Z_PDB                        4 
_cell.reciprocal_angle_alpha       ? 
_cell.reciprocal_angle_beta        ? 
_cell.reciprocal_angle_gamma       ? 
_cell.reciprocal_angle_alpha_esd   ? 
_cell.reciprocal_angle_beta_esd    ? 
_cell.reciprocal_angle_gamma_esd   ? 
_cell.reciprocal_length_a          ? 
_cell.reciprocal_length_b          ? 
_cell.reciprocal_length_c          ? 
_cell.reciprocal_length_a_esd      ? 
_cell.reciprocal_length_b_esd      ? 
_cell.reciprocal_length_c_esd      ? 
_cell.pdbx_unique_axis             ? 
# 
_symmetry.entry_id                         5ZZG 
_symmetry.cell_setting                     ? 
_symmetry.Int_Tables_number                19 
_symmetry.space_group_name_Hall            ? 
_symmetry.space_group_name_H-M             'P 21 21 21' 
_symmetry.pdbx_full_space_group_name_H-M   ? 
# 
loop_
_entity.id 
_entity.type 
_entity.src_method 
_entity.pdbx_description 
_entity.formula_weight 
_entity.pdbx_number_of_molecules 
_entity.pdbx_ec 
_entity.pdbx_mutation 
_entity.pdbx_fragment 
_entity.details 
1 polymer     man Myoglobin                         17227.893 1   ? F43Y/H64D ? ? 
2 non-polymer syn 'PROTOPORPHYRIN IX CONTAINING FE' 616.487   1   ? ?         ? ? 
3 non-polymer syn 2,4,6-trichlorophenol             197.446   1   ? ?         ? ? 
4 water       nat water                             18.015    107 ? ?         ? ? 
# 
_entity_poly.entity_id                      1 
_entity_poly.type                           'polypeptide(L)' 
_entity_poly.nstd_linkage                   no 
_entity_poly.nstd_monomer                   no 
_entity_poly.pdbx_seq_one_letter_code       
;VLSEGEWQLVLHVWAKVEADVAGHGQDILIRLFKSHPETLEKYDRFKHLKTEAEMKASEDLKKDGVTVLTALGAILKKKG
HHEAELKPLAQSHATKHKIPIKYLEFISEAIIHVLHSRHPGDFGADAQGAMNKALELFRKDIAAKYKELGYQG
;
_entity_poly.pdbx_seq_one_letter_code_can   
;VLSEGEWQLVLHVWAKVEADVAGHGQDILIRLFKSHPETLEKYDRFKHLKTEAEMKASEDLKKDGVTVLTALGAILKKKG
HHEAELKPLAQSHATKHKIPIKYLEFISEAIIHVLHSRHPGDFGADAQGAMNKALELFRKDIAAKYKELGYQG
;
_entity_poly.pdbx_strand_id                 A 
_entity_poly.pdbx_target_identifier         ? 
# 
loop_
_entity_poly_seq.entity_id 
_entity_poly_seq.num 
_entity_poly_seq.mon_id 
_entity_poly_seq.hetero 
1 1   VAL n 
1 2   LEU n 
1 3   SER n 
1 4   GLU n 
1 5   GLY n 
1 6   GLU n 
1 7   TRP n 
1 8   GLN n 
1 9   LEU n 
1 10  VAL n 
1 11  LEU n 
1 12  HIS n 
1 13  VAL n 
1 14  TRP n 
1 15  ALA n 
1 16  LYS n 
1 17  VAL n 
1 18  GLU n 
1 19  ALA n 
1 20  ASP n 
1 21  VAL n 
1 22  ALA n 
1 23  GLY n 
1 24  HIS n 
1 25  GLY n 
1 26  GLN n 
1 27  ASP n 
1 28  ILE n 
1 29  LEU n 
1 30  ILE n 
1 31  ARG n 
1 32  LEU n 
1 33  PHE n 
1 34  LYS n 
1 35  SER n 
1 36  HIS n 
1 37  PRO n 
1 38  GLU n 
1 39  THR n 
1 40  LEU n 
1 41  GLU n 
1 42  LYS n 
1 43  TYR n 
1 44  ASP n 
1 45  ARG n 
1 46  PHE n 
1 47  LYS n 
1 48  HIS n 
1 49  LEU n 
1 50  LYS n 
1 51  THR n 
1 52  GLU n 
1 53  ALA n 
1 54  GLU n 
1 55  MET n 
1 56  LYS n 
1 57  ALA n 
1 58  SER n 
1 59  GLU n 
1 60  ASP n 
1 61  LEU n 
1 62  LYS n 
1 63  LYS n 
1 64  ASP n 
1 65  GLY n 
1 66  VAL n 
1 67  THR n 
1 68  VAL n 
1 69  LEU n 
1 70  THR n 
1 71  ALA n 
1 72  LEU n 
1 73  GLY n 
1 74  ALA n 
1 75  ILE n 
1 76  LEU n 
1 77  LYS n 
1 78  LYS n 
1 79  LYS n 
1 80  GLY n 
1 81  HIS n 
1 82  HIS n 
1 83  GLU n 
1 84  ALA n 
1 85  GLU n 
1 86  LEU n 
1 87  LYS n 
1 88  PRO n 
1 89  LEU n 
1 90  ALA n 
1 91  GLN n 
1 92  SER n 
1 93  HIS n 
1 94  ALA n 
1 95  THR n 
1 96  LYS n 
1 97  HIS n 
1 98  LYS n 
1 99  ILE n 
1 100 PRO n 
1 101 ILE n 
1 102 LYS n 
1 103 TYR n 
1 104 LEU n 
1 105 GLU n 
1 106 PHE n 
1 107 ILE n 
1 108 SER n 
1 109 GLU n 
1 110 ALA n 
1 111 ILE n 
1 112 ILE n 
1 113 HIS n 
1 114 VAL n 
1 115 LEU n 
1 116 HIS n 
1 117 SER n 
1 118 ARG n 
1 119 HIS n 
1 120 PRO n 
1 121 GLY n 
1 122 ASP n 
1 123 PHE n 
1 124 GLY n 
1 125 ALA n 
1 126 ASP n 
1 127 ALA n 
1 128 GLN n 
1 129 GLY n 
1 130 ALA n 
1 131 MET n 
1 132 ASN n 
1 133 LYS n 
1 134 ALA n 
1 135 LEU n 
1 136 GLU n 
1 137 LEU n 
1 138 PHE n 
1 139 ARG n 
1 140 LYS n 
1 141 ASP n 
1 142 ILE n 
1 143 ALA n 
1 144 ALA n 
1 145 LYS n 
1 146 TYR n 
1 147 LYS n 
1 148 GLU n 
1 149 LEU n 
1 150 GLY n 
1 151 TYR n 
1 152 GLN n 
1 153 GLY n 
# 
_entity_src_gen.entity_id                          1 
_entity_src_gen.pdbx_src_id                        1 
_entity_src_gen.pdbx_alt_source_flag               sample 
_entity_src_gen.pdbx_seq_type                      'Biological sequence' 
_entity_src_gen.pdbx_beg_seq_num                   1 
_entity_src_gen.pdbx_end_seq_num                   153 
_entity_src_gen.gene_src_common_name               'Sperm whale' 
_entity_src_gen.gene_src_genus                     ? 
_entity_src_gen.pdbx_gene_src_gene                 MB 
_entity_src_gen.gene_src_species                   ? 
_entity_src_gen.gene_src_strain                    ? 
_entity_src_gen.gene_src_tissue                    ? 
_entity_src_gen.gene_src_tissue_fraction           ? 
_entity_src_gen.gene_src_details                   ? 
_entity_src_gen.pdbx_gene_src_fragment             ? 
_entity_src_gen.pdbx_gene_src_scientific_name      'Physeter catodon' 
_entity_src_gen.pdbx_gene_src_ncbi_taxonomy_id     9755 
_entity_src_gen.pdbx_gene_src_variant              ? 
_entity_src_gen.pdbx_gene_src_cell_line            ? 
_entity_src_gen.pdbx_gene_src_atcc                 ? 
_entity_src_gen.pdbx_gene_src_organ                ? 
_entity_src_gen.pdbx_gene_src_organelle            ? 
_entity_src_gen.pdbx_gene_src_cell                 ? 
_entity_src_gen.pdbx_gene_src_cellular_location    ? 
_entity_src_gen.host_org_common_name               ? 
_entity_src_gen.pdbx_host_org_scientific_name      'Escherichia coli' 
_entity_src_gen.pdbx_host_org_ncbi_taxonomy_id     562 
_entity_src_gen.host_org_genus                     ? 
_entity_src_gen.pdbx_host_org_gene                 ? 
_entity_src_gen.pdbx_host_org_organ                ? 
_entity_src_gen.host_org_species                   ? 
_entity_src_gen.pdbx_host_org_tissue               ? 
_entity_src_gen.pdbx_host_org_tissue_fraction      ? 
_entity_src_gen.pdbx_host_org_strain               ? 
_entity_src_gen.pdbx_host_org_variant              ? 
_entity_src_gen.pdbx_host_org_cell_line            ? 
_entity_src_gen.pdbx_host_org_atcc                 ? 
_entity_src_gen.pdbx_host_org_culture_collection   ? 
_entity_src_gen.pdbx_host_org_cell                 ? 
_entity_src_gen.pdbx_host_org_organelle            ? 
_entity_src_gen.pdbx_host_org_cellular_location    ? 
_entity_src_gen.pdbx_host_org_vector_type          ? 
_entity_src_gen.pdbx_host_org_vector               ? 
_entity_src_gen.host_org_details                   ? 
_entity_src_gen.expression_system_id               ? 
_entity_src_gen.plasmid_name                       ? 
_entity_src_gen.plasmid_details                    ? 
_entity_src_gen.pdbx_description                   ? 
# 
_struct_ref.id                         1 
_struct_ref.db_name                    UNP 
_struct_ref.db_code                    MYG_PHYCD 
_struct_ref.pdbx_db_accession          P02185 
_struct_ref.pdbx_db_isoform            ? 
_struct_ref.entity_id                  1 
_struct_ref.pdbx_seq_one_letter_code   
;VLSEGEWQLVLHVWAKVEADVAGHGQDILIRLFKSHPETLEKFDRFKHLKTEAEMKASEDLKKHGVTVLTALGAILKKKG
HHEAELKPLAQSHATKHKIPIKYLEFISEAIIHVLHSRHPGDFGADAQGAMNKALELFRKDIAAKYKELGYQG
;
_struct_ref.pdbx_align_begin           2 
# 
_struct_ref_seq.align_id                      1 
_struct_ref_seq.ref_id                        1 
_struct_ref_seq.pdbx_PDB_id_code              5ZZG 
_struct_ref_seq.pdbx_strand_id                A 
_struct_ref_seq.seq_align_beg                 1 
_struct_ref_seq.pdbx_seq_align_beg_ins_code   ? 
_struct_ref_seq.seq_align_end                 153 
_struct_ref_seq.pdbx_seq_align_end_ins_code   ? 
_struct_ref_seq.pdbx_db_accession             P02185 
_struct_ref_seq.db_align_beg                  2 
_struct_ref_seq.pdbx_db_align_beg_ins_code    ? 
_struct_ref_seq.db_align_end                  154 
_struct_ref_seq.pdbx_db_align_end_ins_code    ? 
_struct_ref_seq.pdbx_auth_seq_align_beg       1 
_struct_ref_seq.pdbx_auth_seq_align_end       153 
# 
loop_
_struct_ref_seq_dif.align_id 
_struct_ref_seq_dif.pdbx_pdb_id_code 
_struct_ref_seq_dif.mon_id 
_struct_ref_seq_dif.pdbx_pdb_strand_id 
_struct_ref_seq_dif.seq_num 
_struct_ref_seq_dif.pdbx_pdb_ins_code 
_struct_ref_seq_dif.pdbx_seq_db_name 
_struct_ref_seq_dif.pdbx_seq_db_accession_code 
_struct_ref_seq_dif.db_mon_id 
_struct_ref_seq_dif.pdbx_seq_db_seq_num 
_struct_ref_seq_dif.details 
_struct_ref_seq_dif.pdbx_auth_seq_num 
_struct_ref_seq_dif.pdbx_ordinal 
1 5ZZG TYR A 43 ? UNP P02185 PHE 44 'engineered mutation' 43 1 
1 5ZZG ASP A 64 ? UNP P02185 HIS 65 'engineered mutation' 64 2 
# 
loop_
_chem_comp.id 
_chem_comp.type 
_chem_comp.mon_nstd_flag 
_chem_comp.name 
_chem_comp.pdbx_synonyms 
_chem_comp.formula 
_chem_comp.formula_weight 
ALA 'L-peptide linking' y ALANINE                           ?    'C3 H7 N O2'       89.093  
ARG 'L-peptide linking' y ARGININE                          ?    'C6 H15 N4 O2 1'   175.209 
ASN 'L-peptide linking' y ASPARAGINE                        ?    'C4 H8 N2 O3'      132.118 
ASP 'L-peptide linking' y 'ASPARTIC ACID'                   ?    'C4 H7 N O4'       133.103 
GLN 'L-peptide linking' y GLUTAMINE                         ?    'C5 H10 N2 O3'     146.144 
GLU 'L-peptide linking' y 'GLUTAMIC ACID'                   ?    'C5 H9 N O4'       147.129 
GLY 'peptide linking'   y GLYCINE                           ?    'C2 H5 N O2'       75.067  
HEM non-polymer         . 'PROTOPORPHYRIN IX CONTAINING FE' HEME 'C34 H32 Fe N4 O4' 616.487 
HIS 'L-peptide linking' y HISTIDINE                         ?    'C6 H10 N3 O2 1'   156.162 
HOH non-polymer         . WATER                             ?    'H2 O'             18.015  
ILE 'L-peptide linking' y ISOLEUCINE                        ?    'C6 H13 N O2'      131.173 
LEU 'L-peptide linking' y LEUCINE                           ?    'C6 H13 N O2'      131.173 
LYS 'L-peptide linking' y LYSINE                            ?    'C6 H15 N2 O2 1'   147.195 
MET 'L-peptide linking' y METHIONINE                        ?    'C5 H11 N O2 S'    149.211 
PHE 'L-peptide linking' y PHENYLALANINE                     ?    'C9 H11 N O2'      165.189 
PRO 'L-peptide linking' y PROLINE                           ?    'C5 H9 N O2'       115.130 
SER 'L-peptide linking' y SERINE                            ?    'C3 H7 N O3'       105.093 
T6C non-polymer         . 2,4,6-trichlorophenol             ?    'C6 H3 Cl3 O'      197.446 
THR 'L-peptide linking' y THREONINE                         ?    'C4 H9 N O3'       119.119 
TRP 'L-peptide linking' y TRYPTOPHAN                        ?    'C11 H12 N2 O2'    204.225 
TYR 'L-peptide linking' y TYROSINE                          ?    'C9 H11 N O3'      181.189 
VAL 'L-peptide linking' y VALINE                            ?    'C5 H11 N O2'      117.146 
# 
_exptl.absorpt_coefficient_mu     ? 
_exptl.absorpt_correction_T_max   ? 
_exptl.absorpt_correction_T_min   ? 
_exptl.absorpt_correction_type    ? 
_exptl.absorpt_process_details    ? 
_exptl.entry_id                   5ZZG 
_exptl.crystals_number            1 
_exptl.details                    ? 
_exptl.method                     'X-RAY DIFFRACTION' 
_exptl.method_details             ? 
# 
_exptl_crystal.colour                      ? 
_exptl_crystal.density_diffrn              ? 
_exptl_crystal.density_Matthews            2.22 
_exptl_crystal.density_method              ? 
_exptl_crystal.density_percent_sol         44.48 
_exptl_crystal.description                 ? 
_exptl_crystal.F_000                       ? 
_exptl_crystal.id                          1 
_exptl_crystal.preparation                 ? 
_exptl_crystal.size_max                    ? 
_exptl_crystal.size_mid                    ? 
_exptl_crystal.size_min                    ? 
_exptl_crystal.size_rad                    ? 
_exptl_crystal.colour_lustre               ? 
_exptl_crystal.colour_modifier             ? 
_exptl_crystal.colour_primary              ? 
_exptl_crystal.density_meas                ? 
_exptl_crystal.density_meas_esd            ? 
_exptl_crystal.density_meas_gt             ? 
_exptl_crystal.density_meas_lt             ? 
_exptl_crystal.density_meas_temp           ? 
_exptl_crystal.density_meas_temp_esd       ? 
_exptl_crystal.density_meas_temp_gt        ? 
_exptl_crystal.density_meas_temp_lt        ? 
_exptl_crystal.pdbx_crystal_image_url      ? 
_exptl_crystal.pdbx_crystal_image_format   ? 
_exptl_crystal.pdbx_mosaicity              ? 
_exptl_crystal.pdbx_mosaicity_esd          ? 
# 
_exptl_crystal_grow.apparatus       ? 
_exptl_crystal_grow.atmosphere      ? 
_exptl_crystal_grow.crystal_id      1 
_exptl_crystal_grow.details         ? 
_exptl_crystal_grow.method          'VAPOR DIFFUSION, HANGING DROP' 
_exptl_crystal_grow.method_ref      ? 
_exptl_crystal_grow.pH              ? 
_exptl_crystal_grow.pressure        ? 
_exptl_crystal_grow.pressure_esd    ? 
_exptl_crystal_grow.seeding         ? 
_exptl_crystal_grow.seeding_ref     ? 
_exptl_crystal_grow.temp            293 
_exptl_crystal_grow.temp_details    ? 
_exptl_crystal_grow.temp_esd        ? 
_exptl_crystal_grow.time            ? 
_exptl_crystal_grow.pdbx_details    '30% PEG8000, 0.2 M Sodium acetate trihydrate, 0.1 M Sodium cacodylate trihydrate pH 6.5' 
_exptl_crystal_grow.pdbx_pH_range   ? 
# 
_diffrn.ambient_environment    ? 
_diffrn.ambient_temp           100 
_diffrn.ambient_temp_details   ? 
_diffrn.ambient_temp_esd       ? 
_diffrn.crystal_id             1 
_diffrn.crystal_support        ? 
_diffrn.crystal_treatment      ? 
_diffrn.details                ? 
_diffrn.id                     1 
_diffrn.ambient_pressure       ? 
_diffrn.ambient_pressure_esd   ? 
_diffrn.ambient_pressure_gt    ? 
_diffrn.ambient_pressure_lt    ? 
_diffrn.ambient_temp_gt        ? 
_diffrn.ambient_temp_lt        ? 
# 
_diffrn_detector.details                      ? 
_diffrn_detector.detector                     PIXEL 
_diffrn_detector.diffrn_id                    1 
_diffrn_detector.type                         'DECTRIS PILATUS 6M' 
_diffrn_detector.area_resol_mean              ? 
_diffrn_detector.dtime                        ? 
_diffrn_detector.pdbx_frames_total            ? 
_diffrn_detector.pdbx_collection_time_total   ? 
_diffrn_detector.pdbx_collection_date         2018-05-01 
# 
_diffrn_radiation.collimation                      ? 
_diffrn_radiation.diffrn_id                        1 
_diffrn_radiation.filter_edge                      ? 
_diffrn_radiation.inhomogeneity                    ? 
_diffrn_radiation.monochromator                    ? 
_diffrn_radiation.polarisn_norm                    ? 
_diffrn_radiation.polarisn_ratio                   ? 
_diffrn_radiation.probe                            ? 
_diffrn_radiation.type                             ? 
_diffrn_radiation.xray_symbol                      ? 
_diffrn_radiation.wavelength_id                    1 
_diffrn_radiation.pdbx_monochromatic_or_laue_m_l   M 
_diffrn_radiation.pdbx_wavelength_list             ? 
_diffrn_radiation.pdbx_wavelength                  ? 
_diffrn_radiation.pdbx_diffrn_protocol             'SINGLE WAVELENGTH' 
_diffrn_radiation.pdbx_analyzer                    ? 
_diffrn_radiation.pdbx_scattering_type             x-ray 
# 
_diffrn_radiation_wavelength.id           1 
_diffrn_radiation_wavelength.wavelength   0.979 
_diffrn_radiation_wavelength.wt           1.0 
# 
_diffrn_source.current                     ? 
_diffrn_source.details                     ? 
_diffrn_source.diffrn_id                   1 
_diffrn_source.power                       ? 
_diffrn_source.size                        ? 
_diffrn_source.source                      SYNCHROTRON 
_diffrn_source.target                      ? 
_diffrn_source.type                        'SSRF BEAMLINE BL18U1' 
_diffrn_source.voltage                     ? 
_diffrn_source.take-off_angle              ? 
_diffrn_source.pdbx_wavelength_list        0.979 
_diffrn_source.pdbx_wavelength             ? 
_diffrn_source.pdbx_synchrotron_beamline   BL18U1 
_diffrn_source.pdbx_synchrotron_site       SSRF 
# 
_reflns.B_iso_Wilson_estimate            ? 
_reflns.entry_id                         5ZZG 
_reflns.data_reduction_details           ? 
_reflns.data_reduction_method            ? 
_reflns.d_resolution_high                1.8 
_reflns.d_resolution_low                 50 
_reflns.details                          ? 
_reflns.limit_h_max                      ? 
_reflns.limit_h_min                      ? 
_reflns.limit_k_max                      ? 
_reflns.limit_k_min                      ? 
_reflns.limit_l_max                      ? 
_reflns.limit_l_min                      ? 
_reflns.number_all                       ? 
_reflns.number_obs                       14844 
_reflns.observed_criterion               ? 
_reflns.observed_criterion_F_max         ? 
_reflns.observed_criterion_F_min         ? 
_reflns.observed_criterion_I_max         ? 
_reflns.observed_criterion_I_min         ? 
_reflns.observed_criterion_sigma_F       ? 
_reflns.observed_criterion_sigma_I       ? 
_reflns.percent_possible_obs             99.7 
_reflns.R_free_details                   ? 
_reflns.Rmerge_F_all                     ? 
_reflns.Rmerge_F_obs                     ? 
_reflns.Friedel_coverage                 ? 
_reflns.number_gt                        ? 
_reflns.threshold_expression             ? 
_reflns.pdbx_redundancy                  6.3 
_reflns.pdbx_Rmerge_I_obs                0.107 
_reflns.pdbx_Rmerge_I_all                ? 
_reflns.pdbx_Rsym_value                  0.088 
_reflns.pdbx_netI_over_av_sigmaI         ? 
_reflns.pdbx_netI_over_sigmaI            24.5 
_reflns.pdbx_res_netI_over_av_sigmaI_2   ? 
_reflns.pdbx_res_netI_over_sigmaI_2      ? 
_reflns.pdbx_chi_squared                 ? 
_reflns.pdbx_scaling_rejects             ? 
_reflns.pdbx_d_res_high_opt              ? 
_reflns.pdbx_d_res_low_opt               ? 
_reflns.pdbx_d_res_opt_method            ? 
_reflns.phase_calculation_details        ? 
_reflns.pdbx_Rrim_I_all                  ? 
_reflns.pdbx_Rpim_I_all                  0.047 
_reflns.pdbx_d_opt                       ? 
_reflns.pdbx_number_measured_all         ? 
_reflns.pdbx_diffrn_id                   1 
_reflns.pdbx_ordinal                     1 
_reflns.pdbx_CC_half                     ? 
_reflns.pdbx_R_split                     ? 
# 
_reflns_shell.d_res_high                  1.80 
_reflns_shell.d_res_low                   1.83 
_reflns_shell.meanI_over_sigI_all         ? 
_reflns_shell.meanI_over_sigI_obs         1.48 
_reflns_shell.number_measured_all         ? 
_reflns_shell.number_measured_obs         ? 
_reflns_shell.number_possible             ? 
_reflns_shell.number_unique_all           ? 
_reflns_shell.number_unique_obs           710 
_reflns_shell.percent_possible_all        98.2 
_reflns_shell.percent_possible_obs        ? 
_reflns_shell.Rmerge_F_all                ? 
_reflns_shell.Rmerge_F_obs                ? 
_reflns_shell.Rmerge_I_all                ? 
_reflns_shell.Rmerge_I_obs                0.694 
_reflns_shell.meanI_over_sigI_gt          ? 
_reflns_shell.meanI_over_uI_all           ? 
_reflns_shell.meanI_over_uI_gt            ? 
_reflns_shell.number_measured_gt          ? 
_reflns_shell.number_unique_gt            ? 
_reflns_shell.percent_possible_gt         ? 
_reflns_shell.Rmerge_F_gt                 ? 
_reflns_shell.Rmerge_I_gt                 ? 
_reflns_shell.pdbx_redundancy             5.4 
_reflns_shell.pdbx_Rsym_value             0.780 
_reflns_shell.pdbx_chi_squared            ? 
_reflns_shell.pdbx_netI_over_sigmaI_all   ? 
_reflns_shell.pdbx_netI_over_sigmaI_obs   ? 
_reflns_shell.pdbx_Rrim_I_all             ? 
_reflns_shell.pdbx_Rpim_I_all             0.294 
_reflns_shell.pdbx_rejects                ? 
_reflns_shell.pdbx_ordinal                1 
_reflns_shell.pdbx_diffrn_id              1 
_reflns_shell.pdbx_CC_half                ? 
_reflns_shell.pdbx_R_split                ? 
# 
_refine.aniso_B[1][1]                            -0.09 
_refine.aniso_B[1][2]                            -0.00 
_refine.aniso_B[1][3]                            0.00 
_refine.aniso_B[2][2]                            0.04 
_refine.aniso_B[2][3]                            0.00 
_refine.aniso_B[3][3]                            0.04 
_refine.B_iso_max                                ? 
_refine.B_iso_mean                               31.197 
_refine.B_iso_min                                ? 
_refine.correlation_coeff_Fo_to_Fc               0.960 
_refine.correlation_coeff_Fo_to_Fc_free          0.947 
_refine.details                                  'HYDROGENS HAVE BEEN ADDED IN THE RIDING POSITIONS' 
_refine.diff_density_max                         ? 
_refine.diff_density_max_esd                     ? 
_refine.diff_density_min                         ? 
_refine.diff_density_min_esd                     ? 
_refine.diff_density_rms                         ? 
_refine.diff_density_rms_esd                     ? 
_refine.entry_id                                 5ZZG 
_refine.pdbx_refine_id                           'X-RAY DIFFRACTION' 
_refine.ls_abs_structure_details                 ? 
_refine.ls_abs_structure_Flack                   ? 
_refine.ls_abs_structure_Flack_esd               ? 
_refine.ls_abs_structure_Rogers                  ? 
_refine.ls_abs_structure_Rogers_esd              ? 
_refine.ls_d_res_high                            1.80 
_refine.ls_d_res_low                             35.46 
_refine.ls_extinction_coef                       ? 
_refine.ls_extinction_coef_esd                   ? 
_refine.ls_extinction_expression                 ? 
_refine.ls_extinction_method                     ? 
_refine.ls_goodness_of_fit_all                   ? 
_refine.ls_goodness_of_fit_all_esd               ? 
_refine.ls_goodness_of_fit_obs                   ? 
_refine.ls_goodness_of_fit_obs_esd               ? 
_refine.ls_hydrogen_treatment                    ? 
_refine.ls_matrix_type                           ? 
_refine.ls_number_constraints                    ? 
_refine.ls_number_parameters                     ? 
_refine.ls_number_reflns_all                     ? 
_refine.ls_number_reflns_obs                     14051 
_refine.ls_number_reflns_R_free                  749 
_refine.ls_number_reflns_R_work                  ? 
_refine.ls_number_restraints                     ? 
_refine.ls_percent_reflns_obs                    99.57 
_refine.ls_percent_reflns_R_free                 5.1 
_refine.ls_R_factor_all                          ? 
_refine.ls_R_factor_obs                          0.18679 
_refine.ls_R_factor_R_free                       0.22897 
_refine.ls_R_factor_R_free_error                 ? 
_refine.ls_R_factor_R_free_error_details         ? 
_refine.ls_R_factor_R_work                       0.18457 
_refine.ls_R_Fsqd_factor_obs                     ? 
_refine.ls_R_I_factor_obs                        ? 
_refine.ls_redundancy_reflns_all                 ? 
_refine.ls_redundancy_reflns_obs                 ? 
_refine.ls_restrained_S_all                      ? 
_refine.ls_restrained_S_obs                      ? 
_refine.ls_shift_over_esd_max                    ? 
_refine.ls_shift_over_esd_mean                   ? 
_refine.ls_structure_factor_coef                 ? 
_refine.ls_weighting_details                     ? 
_refine.ls_weighting_scheme                      ? 
_refine.ls_wR_factor_all                         ? 
_refine.ls_wR_factor_obs                         ? 
_refine.ls_wR_factor_R_free                      ? 
_refine.ls_wR_factor_R_work                      ? 
_refine.occupancy_max                            ? 
_refine.occupancy_min                            ? 
_refine.solvent_model_details                    MASK 
_refine.solvent_model_param_bsol                 ? 
_refine.solvent_model_param_ksol                 ? 
_refine.ls_R_factor_gt                           ? 
_refine.ls_goodness_of_fit_gt                    ? 
_refine.ls_goodness_of_fit_ref                   ? 
_refine.ls_shift_over_su_max                     ? 
_refine.ls_shift_over_su_max_lt                  ? 
_refine.ls_shift_over_su_mean                    ? 
_refine.ls_shift_over_su_mean_lt                 ? 
_refine.pdbx_ls_sigma_I                          ? 
_refine.pdbx_ls_sigma_F                          ? 
_refine.pdbx_ls_sigma_Fsqd                       ? 
_refine.pdbx_data_cutoff_high_absF               ? 
_refine.pdbx_data_cutoff_high_rms_absF           ? 
_refine.pdbx_data_cutoff_low_absF                ? 
_refine.pdbx_isotropic_thermal_model             ? 
_refine.pdbx_ls_cross_valid_method               THROUGHOUT 
_refine.pdbx_method_to_determine_struct          'MOLECULAR REPLACEMENT' 
_refine.pdbx_starting_model                      2EB8 
_refine.pdbx_stereochemistry_target_values       'MAXIMUM LIKELIHOOD' 
_refine.pdbx_R_Free_selection_details            RANDOM 
_refine.pdbx_stereochem_target_val_spec_case     ? 
_refine.pdbx_overall_ESU_R                       0.140 
_refine.pdbx_overall_ESU_R_Free                  0.133 
_refine.pdbx_solvent_vdw_probe_radii             1.20 
_refine.pdbx_solvent_ion_probe_radii             0.80 
_refine.pdbx_solvent_shrinkage_radii             0.80 
_refine.pdbx_real_space_R                        ? 
_refine.pdbx_density_correlation                 ? 
_refine.pdbx_pd_number_of_powder_patterns        ? 
_refine.pdbx_pd_number_of_points                 ? 
_refine.pdbx_pd_meas_number_of_points            ? 
_refine.pdbx_pd_proc_ls_prof_R_factor            ? 
_refine.pdbx_pd_proc_ls_prof_wR_factor           ? 
_refine.pdbx_pd_Marquardt_correlation_coeff      ? 
_refine.pdbx_pd_Fsqrd_R_factor                   ? 
_refine.pdbx_pd_ls_matrix_band_width             ? 
_refine.pdbx_overall_phase_error                 ? 
_refine.pdbx_overall_SU_R_free_Cruickshank_DPI   ? 
_refine.pdbx_overall_SU_R_free_Blow_DPI          ? 
_refine.pdbx_overall_SU_R_Blow_DPI               ? 
_refine.pdbx_TLS_residual_ADP_flag               ? 
_refine.pdbx_diffrn_id                           1 
_refine.overall_SU_B                             3.040 
_refine.overall_SU_ML                            0.096 
_refine.overall_SU_R_Cruickshank_DPI             ? 
_refine.overall_SU_R_free                        ? 
_refine.overall_FOM_free_R_set                   ? 
_refine.overall_FOM_work_R_set                   ? 
_refine.pdbx_average_fsc_overall                 ? 
_refine.pdbx_average_fsc_work                    ? 
_refine.pdbx_average_fsc_free                    ? 
# 
_refine_hist.pdbx_refine_id                   'X-RAY DIFFRACTION' 
_refine_hist.cycle_id                         1 
_refine_hist.pdbx_number_atoms_protein        1215 
_refine_hist.pdbx_number_atoms_nucleic_acid   0 
_refine_hist.pdbx_number_atoms_ligand         53 
_refine_hist.number_atoms_solvent             107 
_refine_hist.number_atoms_total               1375 
_refine_hist.d_res_high                       1.80 
_refine_hist.d_res_low                        35.46 
# 
loop_
_refine_ls_restr.pdbx_refine_id 
_refine_ls_restr.criterion 
_refine_ls_restr.dev_ideal 
_refine_ls_restr.dev_ideal_target 
_refine_ls_restr.number 
_refine_ls_restr.rejects 
_refine_ls_restr.type 
_refine_ls_restr.weight 
_refine_ls_restr.pdbx_restraint_function 
'X-RAY DIFFRACTION' ? 0.018  0.019  1358 ? r_bond_refined_d             ? ? 
'X-RAY DIFFRACTION' ? 0.002  0.020  1314 ? r_bond_other_d               ? ? 
'X-RAY DIFFRACTION' ? 3.123  2.005  1849 ? r_angle_refined_deg          ? ? 
'X-RAY DIFFRACTION' ? 0.990  3.000  3034 ? r_angle_other_deg            ? ? 
'X-RAY DIFFRACTION' ? 6.338  5.000  164  ? r_dihedral_angle_1_deg       ? ? 
'X-RAY DIFFRACTION' ? 38.620 24.746 59   ? r_dihedral_angle_2_deg       ? ? 
'X-RAY DIFFRACTION' ? 16.455 15.000 245  ? r_dihedral_angle_3_deg       ? ? 
'X-RAY DIFFRACTION' ? 23.038 15.000 4    ? r_dihedral_angle_4_deg       ? ? 
'X-RAY DIFFRACTION' ? 0.162  0.200  191  ? r_chiral_restr               ? ? 
'X-RAY DIFFRACTION' ? 0.011  0.020  1537 ? r_gen_planes_refined         ? ? 
'X-RAY DIFFRACTION' ? 0.005  0.020  313  ? r_gen_planes_other           ? ? 
'X-RAY DIFFRACTION' ? ?      ?      ?    ? r_nbd_refined                ? ? 
'X-RAY DIFFRACTION' ? ?      ?      ?    ? r_nbd_other                  ? ? 
'X-RAY DIFFRACTION' ? ?      ?      ?    ? r_nbtor_refined              ? ? 
'X-RAY DIFFRACTION' ? ?      ?      ?    ? r_nbtor_other                ? ? 
'X-RAY DIFFRACTION' ? ?      ?      ?    ? r_xyhbond_nbd_refined        ? ? 
'X-RAY DIFFRACTION' ? ?      ?      ?    ? r_xyhbond_nbd_other          ? ? 
'X-RAY DIFFRACTION' ? ?      ?      ?    ? r_metal_ion_refined          ? ? 
'X-RAY DIFFRACTION' ? ?      ?      ?    ? r_metal_ion_other            ? ? 
'X-RAY DIFFRACTION' ? ?      ?      ?    ? r_symmetry_vdw_refined       ? ? 
'X-RAY DIFFRACTION' ? ?      ?      ?    ? r_symmetry_vdw_other         ? ? 
'X-RAY DIFFRACTION' ? ?      ?      ?    ? r_symmetry_hbond_refined     ? ? 
'X-RAY DIFFRACTION' ? ?      ?      ?    ? r_symmetry_hbond_other       ? ? 
'X-RAY DIFFRACTION' ? ?      ?      ?    ? r_symmetry_metal_ion_refined ? ? 
'X-RAY DIFFRACTION' ? ?      ?      ?    ? r_symmetry_metal_ion_other   ? ? 
'X-RAY DIFFRACTION' ? 2.744  2.740  638  ? r_mcbond_it                  ? ? 
'X-RAY DIFFRACTION' ? 2.733  2.737  635  ? r_mcbond_other               ? ? 
'X-RAY DIFFRACTION' ? 3.967  4.096  804  ? r_mcangle_it                 ? ? 
'X-RAY DIFFRACTION' ? 3.957  4.094  803  ? r_mcangle_other              ? ? 
'X-RAY DIFFRACTION' ? 3.732  3.312  720  ? r_scbond_it                  ? ? 
'X-RAY DIFFRACTION' ? 3.701  3.301  717  ? r_scbond_other               ? ? 
'X-RAY DIFFRACTION' ? ?      ?      ?    ? r_scangle_it                 ? ? 
'X-RAY DIFFRACTION' ? 5.640  4.748  1042 ? r_scangle_other              ? ? 
'X-RAY DIFFRACTION' ? 8.944  24.649 1725 ? r_long_range_B_refined       ? ? 
'X-RAY DIFFRACTION' ? 8.902  24.393 1682 ? r_long_range_B_other         ? ? 
'X-RAY DIFFRACTION' ? ?      ?      ?    ? r_rigid_bond_restr           ? ? 
'X-RAY DIFFRACTION' ? ?      ?      ?    ? r_sphericity_free            ? ? 
'X-RAY DIFFRACTION' ? ?      ?      ?    ? r_sphericity_bonded          ? ? 
# 
_refine_ls_shell.pdbx_refine_id                   'X-RAY DIFFRACTION' 
_refine_ls_shell.d_res_high                       1.796 
_refine_ls_shell.d_res_low                        1.842 
_refine_ls_shell.number_reflns_all                ? 
_refine_ls_shell.number_reflns_obs                ? 
_refine_ls_shell.number_reflns_R_free             55 
_refine_ls_shell.number_reflns_R_work             977 
_refine_ls_shell.percent_reflns_obs               96.00 
_refine_ls_shell.percent_reflns_R_free            ? 
_refine_ls_shell.R_factor_all                     ? 
_refine_ls_shell.R_factor_obs                     ? 
_refine_ls_shell.R_factor_R_free                  0.242 
_refine_ls_shell.R_factor_R_free_error            ? 
_refine_ls_shell.R_factor_R_work                  0.212 
_refine_ls_shell.redundancy_reflns_all            ? 
_refine_ls_shell.redundancy_reflns_obs            ? 
_refine_ls_shell.wR_factor_all                    ? 
_refine_ls_shell.wR_factor_obs                    ? 
_refine_ls_shell.wR_factor_R_free                 ? 
_refine_ls_shell.wR_factor_R_work                 ? 
_refine_ls_shell.pdbx_total_number_of_bins_used   20 
_refine_ls_shell.pdbx_phase_error                 ? 
_refine_ls_shell.pdbx_fsc_work                    ? 
_refine_ls_shell.pdbx_fsc_free                    ? 
# 
_struct.entry_id                     5ZZG 
_struct.title                        'X-ray structure of F43Y/H64D sperm whale myoglobin in complex with TCP' 
_struct.pdbx_model_details           ? 
_struct.pdbx_formula_weight          ? 
_struct.pdbx_formula_weight_method   ? 
_struct.pdbx_model_type_details      ? 
_struct.pdbx_CASP_flag               N 
# 
_struct_keywords.entry_id        5ZZG 
_struct_keywords.text            'myoglobin, OXYGEN STORAGE' 
_struct_keywords.pdbx_keywords   'OXYGEN STORAGE' 
# 
loop_
_struct_asym.id 
_struct_asym.pdbx_blank_PDB_chainid_flag 
_struct_asym.pdbx_modified 
_struct_asym.entity_id 
_struct_asym.details 
A N N 1 ? 
B N N 2 ? 
C N N 3 ? 
D N N 4 ? 
# 
loop_
_struct_conf.conf_type_id 
_struct_conf.id 
_struct_conf.pdbx_PDB_helix_id 
_struct_conf.beg_label_comp_id 
_struct_conf.beg_label_asym_id 
_struct_conf.beg_label_seq_id 
_struct_conf.pdbx_beg_PDB_ins_code 
_struct_conf.end_label_comp_id 
_struct_conf.end_label_asym_id 
_struct_conf.end_label_seq_id 
_struct_conf.pdbx_end_PDB_ins_code 
_struct_conf.beg_auth_comp_id 
_struct_conf.beg_auth_asym_id 
_struct_conf.beg_auth_seq_id 
_struct_conf.end_auth_comp_id 
_struct_conf.end_auth_asym_id 
_struct_conf.end_auth_seq_id 
_struct_conf.pdbx_PDB_helix_class 
_struct_conf.details 
_struct_conf.pdbx_PDB_helix_length 
HELX_P HELX_P1 AA1 SER A 3   ? ASP A 20  ? SER A 3   ASP A 20  1 ? 18 
HELX_P HELX_P2 AA2 ASP A 20  ? HIS A 36  ? ASP A 20  HIS A 36  1 ? 17 
HELX_P HELX_P3 AA3 GLU A 38  ? LYS A 42  ? GLU A 38  LYS A 42  5 ? 5  
HELX_P HELX_P4 AA4 THR A 51  ? SER A 58  ? THR A 51  SER A 58  1 ? 8  
HELX_P HELX_P5 AA5 SER A 58  ? LYS A 78  ? SER A 58  LYS A 78  1 ? 21 
HELX_P HELX_P6 AA6 HIS A 82  ? LYS A 96  ? HIS A 82  LYS A 96  1 ? 15 
HELX_P HELX_P7 AA7 PRO A 100 ? HIS A 119 ? PRO A 100 HIS A 119 1 ? 20 
HELX_P HELX_P8 AA8 PRO A 120 ? PHE A 123 ? PRO A 120 PHE A 123 5 ? 4  
HELX_P HELX_P9 AA9 GLY A 124 ? LEU A 149 ? GLY A 124 LEU A 149 1 ? 26 
# 
_struct_conf_type.id          HELX_P 
_struct_conf_type.criteria    ? 
_struct_conf_type.reference   ? 
# 
_struct_conn.id                            metalc1 
_struct_conn.conn_type_id                  metalc 
_struct_conn.pdbx_leaving_atom_flag        ? 
_struct_conn.pdbx_PDB_id                   ? 
_struct_conn.ptnr1_label_asym_id           A 
_struct_conn.ptnr1_label_comp_id           HIS 
_struct_conn.ptnr1_label_seq_id            93 
_struct_conn.ptnr1_label_atom_id           NE2 
_struct_conn.pdbx_ptnr1_label_alt_id       ? 
_struct_conn.pdbx_ptnr1_PDB_ins_code       ? 
_struct_conn.pdbx_ptnr1_standard_comp_id   ? 
_struct_conn.ptnr1_symmetry                1_555 
_struct_conn.ptnr2_label_asym_id           B 
_struct_conn.ptnr2_label_comp_id           HEM 
_struct_conn.ptnr2_label_seq_id            . 
_struct_conn.ptnr2_label_atom_id           FE 
_struct_conn.pdbx_ptnr2_label_alt_id       ? 
_struct_conn.pdbx_ptnr2_PDB_ins_code       ? 
_struct_conn.ptnr1_auth_asym_id            A 
_struct_conn.ptnr1_auth_comp_id            HIS 
_struct_conn.ptnr1_auth_seq_id             93 
_struct_conn.ptnr2_auth_asym_id            A 
_struct_conn.ptnr2_auth_comp_id            HEM 
_struct_conn.ptnr2_auth_seq_id             201 
_struct_conn.ptnr2_symmetry                1_555 
_struct_conn.pdbx_ptnr3_label_atom_id      ? 
_struct_conn.pdbx_ptnr3_label_seq_id       ? 
_struct_conn.pdbx_ptnr3_label_comp_id      ? 
_struct_conn.pdbx_ptnr3_label_asym_id      ? 
_struct_conn.pdbx_ptnr3_label_alt_id       ? 
_struct_conn.pdbx_ptnr3_PDB_ins_code       ? 
_struct_conn.details                       ? 
_struct_conn.pdbx_dist_value               2.150 
_struct_conn.pdbx_value_order              ? 
_struct_conn.pdbx_role                     ? 
# 
_struct_conn_type.id          metalc 
_struct_conn_type.criteria    ? 
_struct_conn_type.reference   ? 
# 
loop_
_struct_site.id 
_struct_site.pdbx_evidence_code 
_struct_site.pdbx_auth_asym_id 
_struct_site.pdbx_auth_comp_id 
_struct_site.pdbx_auth_seq_id 
_struct_site.pdbx_auth_ins_code 
_struct_site.pdbx_num_residues 
_struct_site.details 
AC1 Software A HEM 201 ? 15 'binding site for residue HEM A 201' 
AC2 Software A T6C 202 ? 7  'binding site for residue T6C A 202' 
# 
loop_
_struct_site_gen.id 
_struct_site_gen.site_id 
_struct_site_gen.pdbx_num_res 
_struct_site_gen.label_comp_id 
_struct_site_gen.label_asym_id 
_struct_site_gen.label_seq_id 
_struct_site_gen.pdbx_auth_ins_code 
_struct_site_gen.auth_comp_id 
_struct_site_gen.auth_asym_id 
_struct_site_gen.auth_seq_id 
_struct_site_gen.label_atom_id 
_struct_site_gen.label_alt_id 
_struct_site_gen.symmetry 
_struct_site_gen.details 
1  AC1 15 THR A 39  ? THR A 39  . ? 1_555 ? 
2  AC1 15 TYR A 43  ? TYR A 43  . ? 1_555 ? 
3  AC1 15 ARG A 45  ? ARG A 45  . ? 1_555 ? 
4  AC1 15 THR A 67  ? THR A 67  . ? 1_555 ? 
5  AC1 15 VAL A 68  ? VAL A 68  . ? 1_555 ? 
6  AC1 15 ALA A 71  ? ALA A 71  . ? 1_555 ? 
7  AC1 15 LEU A 89  ? LEU A 89  . ? 1_555 ? 
8  AC1 15 SER A 92  ? SER A 92  . ? 1_555 ? 
9  AC1 15 HIS A 93  ? HIS A 93  . ? 1_555 ? 
10 AC1 15 HIS A 97  ? HIS A 97  . ? 1_555 ? 
11 AC1 15 TYR A 103 ? TYR A 103 . ? 1_555 ? 
12 AC1 15 LEU A 104 ? LEU A 104 . ? 1_555 ? 
13 AC1 15 T6C C .   ? T6C A 202 . ? 1_555 ? 
14 AC1 15 HOH D .   ? HOH A 306 . ? 1_555 ? 
15 AC1 15 HOH D .   ? HOH A 367 . ? 1_555 ? 
16 AC2 7  TYR A 43  ? TYR A 43  . ? 1_555 ? 
17 AC2 7  PHE A 46  ? PHE A 46  . ? 1_555 ? 
18 AC2 7  ASP A 64  ? ASP A 64  . ? 1_555 ? 
19 AC2 7  THR A 67  ? THR A 67  . ? 1_555 ? 
20 AC2 7  VAL A 68  ? VAL A 68  . ? 1_555 ? 
21 AC2 7  ILE A 107 ? ILE A 107 . ? 1_555 ? 
22 AC2 7  HEM B .   ? HEM A 201 . ? 1_555 ? 
# 
_atom_sites.entry_id                    5ZZG 
_atom_sites.fract_transf_matrix[1][1]   -0.01388002 
_atom_sites.fract_transf_matrix[1][2]   -0.01537694 
_atom_sites.fract_transf_matrix[1][3]   0.01410846 
_atom_sites.fract_transf_matrix[2][1]   -0.00634040 
_atom_sites.fract_transf_matrix[2][2]   -0.00954962 
_atom_sites.fract_transf_matrix[2][3]   -0.01664597 
_atom_sites.fract_transf_matrix[3][1]   0.00997353 
_atom_sites.fract_transf_matrix[3][2]   -0.00818161 
_atom_sites.fract_transf_matrix[3][3]   0.00089482 
_atom_sites.fract_transf_vector[1]      -0.039906 
_atom_sites.fract_transf_vector[2]      -0.018220 
_atom_sites.fract_transf_vector[3]      0.038701 
# 
loop_
_atom_type.symbol 
C  
CL 
FE 
N  
O  
S  
# 
loop_
_atom_site.group_PDB 
_atom_site.id 
_atom_site.type_symbol 
_atom_site.label_atom_id 
_atom_site.label_alt_id 
_atom_site.label_comp_id 
_atom_site.label_asym_id 
_atom_site.label_entity_id 
_atom_site.label_seq_id 
_atom_site.pdbx_PDB_ins_code 
_atom_site.Cartn_x 
_atom_site.Cartn_y 
_atom_site.Cartn_z 
_atom_site.occupancy 
_atom_site.B_iso_or_equiv 
_atom_site.pdbx_formal_charge 
_atom_site.auth_seq_id 
_atom_site.auth_comp_id 
_atom_site.auth_asym_id 
_atom_site.auth_atom_id 
_atom_site.pdbx_PDB_model_num 
ATOM   1    N  N   . VAL A 1 1   ? -9.830  8.396   -12.472 1.00 63.49 ? 1   VAL A N   1 
ATOM   2    C  CA  . VAL A 1 1   ? -11.132 8.918   -11.945 1.00 61.57 ? 1   VAL A CA  1 
ATOM   3    C  C   . VAL A 1 1   ? -12.090 7.790   -11.494 1.00 55.88 ? 1   VAL A C   1 
ATOM   4    O  O   . VAL A 1 1   ? -12.441 6.886   -12.268 1.00 55.07 ? 1   VAL A O   1 
ATOM   5    C  CB  . VAL A 1 1   ? -11.828 9.862   -12.963 1.00 64.10 ? 1   VAL A CB  1 
ATOM   6    C  CG1 . VAL A 1 1   ? -12.711 9.093   -13.944 1.00 62.40 ? 1   VAL A CG1 1 
ATOM   7    C  CG2 . VAL A 1 1   ? -12.644 10.924  -12.232 1.00 63.78 ? 1   VAL A CG2 1 
ATOM   8    N  N   . LEU A 1 2   ? -12.483 7.844   -10.218 1.00 44.79 ? 2   LEU A N   1 
ATOM   9    C  CA  . LEU A 1 2   ? -13.503 6.963   -9.690  1.00 37.68 ? 2   LEU A CA  1 
ATOM   10   C  C   . LEU A 1 2   ? -14.795 7.756   -9.525  1.00 33.41 ? 2   LEU A C   1 
ATOM   11   O  O   . LEU A 1 2   ? -14.782 8.970   -9.352  1.00 35.02 ? 2   LEU A O   1 
ATOM   12   C  CB  . LEU A 1 2   ? -13.071 6.363   -8.353  1.00 35.05 ? 2   LEU A CB  1 
ATOM   13   C  CG  . LEU A 1 2   ? -12.007 5.259   -8.340  1.00 34.62 ? 2   LEU A CG  1 
ATOM   14   C  CD1 . LEU A 1 2   ? -10.631 5.782   -8.777  1.00 32.95 ? 2   LEU A CD1 1 
ATOM   15   C  CD2 . LEU A 1 2   ? -11.961 4.574   -6.966  1.00 35.49 ? 2   LEU A CD2 1 
ATOM   16   N  N   . SER A 1 3   ? -15.915 7.052   -9.547  1.00 31.54 ? 3   SER A N   1 
ATOM   17   C  CA  . SER A 1 3   ? -17.204 7.691   -9.273  1.00 32.26 ? 3   SER A CA  1 
ATOM   18   C  C   . SER A 1 3   ? -17.321 7.883   -7.747  1.00 30.74 ? 3   SER A C   1 
ATOM   19   O  O   . SER A 1 3   ? -16.589 7.246   -7.013  1.00 27.85 ? 3   SER A O   1 
ATOM   20   C  CB  . SER A 1 3   ? -18.316 6.832   -9.797  1.00 31.25 ? 3   SER A CB  1 
ATOM   21   O  OG  . SER A 1 3   ? -18.493 5.672   -9.030  1.00 31.55 ? 3   SER A OG  1 
ATOM   22   N  N   . GLU A 1 4   ? -18.247 8.711   -7.280  1.00 30.63 ? 4   GLU A N   1 
ATOM   23   C  CA  . GLU A 1 4   ? -18.495 8.841   -5.854  1.00 30.16 ? 4   GLU A CA  1 
ATOM   24   C  C   . GLU A 1 4   ? -18.853 7.502   -5.219  1.00 30.34 ? 4   GLU A C   1 
ATOM   25   O  O   . GLU A 1 4   ? -18.371 7.182   -4.128  1.00 30.83 ? 4   GLU A O   1 
ATOM   26   C  CB  . GLU A 1 4   ? -19.640 9.865   -5.612  1.00 37.80 ? 4   GLU A CB  1 
ATOM   27   C  CG  . GLU A 1 4   ? -20.029 10.061  -4.148  1.00 41.38 ? 4   GLU A CG  1 
ATOM   28   C  CD  . GLU A 1 4   ? -18.816 10.292  -3.227  1.00 42.47 ? 4   GLU A CD  1 
ATOM   29   O  OE1 . GLU A 1 4   ? -17.758 10.783  -3.699  1.00 46.30 ? 4   GLU A OE1 1 
ATOM   30   O  OE2 . GLU A 1 4   ? -18.906 9.991   -2.020  1.00 47.45 ? 4   GLU A OE2 1 
ATOM   31   N  N   . GLY A 1 5   ? -19.698 6.716   -5.909  1.00 28.87 ? 5   GLY A N   1 
ATOM   32   C  CA  . GLY A 1 5   ? -20.049 5.375   -5.442  1.00 29.57 ? 5   GLY A CA  1 
ATOM   33   C  C   . GLY A 1 5   ? -18.847 4.411   -5.306  1.00 26.80 ? 5   GLY A C   1 
ATOM   34   O  O   . GLY A 1 5   ? -18.768 3.632   -4.370  1.00 26.18 ? 5   GLY A O   1 
ATOM   35   N  N   . GLU A 1 6   ? -17.920 4.497   -6.241  1.00 26.12 ? 6   GLU A N   1 
ATOM   36   C  CA  . GLU A 1 6   ? -16.709 3.679   -6.175  1.00 25.01 ? 6   GLU A CA  1 
ATOM   37   C  C   . GLU A 1 6   ? -15.868 4.139   -4.949  1.00 20.80 ? 6   GLU A C   1 
ATOM   38   O  O   . GLU A 1 6   ? -15.438 3.334   -4.178  1.00 20.39 ? 6   GLU A O   1 
ATOM   39   C  CB  . GLU A 1 6   ? -15.941 3.720   -7.501  1.00 27.57 ? 6   GLU A CB  1 
ATOM   40   C  CG  . GLU A 1 6   ? -16.553 2.847   -8.641  1.00 30.97 ? 6   GLU A CG  1 
ATOM   41   C  CD  . GLU A 1 6   ? -15.999 3.174   -10.041 1.00 31.89 ? 6   GLU A CD  1 
ATOM   42   O  OE1 . GLU A 1 6   ? -15.449 4.263   -10.321 1.00 34.68 ? 6   GLU A OE1 1 
ATOM   43   O  OE2 . GLU A 1 6   ? -16.097 2.318   -10.929 1.00 41.02 ? 6   GLU A OE2 1 
ATOM   44   N  N   . TRP A 1 7   ? -15.708 5.426   -4.744  1.00 23.24 ? 7   TRP A N   1 
ATOM   45   C  CA  . TRP A 1 7   ? -14.925 5.934   -3.565  1.00 22.66 ? 7   TRP A CA  1 
ATOM   46   C  C   . TRP A 1 7   ? -15.565 5.503   -2.273  1.00 22.10 ? 7   TRP A C   1 
ATOM   47   O  O   . TRP A 1 7   ? -14.868 5.196   -1.334  1.00 23.54 ? 7   TRP A O   1 
ATOM   48   C  CB  . TRP A 1 7   ? -14.747 7.470   -3.591  1.00 23.23 ? 7   TRP A CB  1 
ATOM   49   C  CG  . TRP A 1 7   ? -13.753 7.965   -4.519  1.00 23.63 ? 7   TRP A CG  1 
ATOM   50   C  CD1 . TRP A 1 7   ? -13.963 8.755   -5.595  1.00 25.98 ? 7   TRP A CD1 1 
ATOM   51   C  CD2 . TRP A 1 7   ? -12.330 7.657   -4.522  1.00 22.81 ? 7   TRP A CD2 1 
ATOM   52   N  NE1 . TRP A 1 7   ? -12.775 8.985   -6.254  1.00 27.85 ? 7   TRP A NE1 1 
ATOM   53   C  CE2 . TRP A 1 7   ? -11.767 8.315   -5.624  1.00 26.31 ? 7   TRP A CE2 1 
ATOM   54   C  CE3 . TRP A 1 7   ? -11.504 6.906   -3.695  1.00 23.43 ? 7   TRP A CE3 1 
ATOM   55   C  CZ2 . TRP A 1 7   ? -10.399 8.255   -5.923  1.00 25.47 ? 7   TRP A CZ2 1 
ATOM   56   C  CZ3 . TRP A 1 7   ? -10.133 6.817   -4.005  1.00 22.84 ? 7   TRP A CZ3 1 
ATOM   57   C  CH2 . TRP A 1 7   ? -9.598  7.488   -5.083  1.00 24.46 ? 7   TRP A CH2 1 
ATOM   58   N  N   . GLN A 1 8   ? -16.918 5.473   -2.183  1.00 21.28 ? 8   GLN A N   1 
ATOM   59   C  CA  . GLN A 1 8   ? -17.569 5.015   -0.996  1.00 21.61 ? 8   GLN A CA  1 
ATOM   60   C  C   . GLN A 1 8   ? -17.278 3.560   -0.640  1.00 22.45 ? 8   GLN A C   1 
ATOM   61   O  O   . GLN A 1 8   ? -17.187 3.217   0.529   1.00 22.72 ? 8   GLN A O   1 
ATOM   62   C  CB  . GLN A 1 8   ? -19.093 5.263   -1.040  1.00 22.54 ? 8   GLN A CB  1 
ATOM   63   C  CG  . GLN A 1 8   ? -19.428 6.761   -0.859  1.00 24.49 ? 8   GLN A CG  1 
ATOM   64   C  CD  . GLN A 1 8   ? -20.916 7.051   -1.016  1.00 28.66 ? 8   GLN A CD  1 
ATOM   65   O  OE1 . GLN A 1 8   ? -21.763 6.161   -0.848  1.00 33.70 ? 8   GLN A OE1 1 
ATOM   66   N  NE2 . GLN A 1 8   ? -21.243 8.312   -1.350  1.00 30.86 ? 8   GLN A NE2 1 
ATOM   67   N  N   . LEU A 1 9   ? -17.241 2.691   -1.641  1.00 20.62 ? 9   LEU A N   1 
ATOM   68   C  CA  . LEU A 1 9   ? -16.940 1.306   -1.446  1.00 21.49 ? 9   LEU A CA  1 
ATOM   69   C  C   . LEU A 1 9   ? -15.484 1.138   -0.944  1.00 19.29 ? 9   LEU A C   1 
ATOM   70   O  O   . LEU A 1 9   ? -15.246 0.330   -0.103  1.00 18.84 ? 9   LEU A O   1 
ATOM   71   C  CB  . LEU A 1 9   ? -17.086 0.515   -2.728  1.00 22.26 ? 9   LEU A CB  1 
ATOM   72   C  CG  . LEU A 1 9   ? -18.477 0.422   -3.339  1.00 24.34 ? 9   LEU A CG  1 
ATOM   73   C  CD1 . LEU A 1 9   ? -18.397 -0.125  -4.725  1.00 27.38 ? 9   LEU A CD1 1 
ATOM   74   C  CD2 . LEU A 1 9   ? -19.299 -0.431  -2.466  1.00 26.34 ? 9   LEU A CD2 1 
ATOM   75   N  N   . VAL A 1 10  ? -14.572 1.899   -1.493  1.00 20.79 ? 10  VAL A N   1 
ATOM   76   C  CA  . VAL A 1 10  ? -13.144 1.952   -1.035  1.00 21.18 ? 10  VAL A CA  1 
ATOM   77   C  C   . VAL A 1 10  ? -13.061 2.342   0.418   1.00 20.62 ? 10  VAL A C   1 
ATOM   78   O  O   . VAL A 1 10  ? -12.365 1.695   1.212   1.00 19.85 ? 10  VAL A O   1 
ATOM   79   C  CB  . VAL A 1 10  ? -12.336 2.960   -1.916  1.00 22.85 ? 10  VAL A CB  1 
ATOM   80   C  CG1 . VAL A 1 10  ? -10.953 3.279   -1.379  1.00 20.48 ? 10  VAL A CG1 1 
ATOM   81   C  CG2 . VAL A 1 10  ? -12.144 2.475   -3.342  1.00 20.14 ? 10  VAL A CG2 1 
ATOM   82   N  N   . LEU A 1 11  ? -13.745 3.431   0.748   1.00 20.24 ? 11  LEU A N   1 
ATOM   83   C  CA  . LEU A 1 11  ? -13.725 3.947   2.103   1.00 25.01 ? 11  LEU A CA  1 
ATOM   84   C  C   . LEU A 1 11  ? -14.496 3.115   3.095   1.00 23.36 ? 11  LEU A C   1 
ATOM   85   O  O   . LEU A 1 11  ? -14.152 3.099   4.279   1.00 22.34 ? 11  LEU A O   1 
ATOM   86   C  CB  . LEU A 1 11  ? -14.192 5.389   2.121   1.00 25.61 ? 11  LEU A CB  1 
ATOM   87   C  CG  . LEU A 1 11  ? -13.187 6.295   1.387   1.00 27.93 ? 11  LEU A CG  1 
ATOM   88   C  CD1 . LEU A 1 11  ? -13.770 7.721   1.407   1.00 28.75 ? 11  LEU A CD1 1 
ATOM   89   C  CD2 . LEU A 1 11  ? -11.729 6.282   1.902   1.00 31.51 ? 11  LEU A CD2 1 
ATOM   90   N  N   . HIS A 1 12  ? -15.514 2.410   2.614   1.00 23.34 ? 12  HIS A N   1 
ATOM   91   C  CA  . HIS A 1 12  ? -16.287 1.506   3.438   1.00 23.40 ? 12  HIS A CA  1 
ATOM   92   C  C   . HIS A 1 12  ? -15.411 0.333   3.946   1.00 23.83 ? 12  HIS A C   1 
ATOM   93   O  O   . HIS A 1 12  ? -15.406 0.021   5.152   1.00 24.53 ? 12  HIS A O   1 
ATOM   94   C  CB  . HIS A 1 12  ? -17.501 0.944   2.648   1.00 24.58 ? 12  HIS A CB  1 
ATOM   95   C  CG  . HIS A 1 12  ? -18.265 -0.045  3.432   1.00 25.48 ? 12  HIS A CG  1 
ATOM   96   N  ND1 . HIS A 1 12  ? -18.949 0.300   4.582   1.00 29.12 ? 12  HIS A ND1 1 
ATOM   97   C  CD2 . HIS A 1 12  ? -18.353 -1.397  3.321   1.00 27.45 ? 12  HIS A CD2 1 
ATOM   98   C  CE1 . HIS A 1 12  ? -19.465 -0.799  5.118   1.00 27.91 ? 12  HIS A CE1 1 
ATOM   99   N  NE2 . HIS A 1 12  ? -19.105 -1.842  4.381   1.00 28.00 ? 12  HIS A NE2 1 
ATOM   100  N  N   . VAL A 1 13  ? -14.692 -0.310  3.021   1.00 22.21 ? 13  VAL A N   1 
ATOM   101  C  CA  . VAL A 1 13  ? -13.789 -1.390  3.430   1.00 23.19 ? 13  VAL A CA  1 
ATOM   102  C  C   . VAL A 1 13  ? -12.587 -0.873  4.199   1.00 21.05 ? 13  VAL A C   1 
ATOM   103  O  O   . VAL A 1 13  ? -12.156 -1.527  5.113   1.00 21.02 ? 13  VAL A O   1 
ATOM   104  C  CB  . VAL A 1 13  ? -13.375 -2.337  2.286   1.00 23.71 ? 13  VAL A CB  1 
ATOM   105  C  CG1 . VAL A 1 13  ? -12.416 -1.706  1.308   1.00 24.26 ? 13  VAL A CG1 1 
ATOM   106  C  CG2 . VAL A 1 13  ? -12.740 -3.611  2.878   1.00 25.14 ? 13  VAL A CG2 1 
ATOM   107  N  N   . TRP A 1 14  ? -12.094 0.304   3.876   1.00 22.08 ? 14  TRP A N   1 
ATOM   108  C  CA  . TRP A 1 14  ? -10.991 0.893   4.655   1.00 23.17 ? 14  TRP A CA  1 
ATOM   109  C  C   . TRP A 1 14  ? -11.367 1.163   6.127   1.00 24.60 ? 14  TRP A C   1 
ATOM   110  O  O   . TRP A 1 14  ? -10.520 1.055   7.014   1.00 24.04 ? 14  TRP A O   1 
ATOM   111  C  CB  . TRP A 1 14  ? -10.408 2.174   3.977   1.00 25.60 ? 14  TRP A CB  1 
ATOM   112  C  CG  . TRP A 1 14  ? -8.951  2.384   4.400   1.00 24.40 ? 14  TRP A CG  1 
ATOM   113  C  CD1 . TRP A 1 14  ? -8.461  3.217   5.378   1.00 25.92 ? 14  TRP A CD1 1 
ATOM   114  C  CD2 . TRP A 1 14  ? -7.851  1.647   3.920   1.00 22.37 ? 14  TRP A CD2 1 
ATOM   115  N  NE1 . TRP A 1 14  ? -7.121  2.993   5.544   1.00 23.55 ? 14  TRP A NE1 1 
ATOM   116  C  CE2 . TRP A 1 14  ? -6.709  2.075   4.632   1.00 25.10 ? 14  TRP A CE2 1 
ATOM   117  C  CE3 . TRP A 1 14  ? -7.715  0.661   2.944   1.00 24.29 ? 14  TRP A CE3 1 
ATOM   118  C  CZ2 . TRP A 1 14  ? -5.461  1.555   4.400   1.00 25.33 ? 14  TRP A CZ2 1 
ATOM   119  C  CZ3 . TRP A 1 14  ? -6.470  0.146   2.698   1.00 28.24 ? 14  TRP A CZ3 1 
ATOM   120  C  CH2 . TRP A 1 14  ? -5.346  0.624   3.409   1.00 25.99 ? 14  TRP A CH2 1 
ATOM   121  N  N   . ALA A 1 15  ? -12.617 1.494   6.412   1.00 25.20 ? 15  ALA A N   1 
ATOM   122  C  CA  . ALA A 1 15  ? -13.041 1.651   7.774   1.00 25.01 ? 15  ALA A CA  1 
ATOM   123  C  C   . ALA A 1 15  ? -12.847 0.356   8.566   1.00 25.89 ? 15  ALA A C   1 
ATOM   124  O  O   . ALA A 1 15  ? -12.530 0.390   9.754   1.00 25.67 ? 15  ALA A O   1 
ATOM   125  C  CB  . ALA A 1 15  ? -14.475 2.131   7.832   1.00 26.13 ? 15  ALA A CB  1 
ATOM   126  N  N   . LYS A 1 16  ? -12.921 -0.809  7.918   1.00 24.68 ? 16  LYS A N   1 
ATOM   127  C  CA  . LYS A 1 16  ? -12.675 -2.069  8.626   1.00 28.74 ? 16  LYS A CA  1 
ATOM   128  C  C   . LYS A 1 16  ? -11.184 -2.233  8.904   1.00 25.83 ? 16  LYS A C   1 
ATOM   129  O  O   . LYS A 1 16  ? -10.800 -2.745  9.911   1.00 27.37 ? 16  LYS A O   1 
ATOM   130  C  CB  . LYS A 1 16  ? -13.167 -3.285  7.844   1.00 31.29 ? 16  LYS A CB  1 
ATOM   131  C  CG  . LYS A 1 16  ? -14.591 -3.161  7.337   1.00 40.72 ? 16  LYS A CG  1 
ATOM   132  C  CD  . LYS A 1 16  ? -15.530 -4.173  7.979   1.00 56.46 ? 16  LYS A CD  1 
ATOM   133  C  CE  . LYS A 1 16  ? -16.979 -3.734  7.779   1.00 66.40 ? 16  LYS A CE  1 
ATOM   134  N  NZ  . LYS A 1 16  ? -17.958 -4.714  8.326   1.00 74.13 ? 16  LYS A NZ  1 
ATOM   135  N  N   . VAL A 1 17  ? -10.351 -1.753  8.009   1.00 24.33 ? 17  VAL A N   1 
ATOM   136  C  CA  . VAL A 1 17  ? -8.926  -1.767  8.240   1.00 23.43 ? 17  VAL A CA  1 
ATOM   137  C  C   . VAL A 1 17  ? -8.628  -0.924  9.449   1.00 22.75 ? 17  VAL A C   1 
ATOM   138  O  O   . VAL A 1 17  ? -7.834  -1.288  10.251  1.00 21.99 ? 17  VAL A O   1 
ATOM   139  C  CB  . VAL A 1 17  ? -8.121  -1.227  7.036   1.00 23.77 ? 17  VAL A CB  1 
ATOM   140  C  CG1 . VAL A 1 17  ? -6.636  -1.186  7.332   1.00 26.63 ? 17  VAL A CG1 1 
ATOM   141  C  CG2 . VAL A 1 17  ? -8.339  -2.058  5.801   1.00 25.54 ? 17  VAL A CG2 1 
ATOM   142  N  N   . GLU A 1 18  ? -9.260  0.240   9.544   1.00 24.37 ? 18  GLU A N   1 
ATOM   143  C  CA  . GLU A 1 18  ? -8.937  1.140   10.667  1.00 24.76 ? 18  GLU A CA  1 
ATOM   144  C  C   . GLU A 1 18  ? -9.339  0.648   12.056  1.00 27.25 ? 18  GLU A C   1 
ATOM   145  O  O   . GLU A 1 18  ? -8.878  1.220   13.058  1.00 27.70 ? 18  GLU A O   1 
ATOM   146  C  CB  . GLU A 1 18  ? -9.600  2.502   10.424  1.00 26.64 ? 18  GLU A CB  1 
ATOM   147  C  CG  . GLU A 1 18  ? -9.115  3.176   9.160   1.00 28.97 ? 18  GLU A CG  1 
ATOM   148  C  CD  . GLU A 1 18  ? -9.615  4.621   9.052   1.00 37.30 ? 18  GLU A CD  1 
ATOM   149  O  OE1 . GLU A 1 18  ? -10.588 4.980   9.745   1.00 43.58 ? 18  GLU A OE1 1 
ATOM   150  O  OE2 . GLU A 1 18  ? -9.028  5.387   8.278   1.00 43.94 ? 18  GLU A OE2 1 
ATOM   151  N  N   . ALA A 1 19  ? -10.192 -0.363  12.133  1.00 25.57 ? 19  ALA A N   1 
ATOM   152  C  CA  . ALA A 1 19  ? -10.521 -1.029  13.414  1.00 28.67 ? 19  ALA A CA  1 
ATOM   153  C  C   . ALA A 1 19  ? -9.291  -1.763  14.017  1.00 29.79 ? 19  ALA A C   1 
ATOM   154  O  O   . ALA A 1 19  ? -9.135  -1.902  15.251  1.00 28.36 ? 19  ALA A O   1 
ATOM   155  C  CB  . ALA A 1 19  ? -11.687 -1.983  13.224  1.00 30.47 ? 19  ALA A CB  1 
ATOM   156  N  N   . ASP A 1 20  ? -8.414  -2.214  13.124  1.00 27.79 ? 20  ASP A N   1 
ATOM   157  C  CA  . ASP A 1 20  ? -7.175  -2.879  13.511  1.00 27.16 ? 20  ASP A CA  1 
ATOM   158  C  C   . ASP A 1 20  ? -6.094  -2.615  12.467  1.00 25.00 ? 20  ASP A C   1 
ATOM   159  O  O   . ASP A 1 20  ? -5.782  -3.480  11.648  1.00 22.18 ? 20  ASP A O   1 
ATOM   160  C  CB  . ASP A 1 20  ? -7.399  -4.383  13.672  1.00 34.03 ? 20  ASP A CB  1 
ATOM   161  C  CG  . ASP A 1 20  ? -6.259  -5.067  14.401  1.00 34.81 ? 20  ASP A CG  1 
ATOM   162  O  OD1 . ASP A 1 20  ? -5.291  -4.372  14.778  1.00 32.40 ? 20  ASP A OD1 1 
ATOM   163  O  OD2 . ASP A 1 20  ? -6.329  -6.298  14.598  1.00 39.85 ? 20  ASP A OD2 1 
ATOM   164  N  N   . VAL A 1 21  ? -5.528  -1.412  12.501  1.00 22.32 ? 21  VAL A N   1 
ATOM   165  C  CA  . VAL A 1 21  ? -4.542  -1.002  11.533  1.00 23.94 ? 21  VAL A CA  1 
ATOM   166  C  C   . VAL A 1 21  ? -3.313  -1.902  11.664  1.00 23.37 ? 21  VAL A C   1 
ATOM   167  O  O   . VAL A 1 21  ? -2.794  -2.391  10.669  1.00 21.19 ? 21  VAL A O   1 
ATOM   168  C  CB  . VAL A 1 21  ? -4.156  0.487   11.740  1.00 27.43 ? 21  VAL A CB  1 
ATOM   169  C  CG1 . VAL A 1 21  ? -3.030  0.875   10.787  1.00 29.65 ? 21  VAL A CG1 1 
ATOM   170  C  CG2 . VAL A 1 21  ? -5.352  1.402   11.486  1.00 30.48 ? 21  VAL A CG2 1 
ATOM   171  N  N   . ALA A 1 22  ? -2.817  -2.094  12.878  1.00 21.14 ? 22  ALA A N   1 
ATOM   172  C  CA  . ALA A 1 22  ? -1.606  -2.908  13.030  1.00 22.05 ? 22  ALA A CA  1 
ATOM   173  C  C   . ALA A 1 22  ? -1.676  -4.322  12.537  1.00 19.53 ? 22  ALA A C   1 
ATOM   174  O  O   . ALA A 1 22  ? -0.705  -4.810  11.915  1.00 20.95 ? 22  ALA A O   1 
ATOM   175  C  CB  . ALA A 1 22  ? -1.142  -2.934  14.458  1.00 23.44 ? 22  ALA A CB  1 
ATOM   176  N  N   . GLY A 1 23  ? -2.726  -5.026  12.948  1.00 21.16 ? 23  GLY A N   1 
ATOM   177  C  CA  . GLY A 1 23  ? -2.973  -6.432  12.486  1.00 21.57 ? 23  GLY A CA  1 
ATOM   178  C  C   . GLY A 1 23  ? -3.037  -6.493  10.969  1.00 21.75 ? 23  GLY A C   1 
ATOM   179  O  O   . GLY A 1 23  ? -2.431  -7.370  10.375  1.00 21.14 ? 23  GLY A O   1 
ATOM   180  N  N   . HIS A 1 24  ? -3.791  -5.589  10.343  1.00 21.75 ? 24  HIS A N   1 
ATOM   181  C  CA  . HIS A 1 24  ? -3.875  -5.609  8.885   1.00 21.69 ? 24  HIS A CA  1 
ATOM   182  C  C   . HIS A 1 24  ? -2.503  -5.362  8.267   1.00 20.50 ? 24  HIS A C   1 
ATOM   183  O  O   . HIS A 1 24  ? -2.097  -5.969  7.266   1.00 18.92 ? 24  HIS A O   1 
ATOM   184  C  CB  . HIS A 1 24  ? -4.872  -4.562  8.343   1.00 21.54 ? 24  HIS A CB  1 
ATOM   185  C  CG  . HIS A 1 24  ? -6.289  -4.944  8.489   1.00 22.97 ? 24  HIS A CG  1 
ATOM   186  N  ND1 . HIS A 1 24  ? -6.982  -4.835  9.675   1.00 22.56 ? 24  HIS A ND1 1 
ATOM   187  C  CD2 . HIS A 1 24  ? -7.162  -5.431  7.580   1.00 23.32 ? 24  HIS A CD2 1 
ATOM   188  C  CE1 . HIS A 1 24  ? -8.217  -5.263  9.489   1.00 21.07 ? 24  HIS A CE1 1 
ATOM   189  N  NE2 . HIS A 1 24  ? -8.356  -5.597  8.221   1.00 22.24 ? 24  HIS A NE2 1 
ATOM   190  N  N   . GLY A 1 25  ? -1.771  -4.432  8.859   1.00 19.46 ? 25  GLY A N   1 
ATOM   191  C  CA  . GLY A 1 25  ? -0.457  -4.011  8.384   1.00 19.30 ? 25  GLY A CA  1 
ATOM   192  C  C   . GLY A 1 25  ? 0.548   -5.167  8.471   1.00 19.83 ? 25  GLY A C   1 
ATOM   193  O  O   . GLY A 1 25  ? 1.313   -5.412  7.505   1.00 21.69 ? 25  GLY A O   1 
ATOM   194  N  N   . GLN A 1 26  ? 0.504   -5.923  9.567   1.00 18.42 ? 26  GLN A N   1 
ATOM   195  C  CA  . GLN A 1 26  ? 1.337   -7.144  9.711   1.00 20.97 ? 26  GLN A CA  1 
ATOM   196  C  C   . GLN A 1 26  ? 0.953   -8.185  8.591   1.00 20.12 ? 26  GLN A C   1 
ATOM   197  O  O   . GLN A 1 26  ? 1.841   -8.715  7.894   1.00 22.81 ? 26  GLN A O   1 
ATOM   198  C  CB  . GLN A 1 26  ? 1.075   -7.788  11.075  1.00 22.58 ? 26  GLN A CB  1 
ATOM   199  C  CG  . GLN A 1 26  ? 1.657   -7.061  12.245  1.00 23.91 ? 26  GLN A CG  1 
ATOM   200  C  CD  . GLN A 1 26  ? 1.244   -7.741  13.520  1.00 27.67 ? 26  GLN A CD  1 
ATOM   201  O  OE1 . GLN A 1 26  ? 0.035   -7.921  13.793  1.00 30.58 ? 26  GLN A OE1 1 
ATOM   202  N  NE2 . GLN A 1 26  ? 2.213   -8.188  14.270  1.00 26.01 ? 26  GLN A NE2 1 
ATOM   203  N  N   . ASP A 1 27  ? -0.339  -8.442  8.399   1.00 20.37 ? 27  ASP A N   1 
ATOM   204  C  CA  . ASP A 1 27  ? -0.774  -9.428  7.370   1.00 21.31 ? 27  ASP A CA  1 
ATOM   205  C  C   . ASP A 1 27  ? -0.327  -9.003  5.942   1.00 22.17 ? 27  ASP A C   1 
ATOM   206  O  O   . ASP A 1 27  ? 0.141   -9.847  5.141   1.00 18.97 ? 27  ASP A O   1 
ATOM   207  C  CB  . ASP A 1 27  ? -2.255  -9.677  7.419   1.00 22.80 ? 27  ASP A CB  1 
ATOM   208  C  CG  . ASP A 1 27  ? -2.698  -10.547 8.589   1.00 30.07 ? 27  ASP A CG  1 
ATOM   209  O  OD1 . ASP A 1 27  ? -1.833  -10.930 9.417   1.00 34.77 ? 27  ASP A OD1 1 
ATOM   210  O  OD2 . ASP A 1 27  ? -3.965  -10.810 8.676   1.00 31.45 ? 27  ASP A OD2 1 
ATOM   211  N  N   . ILE A 1 28  ? -0.434  -7.694  5.630   1.00 19.45 ? 28  ILE A N   1 
ATOM   212  C  CA  . ILE A 1 28  ? -0.072  -7.145  4.341   1.00 19.07 ? 28  ILE A CA  1 
ATOM   213  C  C   . ILE A 1 28  ? 1.409   -7.265  4.072   1.00 20.62 ? 28  ILE A C   1 
ATOM   214  O  O   . ILE A 1 28  ? 1.794   -7.799  3.022   1.00 21.90 ? 28  ILE A O   1 
ATOM   215  C  CB  . ILE A 1 28  ? -0.615  -5.713  4.188   1.00 18.74 ? 28  ILE A CB  1 
ATOM   216  C  CG1 . ILE A 1 28  ? -2.116  -5.798  4.095   1.00 19.55 ? 28  ILE A CG1 1 
ATOM   217  C  CG2 . ILE A 1 28  ? -0.068  -5.027  2.953   1.00 21.13 ? 28  ILE A CG2 1 
ATOM   218  C  CD1 . ILE A 1 28  ? -2.857  -4.450  4.178   1.00 21.09 ? 28  ILE A CD1 1 
ATOM   219  N  N   . LEU A 1 29  ? 2.251   -6.849  5.031   1.00 20.05 ? 29  LEU A N   1 
ATOM   220  C  CA  . LEU A 1 29  ? 3.700   -6.985  4.912   1.00 20.45 ? 29  LEU A CA  1 
ATOM   221  C  C   . LEU A 1 29  ? 4.139   -8.429  4.818   1.00 21.53 ? 29  LEU A C   1 
ATOM   222  O  O   . LEU A 1 29  ? 4.975   -8.753  3.969   1.00 22.50 ? 29  LEU A O   1 
ATOM   223  C  CB  . LEU A 1 29  ? 4.488   -6.217  6.005   1.00 20.13 ? 29  LEU A CB  1 
ATOM   224  C  CG  . LEU A 1 29  ? 4.326   -4.676  5.928   1.00 22.92 ? 29  LEU A CG  1 
ATOM   225  C  CD1 . LEU A 1 29  ? 5.216   -3.980  6.978   1.00 23.84 ? 29  LEU A CD1 1 
ATOM   226  C  CD2 . LEU A 1 29  ? 4.580   -4.170  4.504   1.00 21.70 ? 29  LEU A CD2 1 
ATOM   227  N  N   . ILE A 1 30  ? 3.544   -9.326  5.598   1.00 22.50 ? 30  ILE A N   1 
ATOM   228  C  CA  . ILE A 1 30  ? 3.965   -10.725 5.587   1.00 23.00 ? 30  ILE A CA  1 
ATOM   229  C  C   . ILE A 1 30  ? 3.603   -11.370 4.258   1.00 23.74 ? 30  ILE A C   1 
ATOM   230  O  O   . ILE A 1 30  ? 4.381   -12.144 3.696   1.00 25.15 ? 30  ILE A O   1 
ATOM   231  C  CB  . ILE A 1 30  ? 3.327   -11.474 6.790   1.00 27.06 ? 30  ILE A CB  1 
ATOM   232  C  CG1 . ILE A 1 30  ? 3.994   -10.929 8.083   1.00 25.82 ? 30  ILE A CG1 1 
ATOM   233  C  CG2 . ILE A 1 30  ? 3.500   -12.989 6.640   1.00 29.24 ? 30  ILE A CG2 1 
ATOM   234  C  CD1 . ILE A 1 30  ? 3.362   -11.363 9.361   1.00 28.92 ? 30  ILE A CD1 1 
ATOM   235  N  N   . ARG A 1 31  ? 2.451   -11.014 3.765   1.00 19.69 ? 31  ARG A N   1 
ATOM   236  C  CA  . ARG A 1 31  ? 1.985   -11.456 2.457   1.00 23.29 ? 31  ARG A CA  1 
ATOM   237  C  C   . ARG A 1 31  ? 2.906   -10.965 1.320   1.00 23.51 ? 31  ARG A C   1 
ATOM   238  O  O   . ARG A 1 31  ? 3.255   -11.772 0.408   1.00 26.02 ? 31  ARG A O   1 
ATOM   239  C  CB  . ARG A 1 31  ? 0.540   -11.027 2.227   1.00 22.18 ? 31  ARG A CB  1 
ATOM   240  C  CG  . ARG A 1 31  ? 0.004   -11.321 0.831   1.00 23.80 ? 31  ARG A CG  1 
ATOM   241  C  CD  . ARG A 1 31  ? -0.088  -12.841 0.510   1.00 24.61 ? 31  ARG A CD  1 
ATOM   242  N  NE  . ARG A 1 31  ? -0.655  -13.084 -0.803  1.00 28.14 ? 31  ARG A NE  1 
ATOM   243  C  CZ  . ARG A 1 31  ? -0.986  -14.284 -1.290  1.00 32.82 ? 31  ARG A CZ  1 
ATOM   244  N  NH1 . ARG A 1 31  ? -0.878  -15.382 -0.555  1.00 32.88 ? 31  ARG A NH1 1 
ATOM   245  N  NH2 . ARG A 1 31  ? -1.460  -14.374 -2.532  1.00 37.11 ? 31  ARG A NH2 1 
ATOM   246  N  N   . LEU A 1 32  ? 3.306   -9.685  1.382   1.00 24.20 ? 32  LEU A N   1 
ATOM   247  C  CA  . LEU A 1 32  ? 4.252   -9.105  0.447   1.00 24.37 ? 32  LEU A CA  1 
ATOM   248  C  C   . LEU A 1 32  ? 5.582   -9.846  0.447   1.00 26.14 ? 32  LEU A C   1 
ATOM   249  O  O   . LEU A 1 32  ? 6.105   -10.202 -0.634  1.00 27.88 ? 32  LEU A O   1 
ATOM   250  C  CB  . LEU A 1 32  ? 4.550   -7.684  0.781   1.00 24.52 ? 32  LEU A CB  1 
ATOM   251  C  CG  . LEU A 1 32  ? 5.562   -6.927  -0.098  1.00 23.73 ? 32  LEU A CG  1 
ATOM   252  C  CD1 . LEU A 1 32  ? 5.113   -6.805  -1.546  1.00 24.73 ? 32  LEU A CD1 1 
ATOM   253  C  CD2 . LEU A 1 32  ? 5.854   -5.552  0.486   1.00 25.76 ? 32  LEU A CD2 1 
ATOM   254  N  N   . PHE A 1 33  ? 6.124   -10.070 1.652   1.00 26.41 ? 33  PHE A N   1 
ATOM   255  C  CA  . PHE A 1 33  ? 7.449   -10.702 1.781   1.00 28.17 ? 33  PHE A CA  1 
ATOM   256  C  C   . PHE A 1 33  ? 7.428   -12.167 1.359   1.00 31.81 ? 33  PHE A C   1 
ATOM   257  O  O   . PHE A 1 33  ? 8.426   -12.651 0.805   1.00 29.63 ? 33  PHE A O   1 
ATOM   258  C  CB  . PHE A 1 33  ? 7.958   -10.645 3.198   1.00 29.64 ? 33  PHE A CB  1 
ATOM   259  C  CG  . PHE A 1 33  ? 8.073   -9.259  3.748   1.00 29.53 ? 33  PHE A CG  1 
ATOM   260  C  CD1 . PHE A 1 33  ? 8.297   -8.181  2.933   1.00 28.48 ? 33  PHE A CD1 1 
ATOM   261  C  CD2 . PHE A 1 33  ? 8.018   -9.058  5.111   1.00 32.62 ? 33  PHE A CD2 1 
ATOM   262  C  CE1 . PHE A 1 33  ? 8.426   -6.923  3.441   1.00 32.84 ? 33  PHE A CE1 1 
ATOM   263  C  CE2 . PHE A 1 33  ? 8.154   -7.791  5.630   1.00 32.70 ? 33  PHE A CE2 1 
ATOM   264  C  CZ  . PHE A 1 33  ? 8.355   -6.730  4.799   1.00 31.42 ? 33  PHE A CZ  1 
ATOM   265  N  N   . LYS A 1 34  ? 6.309   -12.847 1.609   1.00 34.73 ? 34  LYS A N   1 
ATOM   266  C  CA  . LYS A 1 34  ? 6.138   -14.236 1.239   1.00 37.62 ? 34  LYS A CA  1 
ATOM   267  C  C   . LYS A 1 34  ? 5.973   -14.383 -0.252  1.00 39.91 ? 34  LYS A C   1 
ATOM   268  O  O   . LYS A 1 34  ? 6.601   -15.241 -0.862  1.00 40.15 ? 34  LYS A O   1 
ATOM   269  C  CB  . LYS A 1 34  ? 4.905   -14.831 1.925   1.00 42.93 ? 34  LYS A CB  1 
ATOM   270  C  CG  . LYS A 1 34  ? 4.399   -16.105 1.260   1.00 51.64 ? 34  LYS A CG  1 
ATOM   271  C  CD  . LYS A 1 34  ? 3.153   -16.665 1.945   1.00 57.48 ? 34  LYS A CD  1 
ATOM   272  C  CE  . LYS A 1 34  ? 2.279   -17.435 0.958   1.00 61.21 ? 34  LYS A CE  1 
ATOM   273  N  NZ  . LYS A 1 34  ? 1.449   -18.449 1.658   1.00 64.96 ? 34  LYS A NZ  1 
ATOM   274  N  N   . SER A 1 35  ? 5.090   -13.580 -0.829  1.00 33.82 ? 35  SER A N   1 
ATOM   275  C  CA  . SER A 1 35  ? 4.822   -13.624 -2.257  1.00 32.15 ? 35  SER A CA  1 
ATOM   276  C  C   . SER A 1 35  ? 6.026   -13.099 -3.075  1.00 30.62 ? 35  SER A C   1 
ATOM   277  O  O   . SER A 1 35  ? 6.282   -13.596 -4.168  1.00 30.20 ? 35  SER A O   1 
ATOM   278  C  CB  . SER A 1 35  ? 3.567   -12.844 -2.615  1.00 33.03 ? 35  SER A CB  1 
ATOM   279  O  OG  . SER A 1 35  ? 2.399   -13.348 -1.972  1.00 36.97 ? 35  SER A OG  1 
ATOM   280  N  N   . HIS A 1 36  ? 6.752   -12.103 -2.562  1.00 27.53 ? 36  HIS A N   1 
ATOM   281  C  CA  . HIS A 1 36  ? 7.813   -11.449 -3.311  1.00 28.68 ? 36  HIS A CA  1 
ATOM   282  C  C   . HIS A 1 36  ? 9.006   -11.180 -2.441  1.00 27.35 ? 36  HIS A C   1 
ATOM   283  O  O   . HIS A 1 36  ? 9.226   -10.053 -2.087  1.00 29.45 ? 36  HIS A O   1 
ATOM   284  C  CB  . HIS A 1 36  ? 7.277   -10.142 -3.881  1.00 27.21 ? 36  HIS A CB  1 
ATOM   285  C  CG  . HIS A 1 36  ? 6.229   -10.348 -4.889  1.00 29.62 ? 36  HIS A CG  1 
ATOM   286  N  ND1 . HIS A 1 36  ? 4.893   -10.205 -4.606  1.00 32.02 ? 36  HIS A ND1 1 
ATOM   287  C  CD2 . HIS A 1 36  ? 6.305   -10.774 -6.166  1.00 29.80 ? 36  HIS A CD2 1 
ATOM   288  C  CE1 . HIS A 1 36  ? 4.188   -10.469 -5.687  1.00 33.42 ? 36  HIS A CE1 1 
ATOM   289  N  NE2 . HIS A 1 36  ? 5.022   -10.824 -6.646  1.00 33.51 ? 36  HIS A NE2 1 
ATOM   290  N  N   . PRO A 1 37  ? 9.821   -12.208 -2.119  1.00 33.02 ? 37  PRO A N   1 
ATOM   291  C  CA  . PRO A 1 37  ? 10.961  -12.149 -1.175  1.00 32.39 ? 37  PRO A CA  1 
ATOM   292  C  C   . PRO A 1 37  ? 12.058  -11.144 -1.475  1.00 31.17 ? 37  PRO A C   1 
ATOM   293  O  O   . PRO A 1 37  ? 12.699  -10.633 -0.552  1.00 35.20 ? 37  PRO A O   1 
ATOM   294  C  CB  . PRO A 1 37  ? 11.536  -13.570 -1.219  1.00 37.29 ? 37  PRO A CB  1 
ATOM   295  C  CG  . PRO A 1 37  ? 10.399  -14.427 -1.687  1.00 36.49 ? 37  PRO A CG  1 
ATOM   296  C  CD  . PRO A 1 37  ? 9.602   -13.572 -2.638  1.00 35.27 ? 37  PRO A CD  1 
ATOM   297  N  N   . GLU A 1 38  ? 12.186  -10.797 -2.746  1.00 33.00 ? 38  GLU A N   1 
ATOM   298  C  CA  . GLU A 1 38  ? 13.117  -9.772  -3.190  1.00 35.19 ? 38  GLU A CA  1 
ATOM   299  C  C   . GLU A 1 38  ? 12.843  -8.391  -2.575  1.00 37.24 ? 38  GLU A C   1 
ATOM   300  O  O   . GLU A 1 38  ? 13.742  -7.564  -2.448  1.00 37.73 ? 38  GLU A O   1 
ATOM   301  C  CB  . GLU A 1 38  ? 13.085  -9.690  -4.708  1.00 37.27 ? 38  GLU A CB  1 
ATOM   302  C  CG  . GLU A 1 38  ? 11.727  -9.272  -5.299  1.00 39.80 ? 38  GLU A CG  1 
ATOM   303  C  CD  . GLU A 1 38  ? 10.777  -10.421 -5.654  1.00 38.57 ? 38  GLU A CD  1 
ATOM   304  O  OE1 . GLU A 1 38  ? 10.664  -11.429 -4.914  1.00 41.54 ? 38  GLU A OE1 1 
ATOM   305  O  OE2 . GLU A 1 38  ? 10.101  -10.303 -6.701  1.00 47.37 ? 38  GLU A OE2 1 
ATOM   306  N  N   . THR A 1 39  ? 11.595  -8.154  -2.206  1.00 35.02 ? 39  THR A N   1 
ATOM   307  C  CA  . THR A 1 39  ? 11.184  -6.874  -1.596  1.00 35.47 ? 39  THR A CA  1 
ATOM   308  C  C   . THR A 1 39  ? 11.722  -6.739  -0.191  1.00 38.12 ? 39  THR A C   1 
ATOM   309  O  O   . THR A 1 39  ? 12.192  -5.669  0.192   1.00 37.46 ? 39  THR A O   1 
ATOM   310  C  CB  . THR A 1 39  ? 9.662   -6.732  -1.530  1.00 31.31 ? 39  THR A CB  1 
ATOM   311  O  OG1 . THR A 1 39  ? 9.121   -7.836  -0.792  1.00 32.16 ? 39  THR A OG1 1 
ATOM   312  C  CG2 . THR A 1 39  ? 9.062   -6.703  -2.945  1.00 31.38 ? 39  THR A CG2 1 
ATOM   313  N  N   . LEU A 1 40  ? 11.648  -7.818  0.581   1.00 42.27 ? 40  LEU A N   1 
ATOM   314  C  CA  . LEU A 1 40  ? 12.365  -7.897  1.879   1.00 48.79 ? 40  LEU A CA  1 
ATOM   315  C  C   . LEU A 1 40  ? 13.898  -7.566  1.762   1.00 55.18 ? 40  LEU A C   1 
ATOM   316  O  O   . LEU A 1 40  ? 14.543  -7.220  2.747   1.00 67.34 ? 40  LEU A O   1 
ATOM   317  C  CB  . LEU A 1 40  ? 12.100  -9.281  2.539   1.00 41.73 ? 40  LEU A CB  1 
ATOM   318  C  CG  . LEU A 1 40  ? 12.487  -9.563  3.998   1.00 44.37 ? 40  LEU A CG  1 
ATOM   319  C  CD1 . LEU A 1 40  ? 12.033  -8.512  5.002   1.00 47.11 ? 40  LEU A CD1 1 
ATOM   320  C  CD2 . LEU A 1 40  ? 11.972  -10.936 4.411   1.00 49.26 ? 40  LEU A CD2 1 
ATOM   321  N  N   . GLU A 1 41  ? 14.476  -7.586  0.568   1.00 67.45 ? 41  GLU A N   1 
ATOM   322  C  CA  . GLU A 1 41  ? 15.896  -7.231  0.424   1.00 67.48 ? 41  GLU A CA  1 
ATOM   323  C  C   . GLU A 1 41  ? 16.134  -5.718  0.374   1.00 74.14 ? 41  GLU A C   1 
ATOM   324  O  O   . GLU A 1 41  ? 17.279  -5.279  0.361   1.00 76.67 ? 41  GLU A O   1 
ATOM   325  C  CB  . GLU A 1 41  ? 16.525  -7.929  -0.790  1.00 72.03 ? 41  GLU A CB  1 
ATOM   326  C  CG  . GLU A 1 41  ? 15.905  -9.290  -1.098  1.00 74.65 ? 41  GLU A CG  1 
ATOM   327  C  CD  . GLU A 1 41  ? 16.890  -10.371 -1.492  1.00 78.32 ? 41  GLU A CD  1 
ATOM   328  O  OE1 . GLU A 1 41  ? 16.688  -11.024 -2.548  1.00 78.96 ? 41  GLU A OE1 1 
ATOM   329  O  OE2 . GLU A 1 41  ? 17.843  -10.592 -0.721  1.00 79.91 ? 41  GLU A OE2 1 
ATOM   330  N  N   . LYS A 1 42  ? 15.072  -4.913  0.369   1.00 72.58 ? 42  LYS A N   1 
ATOM   331  C  CA  . LYS A 1 42  ? 15.209  -3.462  0.572   1.00 73.22 ? 42  LYS A CA  1 
ATOM   332  C  C   . LYS A 1 42  ? 15.330  -3.117  2.056   1.00 79.88 ? 42  LYS A C   1 
ATOM   333  O  O   . LYS A 1 42  ? 14.685  -2.159  2.526   1.00 64.51 ? 42  LYS A O   1 
ATOM   334  C  CB  . LYS A 1 42  ? 14.004  -2.700  -0.032  1.00 78.66 ? 42  LYS A CB  1 
ATOM   335  C  CG  . LYS A 1 42  ? 14.107  -2.431  -1.528  1.00 74.34 ? 42  LYS A CG  1 
ATOM   336  C  CD  . LYS A 1 42  ? 15.116  -1.333  -1.825  1.00 71.06 ? 42  LYS A CD  1 
ATOM   337  C  CE  . LYS A 1 42  ? 15.490  -1.326  -3.295  1.00 70.00 ? 42  LYS A CE  1 
ATOM   338  N  NZ  . LYS A 1 42  ? 16.202  -0.070  -3.620  1.00 67.85 ? 42  LYS A NZ  1 
ATOM   339  N  N   . TYR A 1 43  ? 16.125  -3.902  2.800   1.00 87.00 ? 43  TYR A N   1 
ATOM   340  C  CA  . TYR A 1 43  ? 16.108  -3.844  4.276   1.00 92.23 ? 43  TYR A CA  1 
ATOM   341  C  C   . TYR A 1 43  ? 17.334  -4.415  4.923   1.00 90.02 ? 43  TYR A C   1 
ATOM   342  O  O   . TYR A 1 43  ? 17.917  -5.382  4.448   1.00 78.33 ? 43  TYR A O   1 
ATOM   343  C  CB  . TYR A 1 43  ? 14.940  -4.653  4.881   1.00 92.96 ? 43  TYR A CB  1 
ATOM   344  C  CG  . TYR A 1 43  ? 13.592  -4.389  4.259   1.00 95.42 ? 43  TYR A CG  1 
ATOM   345  C  CD1 . TYR A 1 43  ? 12.508  -3.999  5.021   1.00 93.43 ? 43  TYR A CD1 1 
ATOM   346  C  CD2 . TYR A 1 43  ? 13.399  -4.531  2.893   1.00 91.38 ? 43  TYR A CD2 1 
ATOM   347  C  CE1 . TYR A 1 43  ? 11.279  -3.761  4.421   1.00 89.02 ? 43  TYR A CE1 1 
ATOM   348  C  CE2 . TYR A 1 43  ? 12.186  -4.280  2.301   1.00 91.27 ? 43  TYR A CE2 1 
ATOM   349  C  CZ  . TYR A 1 43  ? 11.128  -3.901  3.063   1.00 88.66 ? 43  TYR A CZ  1 
ATOM   350  O  OH  . TYR A 1 43  ? 9.928   -3.677  2.449   1.00 89.31 ? 43  TYR A OH  1 
ATOM   351  N  N   . ASP A 1 44  ? 17.686  -3.800  6.041   1.00 93.88 ? 44  ASP A N   1 
ATOM   352  C  CA  . ASP A 1 44  ? 18.337  -4.503  7.116   1.00 97.11 ? 44  ASP A CA  1 
ATOM   353  C  C   . ASP A 1 44  ? 17.288  -4.693  8.214   1.00 96.75 ? 44  ASP A C   1 
ATOM   354  O  O   . ASP A 1 44  ? 17.018  -5.837  8.572   1.00 90.70 ? 44  ASP A O   1 
ATOM   355  C  CB  . ASP A 1 44  ? 19.567  -3.748  7.637   1.00 98.28 ? 44  ASP A CB  1 
ATOM   356  C  CG  . ASP A 1 44  ? 20.578  -4.669  8.313   1.00 94.79 ? 44  ASP A CG  1 
ATOM   357  O  OD1 . ASP A 1 44  ? 20.857  -5.768  7.773   1.00 92.02 ? 44  ASP A OD1 1 
ATOM   358  O  OD2 . ASP A 1 44  ? 21.100  -4.288  9.382   1.00 86.32 ? 44  ASP A OD2 1 
ATOM   359  N  N   . ARG A 1 45  ? 16.681  -3.588  8.699   1.00 96.36 ? 45  ARG A N   1 
ATOM   360  C  CA  . ARG A 1 45  ? 15.749  -3.587  9.874   1.00 92.66 ? 45  ARG A CA  1 
ATOM   361  C  C   . ARG A 1 45  ? 15.410  -5.025  10.329  1.00 85.98 ? 45  ARG A C   1 
ATOM   362  O  O   . ARG A 1 45  ? 15.901  -5.531  11.358  1.00 73.68 ? 45  ARG A O   1 
ATOM   363  C  CB  . ARG A 1 45  ? 14.438  -2.779  9.587   1.00 90.19 ? 45  ARG A CB  1 
ATOM   364  C  CG  . ARG A 1 45  ? 14.154  -1.580  10.507  1.00 89.17 ? 45  ARG A CG  1 
ATOM   365  C  CD  . ARG A 1 45  ? 12.676  -1.133  10.498  1.00 87.04 ? 45  ARG A CD  1 
ATOM   366  N  NE  . ARG A 1 45  ? 12.408  -0.075  11.498  1.00 90.18 ? 45  ARG A NE  1 
ATOM   367  C  CZ  . ARG A 1 45  ? 11.231  0.187   12.104  1.00 87.70 ? 45  ARG A CZ  1 
ATOM   368  N  NH1 . ARG A 1 45  ? 10.130  -0.513  11.854  1.00 75.46 ? 45  ARG A NH1 1 
ATOM   369  N  NH2 . ARG A 1 45  ? 11.150  1.175   12.995  1.00 85.56 ? 45  ARG A NH2 1 
ATOM   370  N  N   . PHE A 1 46  ? 14.593  -5.679  9.513   1.00 72.70 ? 46  PHE A N   1 
ATOM   371  C  CA  . PHE A 1 46  ? 14.197  -7.052  9.730   1.00 60.84 ? 46  PHE A CA  1 
ATOM   372  C  C   . PHE A 1 46  ? 14.232  -7.817  8.431   1.00 49.21 ? 46  PHE A C   1 
ATOM   373  O  O   . PHE A 1 46  ? 13.403  -8.644  8.185   1.00 46.51 ? 46  PHE A O   1 
ATOM   374  C  CB  . PHE A 1 46  ? 12.799  -7.114  10.322  1.00 56.32 ? 46  PHE A CB  1 
ATOM   375  C  CG  . PHE A 1 46  ? 11.822  -6.249  9.627   1.00 45.15 ? 46  PHE A CG  1 
ATOM   376  C  CD1 . PHE A 1 46  ? 11.339  -5.140  10.268  1.00 41.38 ? 46  PHE A CD1 1 
ATOM   377  C  CD2 . PHE A 1 46  ? 11.410  -6.530  8.328   1.00 43.41 ? 46  PHE A CD2 1 
ATOM   378  C  CE1 . PHE A 1 46  ? 10.444  -4.333  9.668   1.00 40.45 ? 46  PHE A CE1 1 
ATOM   379  C  CE2 . PHE A 1 46  ? 10.523  -5.707  7.709   1.00 43.09 ? 46  PHE A CE2 1 
ATOM   380  C  CZ  . PHE A 1 46  ? 10.032  -4.598  8.381   1.00 46.04 ? 46  PHE A CZ  1 
ATOM   381  N  N   . LYS A 1 47  ? 15.181  -7.493  7.587   1.00 47.38 ? 47  LYS A N   1 
ATOM   382  C  CA  . LYS A 1 47  ? 15.636  -8.425  6.554   1.00 59.27 ? 47  LYS A CA  1 
ATOM   383  C  C   . LYS A 1 47  ? 15.818  -9.931  7.015   1.00 53.76 ? 47  LYS A C   1 
ATOM   384  O  O   . LYS A 1 47  ? 15.493  -10.857 6.272   1.00 58.00 ? 47  LYS A O   1 
ATOM   385  C  CB  . LYS A 1 47  ? 16.948  -7.876  5.929   1.00 63.86 ? 47  LYS A CB  1 
ATOM   386  C  CG  . LYS A 1 47  ? 18.254  -8.179  6.678   1.00 69.67 ? 47  LYS A CG  1 
ATOM   387  C  CD  . LYS A 1 47  ? 19.495  -7.917  5.818   1.00 75.08 ? 47  LYS A CD  1 
ATOM   388  C  CE  . LYS A 1 47  ? 19.612  -8.877  4.634   1.00 72.06 ? 47  LYS A CE  1 
ATOM   389  N  NZ  . LYS A 1 47  ? 20.667  -8.434  3.676   1.00 72.33 ? 47  LYS A NZ  1 
ATOM   390  N  N   . HIS A 1 48  ? 16.363  -10.154 8.207   1.00 51.22 ? 48  HIS A N   1 
ATOM   391  C  CA  . HIS A 1 48  ? 16.736  -11.492 8.692   1.00 47.14 ? 48  HIS A CA  1 
ATOM   392  C  C   . HIS A 1 48  ? 15.637  -12.495 9.037   1.00 54.88 ? 48  HIS A C   1 
ATOM   393  O  O   . HIS A 1 48  ? 15.940  -13.673 9.057   1.00 56.39 ? 48  HIS A O   1 
ATOM   394  C  CB  . HIS A 1 48  ? 17.596  -11.343 9.953   1.00 52.29 ? 48  HIS A CB  1 
ATOM   395  C  CG  . HIS A 1 48  ? 16.877  -10.714 11.117  1.00 58.98 ? 48  HIS A CG  1 
ATOM   396  N  ND1 . HIS A 1 48  ? 16.298  -9.456  11.063  1.00 58.07 ? 48  HIS A ND1 1 
ATOM   397  C  CD2 . HIS A 1 48  ? 16.658  -11.165 12.376  1.00 61.42 ? 48  HIS A CD2 1 
ATOM   398  C  CE1 . HIS A 1 48  ? 15.744  -9.172  12.229  1.00 56.06 ? 48  HIS A CE1 1 
ATOM   399  N  NE2 . HIS A 1 48  ? 15.954  -10.188 13.045  1.00 59.19 ? 48  HIS A NE2 1 
ATOM   400  N  N   . LEU A 1 49  ? 14.398  -12.038 9.328   1.00 50.82 ? 49  LEU A N   1 
ATOM   401  C  CA  . LEU A 1 49  ? 13.287  -12.867 9.927   1.00 48.99 ? 49  LEU A CA  1 
ATOM   402  C  C   . LEU A 1 49  ? 12.863  -14.071 9.081   1.00 46.94 ? 49  LEU A C   1 
ATOM   403  O  O   . LEU A 1 49  ? 12.595  -13.907 7.901   1.00 49.73 ? 49  LEU A O   1 
ATOM   404  C  CB  . LEU A 1 49  ? 12.013  -12.011 10.161  1.00 45.46 ? 49  LEU A CB  1 
ATOM   405  C  CG  . LEU A 1 49  ? 12.121  -10.729 11.009  1.00 45.25 ? 49  LEU A CG  1 
ATOM   406  C  CD1 . LEU A 1 49  ? 10.875  -9.864  10.813  1.00 41.34 ? 49  LEU A CD1 1 
ATOM   407  C  CD2 . LEU A 1 49  ? 12.385  -11.022 12.479  1.00 44.87 ? 49  LEU A CD2 1 
ATOM   408  N  N   . LYS A 1 50  ? 12.791  -15.259 9.696   1.00 43.14 ? 50  LYS A N   1 
ATOM   409  C  CA  . LYS A 1 50  ? 12.682  -16.523 8.936   1.00 40.62 ? 50  LYS A CA  1 
ATOM   410  C  C   . LYS A 1 50  ? 11.379  -17.290 9.033   1.00 38.15 ? 50  LYS A C   1 
ATOM   411  O  O   . LYS A 1 50  ? 11.101  -18.162 8.217   1.00 37.54 ? 50  LYS A O   1 
ATOM   412  C  CB  . LYS A 1 50  ? 13.762  -17.480 9.378   1.00 43.01 ? 50  LYS A CB  1 
ATOM   413  C  CG  . LYS A 1 50  ? 15.038  -17.214 8.626   1.00 47.06 ? 50  LYS A CG  1 
ATOM   414  C  CD  . LYS A 1 50  ? 16.182  -17.239 9.584   1.00 45.49 ? 50  LYS A CD  1 
ATOM   415  C  CE  . LYS A 1 50  ? 17.410  -16.814 8.808   1.00 47.34 ? 50  LYS A CE  1 
ATOM   416  N  NZ  . LYS A 1 50  ? 18.545  -17.602 9.318   1.00 46.30 ? 50  LYS A NZ  1 
ATOM   417  N  N   . THR A 1 51  ? 10.613  -17.045 10.065  1.00 31.65 ? 51  THR A N   1 
ATOM   418  C  CA  . THR A 1 51  ? 9.349   -17.745 10.194  1.00 32.02 ? 51  THR A CA  1 
ATOM   419  C  C   . THR A 1 51  ? 8.244   -16.766 10.343  1.00 29.22 ? 51  THR A C   1 
ATOM   420  O  O   . THR A 1 51  ? 8.481   -15.599 10.707  1.00 24.30 ? 51  THR A O   1 
ATOM   421  C  CB  . THR A 1 51  ? 9.302   -18.649 11.434  1.00 31.70 ? 51  THR A CB  1 
ATOM   422  O  OG1 . THR A 1 51  ? 9.414   -17.862 12.624  1.00 31.05 ? 51  THR A OG1 1 
ATOM   423  C  CG2 . THR A 1 51  ? 10.425  -19.743 11.404  1.00 32.03 ? 51  THR A CG2 1 
ATOM   424  N  N   . GLU A 1 52  ? 7.036   -17.255 10.077  1.00 27.75 ? 52  GLU A N   1 
ATOM   425  C  CA  . GLU A 1 52  ? 5.867   -16.409 10.244  1.00 30.50 ? 52  GLU A CA  1 
ATOM   426  C  C   . GLU A 1 52  ? 5.716   -15.876 11.672  1.00 25.55 ? 52  GLU A C   1 
ATOM   427  O  O   . GLU A 1 52  ? 5.342   -14.728 11.882  1.00 24.76 ? 52  GLU A O   1 
ATOM   428  C  CB  . GLU A 1 52  ? 4.603   -17.110 9.785   1.00 33.59 ? 52  GLU A CB  1 
ATOM   429  C  CG  . GLU A 1 52  ? 3.423   -16.141 9.801   1.00 40.39 ? 52  GLU A CG  1 
ATOM   430  C  CD  . GLU A 1 52  ? 2.136   -16.773 9.335   1.00 47.02 ? 52  GLU A CD  1 
ATOM   431  O  OE1 . GLU A 1 52  ? 1.481   -17.407 10.186  1.00 56.07 ? 52  GLU A OE1 1 
ATOM   432  O  OE2 . GLU A 1 52  ? 1.771   -16.598 8.145   1.00 54.72 ? 52  GLU A OE2 1 
ATOM   433  N  N   . ALA A 1 53  ? 6.019   -16.701 12.667  1.00 26.60 ? 53  ALA A N   1 
ATOM   434  C  CA  . ALA A 1 53  ? 5.874   -16.295 14.042  1.00 24.14 ? 53  ALA A CA  1 
ATOM   435  C  C   . ALA A 1 53  ? 6.877   -15.220 14.396  1.00 25.47 ? 53  ALA A C   1 
ATOM   436  O  O   . ALA A 1 53  ? 6.570   -14.304 15.190  1.00 26.23 ? 53  ALA A O   1 
ATOM   437  C  CB  . ALA A 1 53  ? 6.018   -17.483 14.994  1.00 25.40 ? 53  ALA A CB  1 
ATOM   438  N  N   . GLU A 1 54  ? 8.095   -15.340 13.850  1.00 24.84 ? 54  GLU A N   1 
ATOM   439  C  CA  . GLU A 1 54  ? 9.073   -14.289 13.964  1.00 25.78 ? 54  GLU A CA  1 
ATOM   440  C  C   . GLU A 1 54  ? 8.608   -13.003 13.342  1.00 22.65 ? 54  GLU A C   1 
ATOM   441  O  O   . GLU A 1 54  ? 8.770   -11.906 13.910  1.00 21.18 ? 54  GLU A O   1 
ATOM   442  C  CB  . GLU A 1 54  ? 10.377  -14.726 13.345  1.00 26.96 ? 54  GLU A CB  1 
ATOM   443  C  CG  . GLU A 1 54  ? 11.086  -15.730 14.228  1.00 30.08 ? 54  GLU A CG  1 
ATOM   444  C  CD  . GLU A 1 54  ? 12.445  -16.118 13.675  1.00 35.21 ? 54  GLU A CD  1 
ATOM   445  O  OE1 . GLU A 1 54  ? 12.693  -15.922 12.459  1.00 48.07 ? 54  GLU A OE1 1 
ATOM   446  O  OE2 . GLU A 1 54  ? 13.247  -16.617 14.482  1.00 48.84 ? 54  GLU A OE2 1 
ATOM   447  N  N   . MET A 1 55  ? 7.981   -13.110 12.192  1.00 23.38 ? 55  MET A N   1 
ATOM   448  C  CA  . MET A 1 55  ? 7.429   -11.905 11.580  1.00 23.12 ? 55  MET A CA  1 
ATOM   449  C  C   . MET A 1 55  ? 6.348   -11.253 12.422  1.00 24.85 ? 55  MET A C   1 
ATOM   450  O  O   . MET A 1 55  ? 6.302   -10.023 12.510  1.00 24.97 ? 55  MET A O   1 
ATOM   451  C  CB  . MET A 1 55  ? 6.955   -12.170 10.160  1.00 25.72 ? 55  MET A CB  1 
ATOM   452  C  CG  . MET A 1 55  ? 8.106   -12.582 9.215   1.00 32.44 ? 55  MET A CG  1 
ATOM   453  S  SD  . MET A 1 55  ? 7.574   -12.687 7.509   1.00 41.73 ? 55  MET A SD  1 
ATOM   454  C  CE  . MET A 1 55  ? 8.224   -14.311 7.043   1.00 49.74 ? 55  MET A CE  1 
ATOM   455  N  N   . LYS A 1 56  ? 5.490   -12.044 13.039  1.00 26.65 ? 56  LYS A N   1 
ATOM   456  C  CA  . LYS A 1 56  ? 4.372   -11.535 13.854  1.00 28.70 ? 56  LYS A CA  1 
ATOM   457  C  C   . LYS A 1 56  ? 4.882   -10.985 15.181  1.00 26.50 ? 56  LYS A C   1 
ATOM   458  O  O   . LYS A 1 56  ? 4.235   -10.113 15.781  1.00 24.98 ? 56  LYS A O   1 
ATOM   459  C  CB  . LYS A 1 56  ? 3.353   -12.609 14.114  1.00 28.92 ? 56  LYS A CB  1 
ATOM   460  C  CG  . LYS A 1 56  ? 2.631   -13.120 12.891  1.00 35.77 ? 56  LYS A CG  1 
ATOM   461  C  CD  . LYS A 1 56  ? 1.383   -12.289 12.653  1.00 45.51 ? 56  LYS A CD  1 
ATOM   462  C  CE  . LYS A 1 56  ? 0.476   -12.861 11.547  1.00 52.27 ? 56  LYS A CE  1 
ATOM   463  N  NZ  . LYS A 1 56  ? 0.529   -14.342 11.338  1.00 50.38 ? 56  LYS A NZ  1 
ATOM   464  N  N   . ALA A 1 57  ? 6.017   -11.463 15.672  1.00 25.56 ? 57  ALA A N   1 
ATOM   465  C  CA  . ALA A 1 57  ? 6.568   -10.930 16.915  1.00 27.81 ? 57  ALA A CA  1 
ATOM   466  C  C   . ALA A 1 57  ? 7.397   -9.669  16.758  1.00 28.11 ? 57  ALA A C   1 
ATOM   467  O  O   . ALA A 1 57  ? 7.729   -9.016  17.752  1.00 29.44 ? 57  ALA A O   1 
ATOM   468  C  CB  . ALA A 1 57  ? 7.395   -12.008 17.629  1.00 28.68 ? 57  ALA A CB  1 
ATOM   469  N  N   . SER A 1 58  ? 7.702   -9.255  15.525  1.00 26.71 ? 58  SER A N   1 
ATOM   470  C  CA  . SER A 1 58  ? 8.605   -8.132  15.302  1.00 25.38 ? 58  SER A CA  1 
ATOM   471  C  C   . SER A 1 58  ? 7.887   -6.822  15.589  1.00 27.72 ? 58  SER A C   1 
ATOM   472  O  O   . SER A 1 58  ? 6.887   -6.517  14.919  1.00 25.35 ? 58  SER A O   1 
ATOM   473  C  CB  . SER A 1 58  ? 9.081   -8.159  13.882  1.00 24.99 ? 58  SER A CB  1 
ATOM   474  O  OG  . SER A 1 58  ? 9.769   -6.980  13.506  1.00 26.57 ? 58  SER A OG  1 
ATOM   475  N  N   . GLU A 1 59  ? 8.355   -6.080  16.594  1.00 25.79 ? 59  GLU A N   1 
ATOM   476  C  CA  . GLU A 1 59  ? 7.813   -4.743  16.792  1.00 30.08 ? 59  GLU A CA  1 
ATOM   477  C  C   . GLU A 1 59  ? 8.041   -3.830  15.576  1.00 26.09 ? 59  GLU A C   1 
ATOM   478  O  O   . GLU A 1 59  ? 7.201   -3.027  15.220  1.00 24.40 ? 59  GLU A O   1 
ATOM   479  C  CB  . GLU A 1 59  ? 8.509   -4.101  17.998  1.00 36.34 ? 59  GLU A CB  1 
ATOM   480  C  CG  . GLU A 1 59  ? 8.134   -4.793  19.296  1.00 47.14 ? 59  GLU A CG  1 
ATOM   481  C  CD  . GLU A 1 59  ? 8.697   -4.079  20.529  1.00 58.18 ? 59  GLU A CD  1 
ATOM   482  O  OE1 . GLU A 1 59  ? 8.993   -2.842  20.450  1.00 57.35 ? 59  GLU A OE1 1 
ATOM   483  O  OE2 . GLU A 1 59  ? 8.834   -4.781  21.565  1.00 69.23 ? 59  GLU A OE2 1 
ATOM   484  N  N   . ASP A 1 60  ? 9.224   -3.954  14.984  1.00 28.39 ? 60  ASP A N   1 
ATOM   485  C  CA  . ASP A 1 60  ? 9.621   -3.107  13.867  1.00 29.09 ? 60  ASP A CA  1 
ATOM   486  C  C   . ASP A 1 60  ? 8.689   -3.298  12.681  1.00 24.01 ? 60  ASP A C   1 
ATOM   487  O  O   . ASP A 1 60  ? 8.257   -2.329  12.056  1.00 22.50 ? 60  ASP A O   1 
ATOM   488  C  CB  . ASP A 1 60  ? 11.064  -3.406  13.454  1.00 34.04 ? 60  ASP A CB  1 
ATOM   489  C  CG  . ASP A 1 60  ? 12.077  -2.641  14.283  1.00 43.45 ? 60  ASP A CG  1 
ATOM   490  O  OD1 . ASP A 1 60  ? 11.675  -1.693  14.990  1.00 41.92 ? 60  ASP A OD1 1 
ATOM   491  O  OD2 . ASP A 1 60  ? 13.275  -2.988  14.230  1.00 45.49 ? 60  ASP A OD2 1 
ATOM   492  N  N   . LEU A 1 61  ? 8.383   -4.553  12.374  1.00 23.64 ? 61  LEU A N   1 
ATOM   493  C  CA  . LEU A 1 61  ? 7.503   -4.857  11.274  1.00 20.91 ? 61  LEU A CA  1 
ATOM   494  C  C   . LEU A 1 61  ? 6.087   -4.320  11.580  1.00 19.97 ? 61  LEU A C   1 
ATOM   495  O  O   . LEU A 1 61  ? 5.409   -3.771  10.685  1.00 21.21 ? 61  LEU A O   1 
ATOM   496  C  CB  . LEU A 1 61  ? 7.476   -6.385  11.003  1.00 20.94 ? 61  LEU A CB  1 
ATOM   497  C  CG  . LEU A 1 61  ? 6.786   -6.845  9.708   1.00 22.60 ? 61  LEU A CG  1 
ATOM   498  C  CD1 . LEU A 1 61  ? 7.363   -8.217  9.308   1.00 25.74 ? 61  LEU A CD1 1 
ATOM   499  C  CD2 . LEU A 1 61  ? 5.281   -6.999  9.932   1.00 24.18 ? 61  LEU A CD2 1 
ATOM   500  N  N   . LYS A 1 62  ? 5.623   -4.479  12.807  1.00 19.24 ? 62  LYS A N   1 
ATOM   501  C  CA  . LYS A 1 62  ? 4.340   -3.990  13.197  1.00 20.19 ? 62  LYS A CA  1 
ATOM   502  C  C   . LYS A 1 62  ? 4.272   -2.478  13.078  1.00 21.30 ? 62  LYS A C   1 
ATOM   503  O  O   . LYS A 1 62  ? 3.248   -1.948  12.634  1.00 20.44 ? 62  LYS A O   1 
ATOM   504  C  CB  . LYS A 1 62  ? 3.963   -4.482  14.621  1.00 23.35 ? 62  LYS A CB  1 
ATOM   505  C  CG  . LYS A 1 62  ? 2.552   -4.129  15.084  1.00 24.72 ? 62  LYS A CG  1 
ATOM   506  C  CD  . LYS A 1 62  ? 2.291   -4.787  16.408  1.00 28.72 ? 62  LYS A CD  1 
ATOM   507  C  CE  . LYS A 1 62  ? 0.815   -5.058  16.549  1.00 33.08 ? 62  LYS A CE  1 
ATOM   508  N  NZ  . LYS A 1 62  ? 0.513   -5.450  17.941  1.00 34.18 ? 62  LYS A NZ  1 
ATOM   509  N  N   . LYS A 1 63  ? 5.320   -1.765  13.463  1.00 20.13 ? 63  LYS A N   1 
ATOM   510  C  CA  . LYS A 1 63  ? 5.370   -0.307  13.288  1.00 22.28 ? 63  LYS A CA  1 
ATOM   511  C  C   . LYS A 1 63  ? 5.355   0.096   11.843  1.00 22.19 ? 63  LYS A C   1 
ATOM   512  O  O   . LYS A 1 63  ? 4.639   1.007   11.418  1.00 20.08 ? 63  LYS A O   1 
ATOM   513  C  CB  . LYS A 1 63  ? 6.600   0.293   13.949  1.00 23.44 ? 63  LYS A CB  1 
ATOM   514  C  CG  . LYS A 1 63  ? 6.585   0.205   15.445  1.00 29.83 ? 63  LYS A CG  1 
ATOM   515  C  CD  . LYS A 1 63  ? 7.845   0.885   15.933  1.00 37.15 ? 63  LYS A CD  1 
ATOM   516  C  CE  . LYS A 1 63  ? 8.315   0.432   17.283  1.00 45.71 ? 63  LYS A CE  1 
ATOM   517  N  NZ  . LYS A 1 63  ? 9.442   1.317   17.716  1.00 52.09 ? 63  LYS A NZ  1 
ATOM   518  N  N   . ASP A 1 64  ? 6.102   -0.655  11.059  1.00 23.30 ? 64  ASP A N   1 
ATOM   519  C  CA  . ASP A 1 64  ? 6.180   -0.364  9.655   1.00 25.94 ? 64  ASP A CA  1 
ATOM   520  C  C   . ASP A 1 64  ? 4.820   -0.531  8.953   1.00 18.66 ? 64  ASP A C   1 
ATOM   521  O  O   . ASP A 1 64  ? 4.519   0.271   8.075   1.00 23.08 ? 64  ASP A O   1 
ATOM   522  C  CB  . ASP A 1 64  ? 7.285   -1.201  8.967   1.00 24.66 ? 64  ASP A CB  1 
ATOM   523  C  CG  . ASP A 1 64  ? 8.745   -0.633  9.219   1.00 37.25 ? 64  ASP A CG  1 
ATOM   524  O  OD1 . ASP A 1 64  ? 8.924   0.479   9.811   1.00 37.90 ? 64  ASP A OD1 1 
ATOM   525  O  OD2 . ASP A 1 64  ? 9.745   -1.344  8.880   1.00 43.10 ? 64  ASP A OD2 1 
ATOM   526  N  N   . GLY A 1 65  ? 4.049   -1.569  9.287   1.00 18.46 ? 65  GLY A N   1 
ATOM   527  C  CA  . GLY A 1 65  ? 2.740   -1.825  8.684   1.00 17.67 ? 65  GLY A CA  1 
ATOM   528  C  C   . GLY A 1 65  ? 1.806   -0.702  8.995   1.00 16.80 ? 65  GLY A C   1 
ATOM   529  O  O   . GLY A 1 65  ? 1.001   -0.284  8.166   1.00 18.87 ? 65  GLY A O   1 
ATOM   530  N  N   . VAL A 1 66  ? 1.933   -0.175  10.201  1.00 17.29 ? 66  VAL A N   1 
ATOM   531  C  CA  . VAL A 1 66  ? 1.089   0.986   10.562  1.00 18.72 ? 66  VAL A CA  1 
ATOM   532  C  C   . VAL A 1 66  ? 1.523   2.225   9.784   1.00 18.50 ? 66  VAL A C   1 
ATOM   533  O  O   . VAL A 1 66  ? 0.645   3.016   9.337   1.00 21.58 ? 66  VAL A O   1 
ATOM   534  C  CB  . VAL A 1 66  ? 1.150   1.281   12.119  1.00 16.65 ? 66  VAL A CB  1 
ATOM   535  C  CG1 . VAL A 1 66  ? 0.433   2.569   12.449  1.00 18.66 ? 66  VAL A CG1 1 
ATOM   536  C  CG2 . VAL A 1 66  ? 0.553   0.111   12.918  1.00 17.68 ? 66  VAL A CG2 1 
ATOM   537  N  N   . THR A 1 67  ? 2.823   2.397   9.546   1.00 19.68 ? 67  THR A N   1 
ATOM   538  C  CA  . THR A 1 67  ? 3.337   3.570   8.818   1.00 19.43 ? 67  THR A CA  1 
ATOM   539  C  C   . THR A 1 67  ? 2.731   3.603   7.405   1.00 19.35 ? 67  THR A C   1 
ATOM   540  O  O   . THR A 1 67  ? 2.147   4.571   6.973   1.00 18.31 ? 67  THR A O   1 
ATOM   541  C  CB  . THR A 1 67  ? 4.842   3.559   8.751   1.00 22.06 ? 67  THR A CB  1 
ATOM   542  O  OG1 . THR A 1 67  ? 5.401   3.720   10.073  1.00 22.69 ? 67  THR A OG1 1 
ATOM   543  C  CG2 . THR A 1 67  ? 5.406   4.628   7.867   1.00 21.98 ? 67  THR A CG2 1 
ATOM   544  N  N   . VAL A 1 68  ? 2.824   2.450   6.749   1.00 17.29 ? 68  VAL A N   1 
ATOM   545  C  CA  . VAL A 1 68  ? 2.222   2.289   5.401   1.00 17.19 ? 68  VAL A CA  1 
ATOM   546  C  C   . VAL A 1 68  ? 0.737   2.566   5.348   1.00 16.99 ? 68  VAL A C   1 
ATOM   547  O  O   . VAL A 1 68  ? 0.223   3.375   4.509   1.00 17.65 ? 68  VAL A O   1 
ATOM   548  C  CB  . VAL A 1 68  ? 2.528   0.889   4.865   1.00 18.77 ? 68  VAL A CB  1 
ATOM   549  C  CG1 . VAL A 1 68  ? 1.875   0.722   3.460   1.00 20.27 ? 68  VAL A CG1 1 
ATOM   550  C  CG2 . VAL A 1 68  ? 3.943   0.715   4.765   1.00 23.17 ? 68  VAL A CG2 1 
ATOM   551  N  N   . LEU A 1 69  ? -0.029  1.883   6.198   1.00 16.89 ? 69  LEU A N   1 
ATOM   552  C  CA  . LEU A 1 69  ? -1.459  1.943   6.082   1.00 18.63 ? 69  LEU A CA  1 
ATOM   553  C  C   . LEU A 1 69  ? -1.995  3.301   6.553   1.00 19.24 ? 69  LEU A C   1 
ATOM   554  O  O   . LEU A 1 69  ? -3.010  3.764   6.042   1.00 18.25 ? 69  LEU A O   1 
ATOM   555  C  CB  . LEU A 1 69  ? -2.123  0.804   6.832   1.00 18.02 ? 69  LEU A CB  1 
ATOM   556  C  CG  . LEU A 1 69  ? -1.842  -0.644  6.354   1.00 19.88 ? 69  LEU A CG  1 
ATOM   557  C  CD1 . LEU A 1 69  ? -2.730  -1.584  7.153   1.00 20.60 ? 69  LEU A CD1 1 
ATOM   558  C  CD2 . LEU A 1 69  ? -2.154  -0.729  4.862   1.00 22.70 ? 69  LEU A CD2 1 
ATOM   559  N  N   . THR A 1 70  ? -1.284  3.943   7.489   1.00 20.60 ? 70  THR A N   1 
ATOM   560  C  CA  . THR A 1 70  ? -1.708  5.286   7.906   1.00 20.29 ? 70  THR A CA  1 
ATOM   561  C  C   . THR A 1 70  ? -1.601  6.233   6.726   1.00 17.83 ? 70  THR A C   1 
ATOM   562  O  O   . THR A 1 70  ? -2.572  7.021   6.418   1.00 17.63 ? 70  THR A O   1 
ATOM   563  C  CB  . THR A 1 70  ? -0.859  5.785   9.093   1.00 19.46 ? 70  THR A CB  1 
ATOM   564  O  OG1 . THR A 1 70  ? -1.044  4.903   10.212  1.00 21.16 ? 70  THR A OG1 1 
ATOM   565  C  CG2 . THR A 1 70  ? -1.241  7.232   9.452   1.00 22.15 ? 70  THR A CG2 1 
ATOM   566  N  N   . ALA A 1 71  ? -0.470  6.149   6.012   1.00 16.29 ? 71  ALA A N   1 
ATOM   567  C  CA  . ALA A 1 71  ? -0.208  7.047   4.906   1.00 17.60 ? 71  ALA A CA  1 
ATOM   568  C  C   . ALA A 1 71  ? -1.156  6.731   3.725   1.00 17.71 ? 71  ALA A C   1 
ATOM   569  O  O   . ALA A 1 71  ? -1.758  7.651   3.140   1.00 17.42 ? 71  ALA A O   1 
ATOM   570  C  CB  . ALA A 1 71  ? 1.199   6.980   4.501   1.00 19.22 ? 71  ALA A CB  1 
ATOM   571  N  N   . LEU A 1 72  ? -1.387  5.427   3.481   1.00 18.77 ? 72  LEU A N   1 
ATOM   572  C  CA  . LEU A 1 72  ? -2.299  5.043   2.369   1.00 19.86 ? 72  LEU A CA  1 
ATOM   573  C  C   . LEU A 1 72  ? -3.743  5.455   2.668   1.00 18.67 ? 72  LEU A C   1 
ATOM   574  O  O   . LEU A 1 72  ? -4.472  5.934   1.795   1.00 20.94 ? 72  LEU A O   1 
ATOM   575  C  CB  . LEU A 1 72  ? -2.157  3.520   2.126   1.00 19.64 ? 72  LEU A CB  1 
ATOM   576  C  CG  . LEU A 1 72  ? -3.068  2.993   1.031   1.00 23.15 ? 72  LEU A CG  1 
ATOM   577  C  CD1 . LEU A 1 72  ? -2.843  3.757   -0.255  1.00 23.78 ? 72  LEU A CD1 1 
ATOM   578  C  CD2 . LEU A 1 72  ? -2.728  1.528   0.817   1.00 24.23 ? 72  LEU A CD2 1 
ATOM   579  N  N   . GLY A 1 73  ? -4.182  5.257   3.898   1.00 19.12 ? 73  GLY A N   1 
ATOM   580  C  CA  . GLY A 1 73  ? -5.513  5.626   4.318   1.00 23.42 ? 73  GLY A CA  1 
ATOM   581  C  C   . GLY A 1 73  ? -5.777  7.124   4.101   1.00 21.29 ? 73  GLY A C   1 
ATOM   582  O  O   . GLY A 1 73  ? -6.810  7.509   3.506   1.00 22.87 ? 73  GLY A O   1 
ATOM   583  N  N   . ALA A 1 74  ? -4.832  7.972   4.509   1.00 20.85 ? 74  ALA A N   1 
ATOM   584  C  CA  . ALA A 1 74  ? -4.962  9.447   4.278   1.00 22.09 ? 74  ALA A CA  1 
ATOM   585  C  C   . ALA A 1 74  ? -5.045  9.773   2.814   1.00 23.12 ? 74  ALA A C   1 
ATOM   586  O  O   . ALA A 1 74  ? -5.830  10.633  2.379   1.00 24.06 ? 74  ALA A O   1 
ATOM   587  C  CB  . ALA A 1 74  ? -3.768  10.190  4.886   1.00 23.33 ? 74  ALA A CB  1 
ATOM   588  N  N   . ILE A 1 75  ? -4.268  9.046   2.024   1.00 20.57 ? 75  ILE A N   1 
ATOM   589  C  CA  . ILE A 1 75  ? -4.351  9.177   0.535   1.00 20.14 ? 75  ILE A CA  1 
ATOM   590  C  C   . ILE A 1 75  ? -5.714  8.776   -0.025  1.00 20.57 ? 75  ILE A C   1 
ATOM   591  O  O   . ILE A 1 75  ? -6.290  9.522   -0.898  1.00 21.12 ? 75  ILE A O   1 
ATOM   592  C  CB  . ILE A 1 75  ? -3.207  8.329   -0.140  1.00 20.96 ? 75  ILE A CB  1 
ATOM   593  C  CG1 . ILE A 1 75  ? -1.860  9.038   0.003   1.00 22.01 ? 75  ILE A CG1 1 
ATOM   594  C  CG2 . ILE A 1 75  ? -3.486  8.066   -1.641  1.00 22.32 ? 75  ILE A CG2 1 
ATOM   595  C  CD1 . ILE A 1 75  ? -0.623  8.146   -0.190  1.00 23.84 ? 75  ILE A CD1 1 
ATOM   596  N  N   . LEU A 1 76  ? -6.228  7.605   0.415   1.00 20.96 ? 76  LEU A N   1 
ATOM   597  C  CA  . LEU A 1 76  ? -7.507  7.149   -0.103  1.00 20.37 ? 76  LEU A CA  1 
ATOM   598  C  C   . LEU A 1 76  ? -8.593  8.131   0.238   1.00 23.01 ? 76  LEU A C   1 
ATOM   599  O  O   . LEU A 1 76  ? -9.482  8.381   -0.603  1.00 23.78 ? 76  LEU A O   1 
ATOM   600  C  CB  . LEU A 1 76  ? -7.887  5.768   0.400   1.00 22.63 ? 76  LEU A CB  1 
ATOM   601  C  CG  . LEU A 1 76  ? -6.920  4.656   -0.123  1.00 22.22 ? 76  LEU A CG  1 
ATOM   602  C  CD1 . LEU A 1 76  ? -7.172  3.339   0.559   1.00 22.98 ? 76  LEU A CD1 1 
ATOM   603  C  CD2 . LEU A 1 76  ? -7.046  4.501   -1.645  1.00 24.15 ? 76  LEU A CD2 1 
ATOM   604  N  N   . LYS A 1 77  ? -8.515  8.681   1.456   1.00 20.94 ? 77  LYS A N   1 
ATOM   605  C  CA  . LYS A 1 77  ? -9.572  9.640   1.895   1.00 24.43 ? 77  LYS A CA  1 
ATOM   606  C  C   . LYS A 1 77  ? -9.641  10.882  1.082   1.00 25.31 ? 77  LYS A C   1 
ATOM   607  O  O   . LYS A 1 77  ? -10.699 11.587  1.125   1.00 27.01 ? 77  LYS A O   1 
ATOM   608  C  CB  . LYS A 1 77  ? -9.442  9.917   3.370   1.00 25.19 ? 77  LYS A CB  1 
ATOM   609  C  CG  . LYS A 1 77  ? -9.781  8.659   4.186   1.00 28.04 ? 77  LYS A CG  1 
ATOM   610  C  CD  . LYS A 1 77  ? -9.352  8.821   5.626   1.00 30.70 ? 77  LYS A CD  1 
ATOM   611  C  CE  . LYS A 1 77  ? -9.649  7.596   6.486   1.00 33.83 ? 77  LYS A CE  1 
ATOM   612  N  NZ  . LYS A 1 77  ? -9.265  7.869   7.909   1.00 37.42 ? 77  LYS A NZ  1 
ATOM   613  N  N   . LYS A 1 78  ? -8.588  11.178  0.336   1.00 23.79 ? 78  LYS A N   1 
ATOM   614  C  CA  . LYS A 1 78  ? -8.565  12.329  -0.523  1.00 24.69 ? 78  LYS A CA  1 
ATOM   615  C  C   . LYS A 1 78  ? -9.329  12.084  -1.828  1.00 23.59 ? 78  LYS A C   1 
ATOM   616  O  O   . LYS A 1 78  ? -9.488  12.997  -2.619  1.00 24.55 ? 78  LYS A O   1 
ATOM   617  C  CB  . LYS A 1 78  ? -7.170  12.772  -0.889  1.00 26.95 ? 78  LYS A CB  1 
ATOM   618  C  CG  . LYS A 1 78  ? -6.274  13.065  0.299   1.00 29.13 ? 78  LYS A CG  1 
ATOM   619  C  CD  . LYS A 1 78  ? -6.828  14.165  1.184   1.00 33.46 ? 78  LYS A CD  1 
ATOM   620  C  CE  . LYS A 1 78  ? -7.280  15.355  0.372   1.00 38.88 ? 78  LYS A CE  1 
ATOM   621  N  NZ  . LYS A 1 78  ? -7.328  16.559  1.219   1.00 45.96 ? 78  LYS A NZ  1 
ATOM   622  N  N   . LYS A 1 79  ? -9.724  10.852  -2.065  1.00 24.11 ? 79  LYS A N   1 
ATOM   623  C  CA  . LYS A 1 79  ? -10.478 10.526  -3.257  1.00 25.80 ? 79  LYS A CA  1 
ATOM   624  C  C   . LYS A 1 79  ? -9.871  11.080  -4.548  1.00 26.79 ? 79  LYS A C   1 
ATOM   625  O  O   . LYS A 1 79  ? -10.554 11.709  -5.387  1.00 27.44 ? 79  LYS A O   1 
ATOM   626  C  CB  . LYS A 1 79  ? -11.939 10.981  -3.061  1.00 28.52 ? 79  LYS A CB  1 
ATOM   627  C  CG  . LYS A 1 79  ? -12.579 10.306  -1.866  1.00 32.98 ? 79  LYS A CG  1 
ATOM   628  C  CD  . LYS A 1 79  ? -14.094 10.497  -1.810  1.00 40.16 ? 79  LYS A CD  1 
ATOM   629  C  CE  . LYS A 1 79  ? -14.454 11.923  -1.442  1.00 49.28 ? 79  LYS A CE  1 
ATOM   630  N  NZ  . LYS A 1 79  ? -13.759 12.358  -0.197  1.00 52.49 ? 79  LYS A NZ  1 
ATOM   631  N  N   . GLY A 1 80  ? -8.597  10.782  -4.771  1.00 23.73 ? 80  GLY A N   1 
ATOM   632  C  CA  . GLY A 1 80  ? -7.890  11.252  -5.924  1.00 26.69 ? 80  GLY A CA  1 
ATOM   633  C  C   . GLY A 1 80  ? -7.225  12.632  -5.867  1.00 24.88 ? 80  GLY A C   1 
ATOM   634  O  O   . GLY A 1 80  ? -6.353  12.922  -6.674  1.00 28.84 ? 80  GLY A O   1 
ATOM   635  N  N   A HIS A 1 81  ? -7.639  13.466  -4.927  0.54 25.91 ? 81  HIS A N   1 
ATOM   636  N  N   B HIS A 1 81  ? -7.640  13.488  -4.944  0.46 26.34 ? 81  HIS A N   1 
ATOM   637  C  CA  A HIS A 1 81  ? -7.079  14.816  -4.783  0.54 27.55 ? 81  HIS A CA  1 
ATOM   638  C  CA  B HIS A 1 81  ? -7.056  14.834  -4.837  0.46 28.19 ? 81  HIS A CA  1 
ATOM   639  C  C   A HIS A 1 81  ? -5.898  14.768  -3.824  0.54 25.32 ? 81  HIS A C   1 
ATOM   640  C  C   B HIS A 1 81  ? -5.884  14.805  -3.862  0.46 25.77 ? 81  HIS A C   1 
ATOM   641  O  O   A HIS A 1 81  ? -5.920  15.404  -2.754  0.54 25.61 ? 81  HIS A O   1 
ATOM   642  O  O   B HIS A 1 81  ? -5.895  15.498  -2.830  0.46 25.91 ? 81  HIS A O   1 
ATOM   643  C  CB  A HIS A 1 81  ? -8.171  15.771  -4.253  0.54 29.03 ? 81  HIS A CB  1 
ATOM   644  C  CB  B HIS A 1 81  ? -8.112  15.847  -4.357  0.46 30.43 ? 81  HIS A CB  1 
ATOM   645  C  CG  A HIS A 1 81  ? -9.331  15.913  -5.184  0.54 31.91 ? 81  HIS A CG  1 
ATOM   646  C  CG  B HIS A 1 81  ? -7.978  17.194  -4.995  0.46 34.52 ? 81  HIS A CG  1 
ATOM   647  N  ND1 A HIS A 1 81  ? -10.572 15.368  -4.928  0.54 36.73 ? 81  HIS A ND1 1 
ATOM   648  N  ND1 B HIS A 1 81  ? -6.778  17.873  -5.057  0.46 36.25 ? 81  HIS A ND1 1 
ATOM   649  C  CD2 A HIS A 1 81  ? -9.425  16.501  -6.398  0.54 35.74 ? 81  HIS A CD2 1 
ATOM   650  C  CD2 B HIS A 1 81  ? -8.887  17.986  -5.609  0.46 36.09 ? 81  HIS A CD2 1 
ATOM   651  C  CE1 A HIS A 1 81  ? -11.390 15.651  -5.925  0.54 37.49 ? 81  HIS A CE1 1 
ATOM   652  C  CE1 B HIS A 1 81  ? -6.954  19.021  -5.683  0.46 35.81 ? 81  HIS A CE1 1 
ATOM   653  N  NE2 A HIS A 1 81  ? -10.717 16.332  -6.831  0.54 37.27 ? 81  HIS A NE2 1 
ATOM   654  N  NE2 B HIS A 1 81  ? -8.229  19.120  -6.015  0.46 37.30 ? 81  HIS A NE2 1 
ATOM   655  N  N   . HIS A 1 82  ? -4.862  14.028  -4.206  1.00 25.11 ? 82  HIS A N   1 
ATOM   656  C  CA  . HIS A 1 82  ? -3.850  13.576  -3.232  1.00 24.08 ? 82  HIS A CA  1 
ATOM   657  C  C   . HIS A 1 82  ? -2.438  14.072  -3.543  1.00 24.91 ? 82  HIS A C   1 
ATOM   658  O  O   . HIS A 1 82  ? -1.467  13.544  -3.006  1.00 21.10 ? 82  HIS A O   1 
ATOM   659  C  CB  . HIS A 1 82  ? -3.820  12.030  -3.131  1.00 22.28 ? 82  HIS A CB  1 
ATOM   660  C  CG  . HIS A 1 82  ? -3.739  11.324  -4.450  1.00 23.38 ? 82  HIS A CG  1 
ATOM   661  N  ND1 . HIS A 1 82  ? -4.375  10.137  -4.687  1.00 22.76 ? 82  HIS A ND1 1 
ATOM   662  C  CD2 . HIS A 1 82  ? -3.110  11.647  -5.606  1.00 24.97 ? 82  HIS A CD2 1 
ATOM   663  C  CE1 . HIS A 1 82  ? -4.117  9.732   -5.913  1.00 25.60 ? 82  HIS A CE1 1 
ATOM   664  N  NE2 . HIS A 1 82  ? -3.378  10.646  -6.505  1.00 22.41 ? 82  HIS A NE2 1 
ATOM   665  N  N   . GLU A 1 83  ? -2.309  15.052  -4.438  1.00 25.55 ? 83  GLU A N   1 
ATOM   666  C  CA  A GLU A 1 83  ? -0.993  15.552  -4.840  0.47 25.81 ? 83  GLU A CA  1 
ATOM   667  C  CA  B GLU A 1 83  ? -0.959  15.547  -4.831  0.53 27.00 ? 83  GLU A CA  1 
ATOM   668  C  C   . GLU A 1 83  ? -0.125  15.961  -3.611  1.00 24.51 ? 83  GLU A C   1 
ATOM   669  O  O   . GLU A 1 83  ? 1.051   15.671  -3.531  1.00 19.79 ? 83  GLU A O   1 
ATOM   670  C  CB  A GLU A 1 83  ? -1.184  16.710  -5.819  0.47 27.37 ? 83  GLU A CB  1 
ATOM   671  C  CB  B GLU A 1 83  ? -1.011  16.713  -5.828  0.53 30.49 ? 83  GLU A CB  1 
ATOM   672  C  CG  A GLU A 1 83  ? -2.304  16.468  -6.852  0.47 28.82 ? 83  GLU A CG  1 
ATOM   673  C  CG  B GLU A 1 83  ? 0.371   17.217  -6.265  0.53 33.30 ? 83  GLU A CG  1 
ATOM   674  C  CD  A GLU A 1 83  ? -3.633  17.164  -6.499  0.47 27.21 ? 83  GLU A CD  1 
ATOM   675  C  CD  B GLU A 1 83  ? 0.362   18.015  -7.560  0.53 39.54 ? 83  GLU A CD  1 
ATOM   676  O  OE1 A GLU A 1 83  ? -4.424  16.681  -5.646  0.47 23.26 ? 83  GLU A OE1 1 
ATOM   677  O  OE1 B GLU A 1 83  ? 1.425   18.562  -7.929  0.53 42.13 ? 83  GLU A OE1 1 
ATOM   678  O  OE2 A GLU A 1 83  ? -3.896  18.235  -7.095  0.47 31.26 ? 83  GLU A OE2 1 
ATOM   679  O  OE2 B GLU A 1 83  ? -0.707  18.096  -8.216  0.53 43.97 ? 83  GLU A OE2 1 
ATOM   680  N  N   . ALA A 1 84  ? -0.723  16.601  -2.639  1.00 20.81 ? 84  ALA A N   1 
ATOM   681  C  CA  . ALA A 1 84  ? 0.102   17.034  -1.467  1.00 23.67 ? 84  ALA A CA  1 
ATOM   682  C  C   . ALA A 1 84  ? 0.594   15.893  -0.615  1.00 23.65 ? 84  ALA A C   1 
ATOM   683  O  O   . ALA A 1 84  ? 1.673   15.951  -0.042  1.00 27.71 ? 84  ALA A O   1 
ATOM   684  C  CB  . ALA A 1 84  ? -0.678  18.016  -0.622  1.00 23.29 ? 84  ALA A CB  1 
ATOM   685  N  N   . GLU A 1 85  ? -0.202  14.822  -0.540  1.00 25.84 ? 85  GLU A N   1 
ATOM   686  C  CA  . GLU A 1 85  ? 0.169   13.640  0.242   1.00 27.57 ? 85  GLU A CA  1 
ATOM   687  C  C   . GLU A 1 85  ? 1.195   12.806  -0.525  1.00 24.21 ? 85  GLU A C   1 
ATOM   688  O  O   . GLU A 1 85  ? 2.111   12.209  0.060   1.00 23.26 ? 85  GLU A O   1 
ATOM   689  C  CB  . GLU A 1 85  ? -1.071  12.823  0.602   1.00 27.23 ? 85  GLU A CB  1 
ATOM   690  C  CG  . GLU A 1 85  ? -1.985  13.461  1.655   1.00 31.15 ? 85  GLU A CG  1 
ATOM   691  C  CD  . GLU A 1 85  ? -2.792  14.674  1.142   1.00 35.26 ? 85  GLU A CD  1 
ATOM   692  O  OE1 . GLU A 1 85  ? -3.065  14.766  -0.093  1.00 31.86 ? 85  GLU A OE1 1 
ATOM   693  O  OE2 . GLU A 1 85  ? -3.132  15.565  1.969   1.00 40.92 ? 85  GLU A OE2 1 
ATOM   694  N  N   . LEU A 1 86  ? 1.097   12.768  -1.862  1.00 23.63 ? 86  LEU A N   1 
ATOM   695  C  CA  . LEU A 1 86  ? 2.033   11.930  -2.603  1.00 23.11 ? 86  LEU A CA  1 
ATOM   696  C  C   . LEU A 1 86  ? 3.413   12.592  -2.715  1.00 23.98 ? 86  LEU A C   1 
ATOM   697  O  O   . LEU A 1 86  ? 4.381   11.897  -2.912  1.00 23.45 ? 86  LEU A O   1 
ATOM   698  C  CB  . LEU A 1 86  ? 1.541   11.668  -4.032  1.00 27.27 ? 86  LEU A CB  1 
ATOM   699  C  CG  . LEU A 1 86  ? 0.286   10.830  -4.260  1.00 31.36 ? 86  LEU A CG  1 
ATOM   700  C  CD1 . LEU A 1 86  ? 0.357   10.297  -5.694  1.00 30.38 ? 86  LEU A CD1 1 
ATOM   701  C  CD2 . LEU A 1 86  ? 0.002   9.735   -3.272  1.00 34.19 ? 86  LEU A CD2 1 
ATOM   702  N  N   . LYS A 1 87  ? 3.463   13.933  -2.650  1.00 19.32 ? 87  LYS A N   1 
ATOM   703  C  CA  . LYS A 1 87  ? 4.704   14.679  -2.887  1.00 20.22 ? 87  LYS A CA  1 
ATOM   704  C  C   . LYS A 1 87  ? 5.844   14.204  -1.947  1.00 19.34 ? 87  LYS A C   1 
ATOM   705  O  O   . LYS A 1 87  ? 6.890   13.775  -2.422  1.00 19.10 ? 87  LYS A O   1 
ATOM   706  C  CB  . LYS A 1 87  ? 4.497   16.208  -2.769  1.00 21.56 ? 87  LYS A CB  1 
ATOM   707  C  CG  . LYS A 1 87  ? 5.688   17.101  -3.071  1.00 22.60 ? 87  LYS A CG  1 
ATOM   708  C  CD  . LYS A 1 87  ? 5.363   18.538  -2.730  0.81 21.64 ? 87  LYS A CD  1 
ATOM   709  C  CE  . LYS A 1 87  ? 6.571   19.474  -2.819  1.00 23.28 ? 87  LYS A CE  1 
ATOM   710  N  NZ  . LYS A 1 87  ? 7.082   19.648  -4.202  0.76 26.16 ? 87  LYS A NZ  1 
ATOM   711  N  N   . PRO A 1 88  ? 5.590   14.156  -0.634  1.00 20.46 ? 88  PRO A N   1 
ATOM   712  C  CA  . PRO A 1 88  ? 6.713   13.696  0.265   1.00 22.45 ? 88  PRO A CA  1 
ATOM   713  C  C   . PRO A 1 88  ? 7.038   12.198  0.128   1.00 22.54 ? 88  PRO A C   1 
ATOM   714  O  O   . PRO A 1 88  ? 8.187   11.784  0.355   1.00 20.02 ? 88  PRO A O   1 
ATOM   715  C  CB  . PRO A 1 88  ? 6.186   13.965  1.676   1.00 22.44 ? 88  PRO A CB  1 
ATOM   716  C  CG  . PRO A 1 88  ? 4.720   14.189  1.484   1.00 21.70 ? 88  PRO A CG  1 
ATOM   717  C  CD  . PRO A 1 88  ? 4.470   14.742  0.125   1.00 21.69 ? 88  PRO A CD  1 
ATOM   718  N  N   . LEU A 1 89  ? 6.010   11.424  -0.210  1.00 19.34 ? 89  LEU A N   1 
ATOM   719  C  CA  . LEU A 1 89  ? 6.120   9.960   -0.326  1.00 20.80 ? 89  LEU A CA  1 
ATOM   720  C  C   . LEU A 1 89  ? 6.952   9.619   -1.569  1.00 19.15 ? 89  LEU A C   1 
ATOM   721  O  O   . LEU A 1 89  ? 7.880   8.807   -1.519  1.00 19.51 ? 89  LEU A O   1 
ATOM   722  C  CB  . LEU A 1 89  ? 4.727   9.367   -0.490  1.00 21.32 ? 89  LEU A CB  1 
ATOM   723  C  CG  . LEU A 1 89  ? 4.620   7.863   -0.333  1.00 24.82 ? 89  LEU A CG  1 
ATOM   724  C  CD1 . LEU A 1 89  ? 4.989   7.492   1.120   1.00 28.02 ? 89  LEU A CD1 1 
ATOM   725  C  CD2 . LEU A 1 89  ? 3.225   7.351   -0.707  1.00 26.19 ? 89  LEU A CD2 1 
ATOM   726  N  N   . ALA A 1 90  ? 6.598   10.266  -2.669  1.00 20.72 ? 90  ALA A N   1 
ATOM   727  C  CA  . ALA A 1 90  ? 7.435   10.117  -3.872  1.00 23.58 ? 90  ALA A CA  1 
ATOM   728  C  C   . ALA A 1 90  ? 8.864   10.579  -3.615  1.00 23.92 ? 90  ALA A C   1 
ATOM   729  O  O   . ALA A 1 90  ? 9.808   9.935   -4.038  1.00 22.24 ? 90  ALA A O   1 
ATOM   730  C  CB  . ALA A 1 90  ? 6.818   10.859  -5.050  1.00 24.68 ? 90  ALA A CB  1 
ATOM   731  N  N   A GLN A 1 91  ? 9.041   11.717  -2.942  0.50 21.31 ? 91  GLN A N   1 
ATOM   732  N  N   B GLN A 1 91  ? 9.026   11.725  -2.941  0.50 21.57 ? 91  GLN A N   1 
ATOM   733  C  CA  A GLN A 1 91  ? 10.391  12.184  -2.695  0.50 22.57 ? 91  GLN A CA  1 
ATOM   734  C  CA  B GLN A 1 91  ? 10.362  12.206  -2.628  0.50 23.21 ? 91  GLN A CA  1 
ATOM   735  C  C   A GLN A 1 91  ? 11.263  11.145  -1.968  0.50 22.63 ? 91  GLN A C   1 
ATOM   736  C  C   B GLN A 1 91  ? 11.214  11.103  -2.001  0.50 22.74 ? 91  GLN A C   1 
ATOM   737  O  O   A GLN A 1 91  ? 12.419  10.900  -2.389  0.50 23.00 ? 91  GLN A O   1 
ATOM   738  O  O   B GLN A 1 91  ? 12.296  10.764  -2.518  0.50 23.60 ? 91  GLN A O   1 
ATOM   739  C  CB  A GLN A 1 91  ? 10.387  13.507  -1.927  0.50 23.12 ? 91  GLN A CB  1 
ATOM   740  C  CB  B GLN A 1 91  ? 10.323  13.414  -1.673  0.50 24.29 ? 91  GLN A CB  1 
ATOM   741  C  CG  A GLN A 1 91  ? 9.936   14.690  -2.769  0.50 23.63 ? 91  GLN A CG  1 
ATOM   742  C  CG  B GLN A 1 91  ? 11.658  14.133  -1.550  0.50 25.50 ? 91  GLN A CG  1 
ATOM   743  C  CD  A GLN A 1 91  ? 9.776   15.940  -1.943  0.50 22.08 ? 91  GLN A CD  1 
ATOM   744  C  CD  B GLN A 1 91  ? 12.005  14.915  -2.795  0.50 25.66 ? 91  GLN A CD  1 
ATOM   745  O  OE1 A GLN A 1 91  ? 9.286   16.954  -2.414  0.50 24.77 ? 91  GLN A OE1 1 
ATOM   746  O  OE1 B GLN A 1 91  ? 13.146  14.908  -3.223  0.50 27.74 ? 91  GLN A OE1 1 
ATOM   747  N  NE2 A GLN A 1 91  ? 10.193  15.869  -0.701  0.50 21.49 ? 91  GLN A NE2 1 
ATOM   748  N  NE2 B GLN A 1 91  ? 11.002  15.590  -3.395  0.50 27.12 ? 91  GLN A NE2 1 
ATOM   749  N  N   . SER A 1 92  ? 10.767  10.589  -0.857  1.00 21.89 ? 92  SER A N   1 
ATOM   750  C  CA  . SER A 1 92  ? 11.554  9.586   -0.108  1.00 20.86 ? 92  SER A CA  1 
ATOM   751  C  C   . SER A 1 92  ? 11.704  8.249   -0.860  1.00 21.39 ? 92  SER A C   1 
ATOM   752  O  O   . SER A 1 92  ? 12.762  7.646   -0.865  1.00 22.32 ? 92  SER A O   1 
ATOM   753  C  CB  . SER A 1 92  ? 10.949  9.325   1.259   1.00 22.16 ? 92  SER A CB  1 
ATOM   754  O  OG  . SER A 1 92  ? 9.643   8.810   1.174   1.00 23.51 ? 92  SER A OG  1 
ATOM   755  N  N   . HIS A 1 93  ? 10.621  7.799   -1.487  1.00 23.36 ? 93  HIS A N   1 
ATOM   756  C  CA  . HIS A 1 93  ? 10.615  6.468   -2.123  1.00 21.59 ? 93  HIS A CA  1 
ATOM   757  C  C   . HIS A 1 93  ? 11.424  6.516   -3.448  1.00 23.56 ? 93  HIS A C   1 
ATOM   758  O  O   . HIS A 1 93  ? 12.022  5.483   -3.847  1.00 26.58 ? 93  HIS A O   1 
ATOM   759  C  CB  . HIS A 1 93  ? 9.170   5.889   -2.285  1.00 22.81 ? 93  HIS A CB  1 
ATOM   760  C  CG  . HIS A 1 93  ? 8.563   5.443   -0.988  1.00 21.26 ? 93  HIS A CG  1 
ATOM   761  N  ND1 . HIS A 1 93  ? 8.389   6.311   0.068   1.00 25.42 ? 93  HIS A ND1 1 
ATOM   762  C  CD2 . HIS A 1 93  ? 8.196   4.222   -0.532  1.00 22.32 ? 93  HIS A CD2 1 
ATOM   763  C  CE1 . HIS A 1 93  ? 7.921   5.661   1.103   1.00 24.49 ? 93  HIS A CE1 1 
ATOM   764  N  NE2 . HIS A 1 93  ? 7.810   4.388   0.776   1.00 22.71 ? 93  HIS A NE2 1 
ATOM   765  N  N   . ALA A 1 94  ? 11.479  7.664   -4.111  1.00 25.14 ? 94  ALA A N   1 
ATOM   766  C  CA  . ALA A 1 94  ? 12.271  7.731   -5.381  1.00 26.44 ? 94  ALA A CA  1 
ATOM   767  C  C   . ALA A 1 94  ? 13.755  7.946   -5.035  1.00 32.18 ? 94  ALA A C   1 
ATOM   768  O  O   . ALA A 1 94  ? 14.641  7.292   -5.591  1.00 35.78 ? 94  ALA A O   1 
ATOM   769  C  CB  . ALA A 1 94  ? 11.777  8.833   -6.259  1.00 25.87 ? 94  ALA A CB  1 
ATOM   770  N  N   . THR A 1 95  ? 14.013  8.853   -4.098  1.00 32.37 ? 95  THR A N   1 
ATOM   771  C  CA  . THR A 1 95  ? 15.372  9.340   -3.934  1.00 35.40 ? 95  THR A CA  1 
ATOM   772  C  C   . THR A 1 95  ? 16.119  8.777   -2.747  1.00 36.66 ? 95  THR A C   1 
ATOM   773  O  O   . THR A 1 95  ? 17.313  8.905   -2.714  1.00 36.16 ? 95  THR A O   1 
ATOM   774  C  CB  . THR A 1 95  ? 15.454  10.879  -3.858  1.00 34.98 ? 95  THR A CB  1 
ATOM   775  O  OG1 . THR A 1 95  ? 14.981  11.310  -2.589  1.00 38.36 ? 95  THR A OG1 1 
ATOM   776  C  CG2 . THR A 1 95  ? 14.677  11.529  -4.930  1.00 35.39 ? 95  THR A CG2 1 
ATOM   777  N  N   . LYS A 1 96  ? 15.456  8.161   -1.777  1.00 35.96 ? 96  LYS A N   1 
ATOM   778  C  CA  . LYS A 1 96  ? 16.166  7.591   -0.628  1.00 38.01 ? 96  LYS A CA  1 
ATOM   779  C  C   . LYS A 1 96  ? 15.965  6.090   -0.584  1.00 39.65 ? 96  LYS A C   1 
ATOM   780  O  O   . LYS A 1 96  ? 16.925  5.321   -0.585  1.00 39.46 ? 96  LYS A O   1 
ATOM   781  C  CB  . LYS A 1 96  ? 15.714  8.203   0.711   1.00 40.77 ? 96  LYS A CB  1 
ATOM   782  C  CG  . LYS A 1 96  ? 16.178  7.344   1.877   1.00 44.71 ? 96  LYS A CG  1 
ATOM   783  C  CD  . LYS A 1 96  ? 15.874  7.941   3.234   1.00 53.04 ? 96  LYS A CD  1 
ATOM   784  C  CE  . LYS A 1 96  ? 16.784  7.324   4.310   1.00 58.10 ? 96  LYS A CE  1 
ATOM   785  N  NZ  . LYS A 1 96  ? 16.344  7.646   5.696   1.00 60.39 ? 96  LYS A NZ  1 
ATOM   786  N  N   . HIS A 1 97  ? 14.711  5.662   -0.503  1.00 33.88 ? 97  HIS A N   1 
ATOM   787  C  CA  . HIS A 1 97  ? 14.412  4.210   -0.467  1.00 34.71 ? 97  HIS A CA  1 
ATOM   788  C  C   . HIS A 1 97  ? 14.615  3.508   -1.829  1.00 37.56 ? 97  HIS A C   1 
ATOM   789  O  O   . HIS A 1 97  ? 14.951  2.336   -1.859  1.00 33.83 ? 97  HIS A O   1 
ATOM   790  C  CB  . HIS A 1 97  ? 12.982  3.939   0.068   1.00 33.08 ? 97  HIS A CB  1 
ATOM   791  C  CG  . HIS A 1 97  ? 12.665  4.704   1.314   1.00 35.04 ? 97  HIS A CG  1 
ATOM   792  N  ND1 . HIS A 1 97  ? 13.568  4.845   2.349   1.00 36.18 ? 97  HIS A ND1 1 
ATOM   793  C  CD2 . HIS A 1 97  ? 11.565  5.411   1.675   1.00 33.99 ? 97  HIS A CD2 1 
ATOM   794  C  CE1 . HIS A 1 97  ? 13.035  5.602   3.296   1.00 35.76 ? 97  HIS A CE1 1 
ATOM   795  N  NE2 . HIS A 1 97  ? 11.820  5.956   2.914   1.00 34.52 ? 97  HIS A NE2 1 
ATOM   796  N  N   . LYS A 1 98  ? 14.390  4.223   -2.925  1.00 34.95 ? 98  LYS A N   1 
ATOM   797  C  CA  . LYS A 1 98  ? 14.431  3.633   -4.268  1.00 38.19 ? 98  LYS A CA  1 
ATOM   798  C  C   . LYS A 1 98  ? 13.539  2.391   -4.447  1.00 38.36 ? 98  LYS A C   1 
ATOM   799  O  O   . LYS A 1 98  ? 13.994  1.259   -4.679  1.00 36.31 ? 98  LYS A O   1 
ATOM   800  C  CB  . LYS A 1 98  ? 15.879  3.357   -4.683  1.00 43.11 ? 98  LYS A CB  1 
ATOM   801  C  CG  . LYS A 1 98  ? 16.728  4.623   -4.701  1.00 52.32 ? 98  LYS A CG  1 
ATOM   802  C  CD  . LYS A 1 98  ? 18.180  4.329   -5.075  1.00 56.48 ? 98  LYS A CD  1 
ATOM   803  C  CE  . LYS A 1 98  ? 19.114  5.459   -4.645  1.00 59.36 ? 98  LYS A CE  1 
ATOM   804  N  NZ  . LYS A 1 98  ? 19.406  5.449   -3.179  1.00 62.97 ? 98  LYS A NZ  1 
ATOM   805  N  N   . ILE A 1 99  ? 12.245  2.635   -4.409  1.00 30.01 ? 99  ILE A N   1 
ATOM   806  C  CA  . ILE A 1 99  ? 11.319  1.592   -4.532  1.00 30.32 ? 99  ILE A CA  1 
ATOM   807  C  C   . ILE A 1 99  ? 10.758  1.643   -5.955  1.00 30.53 ? 99  ILE A C   1 
ATOM   808  O  O   . ILE A 1 99  ? 10.009  2.559   -6.308  1.00 29.04 ? 99  ILE A O   1 
ATOM   809  C  CB  . ILE A 1 99  ? 10.178  1.770   -3.520  1.00 30.58 ? 99  ILE A CB  1 
ATOM   810  C  CG1 . ILE A 1 99  ? 10.743  1.941   -2.065  1.00 31.80 ? 99  ILE A CG1 1 
ATOM   811  C  CG2 . ILE A 1 99  ? 9.145   0.616   -3.641  1.00 29.70 ? 99  ILE A CG2 1 
ATOM   812  C  CD1 . ILE A 1 99  ? 11.416  0.703   -1.548  1.00 33.14 ? 99  ILE A CD1 1 
ATOM   813  N  N   . PRO A 1 100 ? 11.053  0.621   -6.766  1.00 27.25 ? 100 PRO A N   1 
ATOM   814  C  CA  . PRO A 1 100 ? 10.385  0.597   -8.106  1.00 27.54 ? 100 PRO A CA  1 
ATOM   815  C  C   . PRO A 1 100 ? 8.865   0.450   -8.140  1.00 22.53 ? 100 PRO A C   1 
ATOM   816  O  O   . PRO A 1 100 ? 8.285   -0.204  -7.258  1.00 22.48 ? 100 PRO A O   1 
ATOM   817  C  CB  . PRO A 1 100 ? 11.017  -0.650  -8.779  1.00 29.46 ? 100 PRO A CB  1 
ATOM   818  C  CG  . PRO A 1 100 ? 11.607  -1.441  -7.683  1.00 30.94 ? 100 PRO A CG  1 
ATOM   819  C  CD  . PRO A 1 100 ? 12.070  -0.441  -6.637  1.00 28.04 ? 100 PRO A CD  1 
ATOM   820  N  N   . ILE A 1 101 ? 8.215   0.958   -9.182  1.00 24.61 ? 101 ILE A N   1 
ATOM   821  C  CA  . ILE A 1 101 ? 6.767   0.870   -9.319  1.00 24.73 ? 101 ILE A CA  1 
ATOM   822  C  C   . ILE A 1 101 ? 6.301   -0.574  -9.218  1.00 26.78 ? 101 ILE A C   1 
ATOM   823  O  O   . ILE A 1 101 ? 5.201   -0.857  -8.736  1.00 24.66 ? 101 ILE A O   1 
ATOM   824  C  CB  . ILE A 1 101 ? 6.208   1.460   -10.648 1.00 26.85 ? 101 ILE A CB  1 
ATOM   825  C  CG1 . ILE A 1 101 ? 6.462   2.968   -10.740 1.00 29.75 ? 101 ILE A CG1 1 
ATOM   826  C  CG2 . ILE A 1 101 ? 4.681   1.255   -10.729 1.00 28.41 ? 101 ILE A CG2 1 
ATOM   827  C  CD1 . ILE A 1 101 ? 5.708   3.787   -9.700  1.00 27.92 ? 101 ILE A CD1 1 
ATOM   828  N  N   . LYS A 1 102 ? 7.105   -1.516  -9.725  1.00 23.52 ? 102 LYS A N   1 
ATOM   829  C  CA  . LYS A 1 102 ? 6.693   -2.921  -9.588  1.00 26.38 ? 102 LYS A CA  1 
ATOM   830  C  C   . LYS A 1 102 ? 6.544   -3.376  -8.123  1.00 26.76 ? 102 LYS A C   1 
ATOM   831  O  O   . LYS A 1 102 ? 5.714   -4.236  -7.848  1.00 25.76 ? 102 LYS A O   1 
ATOM   832  C  CB  . LYS A 1 102 ? 7.643   -3.873  -10.341 1.00 31.64 ? 102 LYS A CB  1 
ATOM   833  C  CG  . LYS A 1 102 ? 9.069   -3.983  -9.811  1.00 38.05 ? 102 LYS A CG  1 
ATOM   834  C  CD  . LYS A 1 102 ? 9.942   -4.976  -10.629 1.00 47.11 ? 102 LYS A CD  1 
ATOM   835  C  CE  . LYS A 1 102 ? 9.097   -6.116  -11.237 1.00 56.72 ? 102 LYS A CE  1 
ATOM   836  N  NZ  . LYS A 1 102 ? 9.853   -7.252  -11.849 1.00 61.89 ? 102 LYS A NZ  1 
ATOM   837  N  N   . TYR A 1 103 ? 7.344   -2.846  -7.191  1.00 23.73 ? 103 TYR A N   1 
ATOM   838  C  CA  . TYR A 1 103 ? 7.059   -3.158  -5.770  1.00 24.55 ? 103 TYR A CA  1 
ATOM   839  C  C   . TYR A 1 103 ? 5.733   -2.581  -5.248  1.00 19.70 ? 103 TYR A C   1 
ATOM   840  O  O   . TYR A 1 103 ? 5.093   -3.173  -4.386  1.00 20.80 ? 103 TYR A O   1 
ATOM   841  C  CB  . TYR A 1 103 ? 8.185   -2.720  -4.881  1.00 25.89 ? 103 TYR A CB  1 
ATOM   842  C  CG  . TYR A 1 103 ? 9.471   -3.526  -5.051  1.00 26.19 ? 103 TYR A CG  1 
ATOM   843  C  CD1 . TYR A 1 103 ? 9.578   -4.500  -6.010  1.00 32.15 ? 103 TYR A CD1 1 
ATOM   844  C  CD2 . TYR A 1 103 ? 10.546  -3.324  -4.215  1.00 33.54 ? 103 TYR A CD2 1 
ATOM   845  C  CE1 . TYR A 1 103 ? 10.741  -5.251  -6.169  1.00 33.14 ? 103 TYR A CE1 1 
ATOM   846  C  CE2 . TYR A 1 103 ? 11.727  -4.046  -4.382  1.00 32.57 ? 103 TYR A CE2 1 
ATOM   847  C  CZ  . TYR A 1 103 ? 11.797  -5.030  -5.357  1.00 32.28 ? 103 TYR A CZ  1 
ATOM   848  O  OH  . TYR A 1 103 ? 12.979  -5.765  -5.546  1.00 32.31 ? 103 TYR A OH  1 
ATOM   849  N  N   . LEU A 1 104 ? 5.351   -1.442  -5.724  1.00 21.32 ? 104 LEU A N   1 
ATOM   850  C  CA  . LEU A 1 104 ? 4.047   -0.882  -5.391  1.00 20.53 ? 104 LEU A CA  1 
ATOM   851  C  C   . LEU A 1 104 ? 2.902   -1.693  -5.978  1.00 21.83 ? 104 LEU A C   1 
ATOM   852  O  O   . LEU A 1 104 ? 1.824   -1.791  -5.377  1.00 22.42 ? 104 LEU A O   1 
ATOM   853  C  CB  . LEU A 1 104 ? 3.947   0.549   -5.896  1.00 23.03 ? 104 LEU A CB  1 
ATOM   854  C  CG  . LEU A 1 104 ? 5.010   1.521   -5.387  1.00 24.68 ? 104 LEU A CG  1 
ATOM   855  C  CD1 . LEU A 1 104 ? 4.610   2.909   -5.810  1.00 26.76 ? 104 LEU A CD1 1 
ATOM   856  C  CD2 . LEU A 1 104 ? 5.118   1.429   -3.891  1.00 25.12 ? 104 LEU A CD2 1 
ATOM   857  N  N   . GLU A 1 105 ? 3.130   -2.331  -7.151  1.00 18.96 ? 105 GLU A N   1 
ATOM   858  C  CA  . GLU A 1 105 ? 2.171   -3.329  -7.633  1.00 20.60 ? 105 GLU A CA  1 
ATOM   859  C  C   . GLU A 1 105 ? 2.120   -4.516  -6.721  1.00 19.17 ? 105 GLU A C   1 
ATOM   860  O  O   . GLU A 1 105 ? 1.047   -4.983  -6.424  1.00 20.22 ? 105 GLU A O   1 
ATOM   861  C  CB  . GLU A 1 105 ? 2.539   -3.839  -9.077  1.00 24.03 ? 105 GLU A CB  1 
ATOM   862  C  CG  . GLU A 1 105 ? 2.416   -2.723  -10.107 1.00 29.03 ? 105 GLU A CG  1 
ATOM   863  C  CD  . GLU A 1 105 ? 2.748   -3.133  -11.568 1.00 31.40 ? 105 GLU A CD  1 
ATOM   864  O  OE1 . GLU A 1 105 ? 3.766   -3.828  -11.763 1.00 28.27 ? 105 GLU A OE1 1 
ATOM   865  O  OE2 . GLU A 1 105 ? 2.004   -2.714  -12.495 1.00 28.41 ? 105 GLU A OE2 1 
ATOM   866  N  N   . PHE A 1 106 ? 3.285   -5.044  -6.301  1.00 19.84 ? 106 PHE A N   1 
ATOM   867  C  CA  . PHE A 1 106 ? 3.301   -6.167  -5.386  1.00 22.23 ? 106 PHE A CA  1 
ATOM   868  C  C   . PHE A 1 106 ? 2.534   -5.852  -4.080  1.00 21.35 ? 106 PHE A C   1 
ATOM   869  O  O   . PHE A 1 106 ? 1.757   -6.662  -3.631  1.00 17.93 ? 106 PHE A O   1 
ATOM   870  C  CB  . PHE A 1 106 ? 4.714   -6.598  -5.034  1.00 23.32 ? 106 PHE A CB  1 
ATOM   871  C  CG  . PHE A 1 106 ? 5.546   -7.105  -6.217  1.00 22.18 ? 106 PHE A CG  1 
ATOM   872  C  CD1 . PHE A 1 106 ? 4.958   -7.615  -7.405  1.00 26.52 ? 106 PHE A CD1 1 
ATOM   873  C  CD2 . PHE A 1 106 ? 6.902   -7.116  -6.101  1.00 25.59 ? 106 PHE A CD2 1 
ATOM   874  C  CE1 . PHE A 1 106 ? 5.769   -8.066  -8.466  1.00 28.35 ? 106 PHE A CE1 1 
ATOM   875  C  CE2 . PHE A 1 106 ? 7.720   -7.589  -7.144  1.00 25.78 ? 106 PHE A CE2 1 
ATOM   876  C  CZ  . PHE A 1 106 ? 7.148   -8.096  -8.307  1.00 29.31 ? 106 PHE A CZ  1 
ATOM   877  N  N   . ILE A 1 107 ? 2.713   -4.666  -3.498  1.00 21.65 ? 107 ILE A N   1 
ATOM   878  C  CA  . ILE A 1 107 ? 2.047   -4.386  -2.245  1.00 20.45 ? 107 ILE A CA  1 
ATOM   879  C  C   . ILE A 1 107 ? 0.558   -4.151  -2.477  1.00 20.42 ? 107 ILE A C   1 
ATOM   880  O  O   . ILE A 1 107 ? -0.240  -4.523  -1.675  1.00 20.15 ? 107 ILE A O   1 
ATOM   881  C  CB  . ILE A 1 107 ? 2.735   -3.232  -1.412  1.00 19.50 ? 107 ILE A CB  1 
ATOM   882  C  CG1 . ILE A 1 107 ? 2.265   -3.237  0.059   1.00 22.70 ? 107 ILE A CG1 1 
ATOM   883  C  CG2 . ILE A 1 107 ? 2.447   -1.844  -2.016  1.00 20.70 ? 107 ILE A CG2 1 
ATOM   884  C  CD1 . ILE A 1 107 ? 3.135   -2.318  0.900   1.00 22.89 ? 107 ILE A CD1 1 
ATOM   885  N  N   . SER A 1 108 ? 0.204   -3.559  -3.596  1.00 20.11 ? 108 SER A N   1 
ATOM   886  C  CA  . SER A 1 108 ? -1.202  -3.417  -3.957  1.00 21.35 ? 108 SER A CA  1 
ATOM   887  C  C   . SER A 1 108 ? -1.894  -4.778  -4.017  1.00 18.82 ? 108 SER A C   1 
ATOM   888  O  O   . SER A 1 108 ? -2.958  -4.973  -3.481  1.00 18.65 ? 108 SER A O   1 
ATOM   889  C  CB  . SER A 1 108 ? -1.298  -2.720  -5.323  1.00 21.51 ? 108 SER A CB  1 
ATOM   890  O  OG  . SER A 1 108 ? -0.919  -1.353  -5.262  1.00 21.05 ? 108 SER A OG  1 
ATOM   891  N  N   . GLU A 1 109 ? -1.241  -5.766  -4.654  1.00 21.70 ? 109 GLU A N   1 
ATOM   892  C  CA  . GLU A 1 109 ? -1.694  -7.141  -4.625  1.00 22.09 ? 109 GLU A CA  1 
ATOM   893  C  C   . GLU A 1 109 ? -1.935  -7.743  -3.217  1.00 19.07 ? 109 GLU A C   1 
ATOM   894  O  O   . GLU A 1 109 ? -2.934  -8.386  -2.965  1.00 19.60 ? 109 GLU A O   1 
ATOM   895  C  CB  . GLU A 1 109 ? -0.695  -8.025  -5.396  1.00 23.44 ? 109 GLU A CB  1 
ATOM   896  C  CG  . GLU A 1 109 ? -0.671  -7.700  -6.874  1.00 31.67 ? 109 GLU A CG  1 
ATOM   897  C  CD  . GLU A 1 109 ? 0.605   -8.267  -7.551  0.29 32.31 ? 109 GLU A CD  1 
ATOM   898  O  OE1 . GLU A 1 109 ? 1.161   -9.256  -7.044  0.67 36.91 ? 109 GLU A OE1 1 
ATOM   899  O  OE2 . GLU A 1 109 ? 1.078   -7.738  -8.577  0.65 37.04 ? 109 GLU A OE2 1 
ATOM   900  N  N   . ALA A 1 110 ? -0.949  -7.580  -2.350  1.00 18.97 ? 110 ALA A N   1 
ATOM   901  C  CA  . ALA A 1 110 ? -1.013  -7.991  -0.963  1.00 18.96 ? 110 ALA A CA  1 
ATOM   902  C  C   . ALA A 1 110 ? -2.154  -7.322  -0.243  1.00 19.73 ? 110 ALA A C   1 
ATOM   903  O  O   . ALA A 1 110 ? -2.865  -8.000  0.502   1.00 19.61 ? 110 ALA A O   1 
ATOM   904  C  CB  . ALA A 1 110 ? 0.307   -7.672  -0.316  1.00 16.94 ? 110 ALA A CB  1 
ATOM   905  N  N   . ILE A 1 111 ? -2.329  -6.013  -0.453  1.00 20.00 ? 111 ILE A N   1 
ATOM   906  C  CA  . ILE A 1 111 ? -3.447  -5.292  0.141   1.00 20.91 ? 111 ILE A CA  1 
ATOM   907  C  C   . ILE A 1 111 ? -4.784  -5.924  -0.261  1.00 20.49 ? 111 ILE A C   1 
ATOM   908  O  O   . ILE A 1 111 ? -5.620  -6.274  0.564   1.00 19.52 ? 111 ILE A O   1 
ATOM   909  C  CB  . ILE A 1 111 ? -3.432  -3.810  -0.237  1.00 21.10 ? 111 ILE A CB  1 
ATOM   910  C  CG1 . ILE A 1 111 ? -2.300  -3.121  0.507   1.00 20.03 ? 111 ILE A CG1 1 
ATOM   911  C  CG2 . ILE A 1 111 ? -4.759  -3.154  0.147   1.00 23.71 ? 111 ILE A CG2 1 
ATOM   912  C  CD1 . ILE A 1 111 ? -2.003  -1.761  -0.046  1.00 20.25 ? 111 ILE A CD1 1 
ATOM   913  N  N   . ILE A 1 112 ? -4.952  -6.154  -1.567  1.00 21.15 ? 112 ILE A N   1 
ATOM   914  C  CA  . ILE A 1 112 ? -6.167  -6.721  -2.055  1.00 22.97 ? 112 ILE A CA  1 
ATOM   915  C  C   . ILE A 1 112 ? -6.386  -8.126  -1.464  1.00 21.70 ? 112 ILE A C   1 
ATOM   916  O  O   . ILE A 1 112 ? -7.511  -8.482  -1.119  1.00 20.15 ? 112 ILE A O   1 
ATOM   917  C  CB  . ILE A 1 112 ? -6.142  -6.690  -3.599  1.00 26.31 ? 112 ILE A CB  1 
ATOM   918  C  CG1 . ILE A 1 112 ? -6.426  -5.244  -4.050  1.00 26.83 ? 112 ILE A CG1 1 
ATOM   919  C  CG2 . ILE A 1 112 ? -7.173  -7.627  -4.193  1.00 28.51 ? 112 ILE A CG2 1 
ATOM   920  C  CD1 . ILE A 1 112 ? -5.942  -4.940  -5.469  1.00 31.97 ? 112 ILE A CD1 1 
ATOM   921  N  N   . HIS A 1 113 ? -5.315  -8.919  -1.382  1.00 21.61 ? 113 HIS A N   1 
ATOM   922  C  CA  . HIS A 1 113 ? -5.432  -10.283 -0.879  1.00 23.76 ? 113 HIS A CA  1 
ATOM   923  C  C   . HIS A 1 113 ? -5.958  -10.298 0.555   1.00 22.59 ? 113 HIS A C   1 
ATOM   924  O  O   . HIS A 1 113 ? -6.871  -11.043 0.877   1.00 21.29 ? 113 HIS A O   1 
ATOM   925  C  CB  . HIS A 1 113 ? -4.063  -10.984 -0.927  1.00 25.86 ? 113 HIS A CB  1 
ATOM   926  C  CG  . HIS A 1 113 ? -4.040  -12.292 -0.209  1.00 30.76 ? 113 HIS A CG  1 
ATOM   927  N  ND1 . HIS A 1 113 ? -4.468  -13.460 -0.798  1.00 34.84 ? 113 HIS A ND1 1 
ATOM   928  C  CD2 . HIS A 1 113 ? -3.634  -12.623 1.041   1.00 32.38 ? 113 HIS A CD2 1 
ATOM   929  C  CE1 . HIS A 1 113 ? -4.341  -14.454 0.064   1.00 34.05 ? 113 HIS A CE1 1 
ATOM   930  N  NE2 . HIS A 1 113 ? -3.845  -13.972 1.190   1.00 34.47 ? 113 HIS A NE2 1 
ATOM   931  N  N   . VAL A 1 114 ? -5.344  -9.480  1.402   1.00 19.86 ? 114 VAL A N   1 
ATOM   932  C  CA  . VAL A 1 114 ? -5.731  -9.371  2.803   1.00 19.74 ? 114 VAL A CA  1 
ATOM   933  C  C   . VAL A 1 114 ? -7.142  -8.858  2.995   1.00 18.47 ? 114 VAL A C   1 
ATOM   934  O  O   . VAL A 1 114 ? -7.916  -9.427  3.783   1.00 21.50 ? 114 VAL A O   1 
ATOM   935  C  CB  . VAL A 1 114 ? -4.724  -8.546  3.576   1.00 19.14 ? 114 VAL A CB  1 
ATOM   936  C  CG1 . VAL A 1 114 ? -5.171  -8.271  5.004   1.00 19.06 ? 114 VAL A CG1 1 
ATOM   937  C  CG2 . VAL A 1 114 ? -3.391  -9.246  3.562   1.00 21.02 ? 114 VAL A CG2 1 
ATOM   938  N  N   A LEU A 1 115 ? -7.515  -7.836  2.232   0.49 19.38 ? 115 LEU A N   1 
ATOM   939  N  N   B LEU A 1 115 ? -7.514  -7.843  2.228   0.51 19.42 ? 115 LEU A N   1 
ATOM   940  C  CA  A LEU A 1 115 ? -8.866  -7.314  2.331   0.49 19.96 ? 115 LEU A CA  1 
ATOM   941  C  CA  B LEU A 1 115 ? -8.863  -7.331  2.325   0.51 20.02 ? 115 LEU A CA  1 
ATOM   942  C  C   A LEU A 1 115 ? -9.937  -8.338  1.925   0.49 20.18 ? 115 LEU A C   1 
ATOM   943  C  C   B LEU A 1 115 ? -9.901  -8.391  1.966   0.51 20.08 ? 115 LEU A C   1 
ATOM   944  O  O   A LEU A 1 115 ? -11.003 -8.403  2.527   0.49 20.02 ? 115 LEU A O   1 
ATOM   945  O  O   B LEU A 1 115 ? -10.906 -8.544  2.643   0.51 20.07 ? 115 LEU A O   1 
ATOM   946  C  CB  A LEU A 1 115 ? -8.979  -6.020  1.556   0.49 19.77 ? 115 LEU A CB  1 
ATOM   947  C  CB  B LEU A 1 115 ? -9.010  -6.101  1.471   0.51 19.95 ? 115 LEU A CB  1 
ATOM   948  C  CG  A LEU A 1 115 ? -8.735  -4.734  2.356   0.49 20.09 ? 115 LEU A CG  1 
ATOM   949  C  CG  B LEU A 1 115 ? -8.176  -4.889  1.878   0.51 19.95 ? 115 LEU A CG  1 
ATOM   950  C  CD1 A LEU A 1 115 ? -7.311  -4.666  2.871   0.49 19.78 ? 115 LEU A CD1 1 
ATOM   951  C  CD1 B LEU A 1 115 ? -8.334  -3.856  0.773   0.51 20.29 ? 115 LEU A CD1 1 
ATOM   952  C  CD2 A LEU A 1 115 ? -9.050  -3.505  1.522   0.49 20.26 ? 115 LEU A CD2 1 
ATOM   953  C  CD2 B LEU A 1 115 ? -8.621  -4.352  3.231   0.51 20.94 ? 115 LEU A CD2 1 
ATOM   954  N  N   . HIS A 1 116 ? -9.673  -9.092  0.866   1.00 21.08 ? 116 HIS A N   1 
ATOM   955  C  CA  . HIS A 1 116 ? -10.548 -10.208 0.454   1.00 23.68 ? 116 HIS A CA  1 
ATOM   956  C  C   . HIS A 1 116 ? -10.568 -11.361 1.491   1.00 21.95 ? 116 HIS A C   1 
ATOM   957  O  O   . HIS A 1 116 ? -11.623 -11.917 1.764   1.00 25.06 ? 116 HIS A O   1 
ATOM   958  C  CB  . HIS A 1 116 ? -10.041 -10.747 -0.901  1.00 31.89 ? 116 HIS A CB  1 
ATOM   959  C  CG  . HIS A 1 116 ? -11.023 -11.613 -1.624  1.00 38.69 ? 116 HIS A CG  1 
ATOM   960  N  ND1 . HIS A 1 116 ? -11.904 -12.449 -0.981  1.00 49.59 ? 116 HIS A ND1 1 
ATOM   961  C  CD2 . HIS A 1 116 ? -11.247 -11.786 -2.951  1.00 49.13 ? 116 HIS A CD2 1 
ATOM   962  C  CE1 . HIS A 1 116 ? -12.658 -13.072 -1.869  1.00 49.37 ? 116 HIS A CE1 1 
ATOM   963  N  NE2 . HIS A 1 116 ? -12.270 -12.700 -3.074  1.00 55.73 ? 116 HIS A NE2 1 
ATOM   964  N  N   . SER A 1 117 ? -9.433  -11.677 2.100   1.00 21.62 ? 117 SER A N   1 
ATOM   965  C  CA  . SER A 1 117 ? -9.354  -12.741 3.109   1.00 25.27 ? 117 SER A CA  1 
ATOM   966  C  C   . SER A 1 117 ? -10.117 -12.400 4.374   1.00 23.23 ? 117 SER A C   1 
ATOM   967  O  O   . SER A 1 117 ? -10.783 -13.274 4.954   1.00 22.06 ? 117 SER A O   1 
ATOM   968  C  CB  . SER A 1 117 ? -7.927  -13.044 3.534   1.00 24.77 ? 117 SER A CB  1 
ATOM   969  O  OG  . SER A 1 117 ? -7.203  -13.399 2.379   1.00 34.44 ? 117 SER A OG  1 
ATOM   970  N  N   . ARG A 1 118 ? -10.042 -11.142 4.794   1.00 20.76 ? 118 ARG A N   1 
ATOM   971  C  CA  . ARG A 1 118 ? -10.633 -10.717 6.057   1.00 21.94 ? 118 ARG A CA  1 
ATOM   972  C  C   . ARG A 1 118 ? -12.064 -10.188 5.952   1.00 19.60 ? 118 ARG A C   1 
ATOM   973  O  O   . ARG A 1 118 ? -12.860 -10.376 6.872   1.00 23.22 ? 118 ARG A O   1 
ATOM   974  C  CB  . ARG A 1 118 ? -9.742  -9.668  6.731   1.00 20.84 ? 118 ARG A CB  1 
ATOM   975  C  CG  . ARG A 1 118 ? -8.407  -10.208 7.216   1.00 25.26 ? 118 ARG A CG  1 
ATOM   976  C  CD  . ARG A 1 118 ? -7.508  -9.088  7.717   1.00 29.43 ? 118 ARG A CD  1 
ATOM   977  N  NE  . ARG A 1 118 ? -7.794  -8.738  9.105   1.00 32.53 ? 118 ARG A NE  1 
ATOM   978  C  CZ  . ARG A 1 118 ? -6.922  -8.858  10.101  1.00 26.77 ? 118 ARG A CZ  1 
ATOM   979  N  NH1 . ARG A 1 118 ? -5.703  -9.322  9.864   1.00 28.13 ? 118 ARG A NH1 1 
ATOM   980  N  NH2 . ARG A 1 118 ? -7.270  -8.515  11.334  1.00 22.64 ? 118 ARG A NH2 1 
ATOM   981  N  N   . HIS A 1 119 ? -12.395 -9.520  4.850   1.00 20.10 ? 119 HIS A N   1 
ATOM   982  C  CA  . HIS A 1 119 ? -13.677 -8.880  4.757   1.00 20.94 ? 119 HIS A CA  1 
ATOM   983  C  C   . HIS A 1 119 ? -14.377 -9.208  3.460   1.00 22.73 ? 119 HIS A C   1 
ATOM   984  O  O   . HIS A 1 119 ? -14.822 -8.291  2.730   1.00 23.55 ? 119 HIS A O   1 
ATOM   985  C  CB  . HIS A 1 119 ? -13.541 -7.373  4.858   1.00 21.94 ? 119 HIS A CB  1 
ATOM   986  C  CG  . HIS A 1 119 ? -12.577 -6.941  5.910   1.00 21.78 ? 119 HIS A CG  1 
ATOM   987  N  ND1 . HIS A 1 119 ? -12.853 -6.992  7.261   1.00 25.21 ? 119 HIS A ND1 1 
ATOM   988  C  CD2 . HIS A 1 119 ? -11.301 -6.519  5.807   1.00 25.20 ? 119 HIS A CD2 1 
ATOM   989  C  CE1 . HIS A 1 119 ? -11.781 -6.618  7.941   1.00 25.73 ? 119 HIS A CE1 1 
ATOM   990  N  NE2 . HIS A 1 119 ? -10.846 -6.278  7.081   1.00 23.57 ? 119 HIS A NE2 1 
ATOM   991  N  N   . PRO A 1 120 ? -14.503 -10.526 3.157   1.00 24.98 ? 120 PRO A N   1 
ATOM   992  C  CA  . PRO A 1 120 ? -15.102 -10.865 1.849   1.00 25.19 ? 120 PRO A CA  1 
ATOM   993  C  C   . PRO A 1 120 ? -16.521 -10.269 1.651   1.00 29.01 ? 120 PRO A C   1 
ATOM   994  O  O   . PRO A 1 120 ? -16.920 -9.906  0.526   1.00 26.49 ? 120 PRO A O   1 
ATOM   995  C  CB  . PRO A 1 120 ? -15.056 -12.411 1.842   1.00 25.49 ? 120 PRO A CB  1 
ATOM   996  C  CG  . PRO A 1 120 ? -14.965 -12.802 3.285   1.00 27.22 ? 120 PRO A CG  1 
ATOM   997  C  CD  . PRO A 1 120 ? -14.156 -11.713 3.955   1.00 24.40 ? 120 PRO A CD  1 
ATOM   998  N  N   . GLY A 1 121 ? -17.276 -10.099 2.728   1.00 28.55 ? 121 GLY A N   1 
ATOM   999  C  CA  . GLY A 1 121 ? -18.609 -9.556  2.594   1.00 30.72 ? 121 GLY A CA  1 
ATOM   1000 C  C   . GLY A 1 121 ? -18.670 -8.099  2.180   1.00 29.38 ? 121 GLY A C   1 
ATOM   1001 O  O   . GLY A 1 121 ? -19.674 -7.650  1.647   1.00 32.22 ? 121 GLY A O   1 
ATOM   1002 N  N   . ASP A 1 122 ? -17.602 -7.371  2.448   1.00 26.79 ? 122 ASP A N   1 
ATOM   1003 C  CA  . ASP A 1 122 ? -17.468 -5.952  2.108   1.00 28.85 ? 122 ASP A CA  1 
ATOM   1004 C  C   . ASP A 1 122 ? -16.419 -5.779  1.050   1.00 27.03 ? 122 ASP A C   1 
ATOM   1005 O  O   . ASP A 1 122 ? -15.877 -4.664  0.881   1.00 26.56 ? 122 ASP A O   1 
ATOM   1006 C  CB  . ASP A 1 122 ? -17.068 -5.125  3.359   1.00 29.35 ? 122 ASP A CB  1 
ATOM   1007 C  CG  . ASP A 1 122 ? -18.031 -5.303  4.548   1.00 33.28 ? 122 ASP A CG  1 
ATOM   1008 O  OD1 . ASP A 1 122 ? -17.587 -5.826  5.616   1.00 41.55 ? 122 ASP A OD1 1 
ATOM   1009 O  OD2 . ASP A 1 122 ? -19.213 -4.876  4.450   1.00 33.64 ? 122 ASP A OD2 1 
ATOM   1010 N  N   . PHE A 1 123 ? -16.100 -6.870  0.338   1.00 23.92 ? 123 PHE A N   1 
ATOM   1011 C  CA  . PHE A 1 123 ? -15.089 -6.848  -0.674  1.00 22.35 ? 123 PHE A CA  1 
ATOM   1012 C  C   . PHE A 1 123 ? -15.434 -7.806  -1.806  1.00 24.33 ? 123 PHE A C   1 
ATOM   1013 O  O   . PHE A 1 123 ? -14.596 -8.595  -2.266  1.00 26.33 ? 123 PHE A O   1 
ATOM   1014 C  CB  . PHE A 1 123 ? -13.709 -7.155  -0.076  1.00 24.11 ? 123 PHE A CB  1 
ATOM   1015 C  CG  . PHE A 1 123 ? -12.564 -6.491  -0.810  1.00 23.28 ? 123 PHE A CG  1 
ATOM   1016 C  CD1 . PHE A 1 123 ? -12.510 -5.106  -0.943  1.00 24.27 ? 123 PHE A CD1 1 
ATOM   1017 C  CD2 . PHE A 1 123 ? -11.584 -7.239  -1.380  1.00 21.04 ? 123 PHE A CD2 1 
ATOM   1018 C  CE1 . PHE A 1 123 ? -11.465 -4.499  -1.633  1.00 23.24 ? 123 PHE A CE1 1 
ATOM   1019 C  CE2 . PHE A 1 123 ? -10.542 -6.656  -2.072  1.00 25.09 ? 123 PHE A CE2 1 
ATOM   1020 C  CZ  . PHE A 1 123 ? -10.449 -5.270  -2.145  1.00 24.57 ? 123 PHE A CZ  1 
ATOM   1021 N  N   . GLY A 1 124 ? -16.682 -7.711  -2.260  1.00 24.86 ? 124 GLY A N   1 
ATOM   1022 C  CA  . GLY A 1 124 ? -17.072 -8.366  -3.492  1.00 25.29 ? 124 GLY A CA  1 
ATOM   1023 C  C   . GLY A 1 124 ? -16.549 -7.650  -4.701  1.00 25.93 ? 124 GLY A C   1 
ATOM   1024 O  O   . GLY A 1 124 ? -15.654 -6.774  -4.674  1.00 23.62 ? 124 GLY A O   1 
ATOM   1025 N  N   . ALA A 1 125 ? -17.097 -8.048  -5.830  1.00 23.21 ? 125 ALA A N   1 
ATOM   1026 C  CA  . ALA A 1 125 ? -16.538 -7.668  -7.085  1.00 24.91 ? 125 ALA A CA  1 
ATOM   1027 C  C   . ALA A 1 125 ? -16.502 -6.146  -7.377  1.00 25.12 ? 125 ALA A C   1 
ATOM   1028 O  O   . ALA A 1 125 ? -15.509 -5.631  -7.892  1.00 24.38 ? 125 ALA A O   1 
ATOM   1029 C  CB  . ALA A 1 125 ? -17.244 -8.395  -8.201  1.00 27.45 ? 125 ALA A CB  1 
ATOM   1030 N  N   . ASP A 1 126 ? -17.594 -5.484  -7.085  1.00 26.17 ? 126 ASP A N   1 
ATOM   1031 C  CA  . ASP A 1 126 ? -17.658 -4.040  -7.273  1.00 30.58 ? 126 ASP A CA  1 
ATOM   1032 C  C   . ASP A 1 126 ? -16.663 -3.286  -6.330  1.00 24.34 ? 126 ASP A C   1 
ATOM   1033 O  O   . ASP A 1 126 ? -15.935 -2.416  -6.816  1.00 23.28 ? 126 ASP A O   1 
ATOM   1034 C  CB  . ASP A 1 126 ? -19.090 -3.553  -7.159  1.00 33.12 ? 126 ASP A CB  1 
ATOM   1035 C  CG  . ASP A 1 126 ? -19.991 -4.006  -8.373  1.00 42.90 ? 126 ASP A CG  1 
ATOM   1036 O  OD1 . ASP A 1 126 ? -19.549 -4.721  -9.330  1.00 43.84 ? 126 ASP A OD1 1 
ATOM   1037 O  OD2 . ASP A 1 126 ? -21.175 -3.634  -8.341  1.00 51.21 ? 126 ASP A OD2 1 
ATOM   1038 N  N   . ALA A 1 127 ? -16.583 -3.706  -5.089  1.00 23.53 ? 127 ALA A N   1 
ATOM   1039 C  CA  . ALA A 1 127 ? -15.636 -3.170  -4.114  1.00 27.20 ? 127 ALA A CA  1 
ATOM   1040 C  C   . ALA A 1 127 ? -14.197 -3.476  -4.464  1.00 29.28 ? 127 ALA A C   1 
ATOM   1041 O  O   . ALA A 1 127 ? -13.348 -2.622  -4.394  1.00 23.28 ? 127 ALA A O   1 
ATOM   1042 C  CB  . ALA A 1 127 ? -15.941 -3.634  -2.724  1.00 26.74 ? 127 ALA A CB  1 
ATOM   1043 N  N   . GLN A 1 128 ? -13.953 -4.697  -4.924  1.00 28.32 ? 128 GLN A N   1 
ATOM   1044 C  CA  . GLN A 1 128 ? -12.640 -5.072  -5.433  1.00 26.73 ? 128 GLN A CA  1 
ATOM   1045 C  C   . GLN A 1 128 ? -12.228 -4.185  -6.611  1.00 22.11 ? 128 GLN A C   1 
ATOM   1046 O  O   . GLN A 1 128 ? -11.106 -3.680  -6.653  1.00 22.99 ? 128 GLN A O   1 
ATOM   1047 C  CB  . GLN A 1 128 ? -12.626 -6.544  -5.852  1.00 32.32 ? 128 GLN A CB  1 
ATOM   1048 C  CG  . GLN A 1 128 ? -12.756 -7.519  -4.694  1.00 42.32 ? 128 GLN A CG  1 
ATOM   1049 C  CD  . GLN A 1 128 ? -12.986 -8.945  -5.156  1.00 47.76 ? 128 GLN A CD  1 
ATOM   1050 O  OE1 . GLN A 1 128 ? -12.473 -9.363  -6.194  1.00 46.38 ? 128 GLN A OE1 1 
ATOM   1051 N  NE2 . GLN A 1 128 ? -13.760 -9.700  -4.385  1.00 49.89 ? 128 GLN A NE2 1 
ATOM   1052 N  N   . GLY A 1 129 ? -13.138 -3.999  -7.565  1.00 22.48 ? 129 GLY A N   1 
ATOM   1053 C  CA  . GLY A 1 129 ? -12.872 -3.192  -8.711  1.00 20.76 ? 129 GLY A CA  1 
ATOM   1054 C  C   . GLY A 1 129 ? -12.555 -1.733  -8.401  1.00 20.00 ? 129 GLY A C   1 
ATOM   1055 O  O   . GLY A 1 129 ? -11.653 -1.161  -9.000  1.00 22.04 ? 129 GLY A O   1 
ATOM   1056 N  N   . ALA A 1 130 ? -13.314 -1.157  -7.465  1.00 22.32 ? 130 ALA A N   1 
ATOM   1057 C  CA  . ALA A 1 130 ? -13.079 0.197   -6.947  1.00 21.01 ? 130 ALA A CA  1 
ATOM   1058 C  C   . ALA A 1 130 ? -11.703 0.283   -6.280  1.00 19.26 ? 130 ALA A C   1 
ATOM   1059 O  O   . ALA A 1 130 ? -10.925 1.209   -6.540  1.00 21.01 ? 130 ALA A O   1 
ATOM   1060 C  CB  . ALA A 1 130 ? -14.141 0.568   -5.965  1.00 19.45 ? 130 ALA A CB  1 
ATOM   1061 N  N   . MET A 1 131 ? -11.356 -0.671  -5.455  1.00 22.90 ? 131 MET A N   1 
ATOM   1062 C  CA  . MET A 1 131 ? -10.053 -0.591  -4.760  1.00 20.88 ? 131 MET A CA  1 
ATOM   1063 C  C   . MET A 1 131 ? -8.947  -0.703  -5.765  1.00 21.50 ? 131 MET A C   1 
ATOM   1064 O  O   . MET A 1 131 ? -7.964  0.025   -5.725  1.00 20.70 ? 131 MET A O   1 
ATOM   1065 C  CB  . MET A 1 131 ? -9.946  -1.641  -3.690  1.00 22.94 ? 131 MET A CB  1 
ATOM   1066 C  CG  . MET A 1 131 ? -8.657  -1.606  -2.861  1.00 22.58 ? 131 MET A CG  1 
ATOM   1067 S  SD  . MET A 1 131 ? -8.379  -0.056  -1.949  1.00 23.58 ? 131 MET A SD  1 
ATOM   1068 C  CE  . MET A 1 131 ? -9.464  -0.382  -0.644  1.00 21.82 ? 131 MET A CE  1 
ATOM   1069 N  N   . ASN A 1 132 ? -9.064  -1.634  -6.700  1.00 23.93 ? 132 ASN A N   1 
ATOM   1070 C  CA  A ASN A 1 132 ? -8.099  -1.696  -7.792  0.32 22.08 ? 132 ASN A CA  1 
ATOM   1071 C  CA  B ASN A 1 132 ? -8.112  -1.684  -7.802  0.68 22.52 ? 132 ASN A CA  1 
ATOM   1072 C  C   . ASN A 1 132 ? -7.912  -0.392  -8.578  1.00 22.29 ? 132 ASN A C   1 
ATOM   1073 O  O   . ASN A 1 132 ? -6.778  0.002   -8.885  1.00 23.11 ? 132 ASN A O   1 
ATOM   1074 C  CB  A ASN A 1 132 ? -8.429  -2.816  -8.784  0.32 24.25 ? 132 ASN A CB  1 
ATOM   1075 C  CB  B ASN A 1 132 ? -8.483  -2.810  -8.785  0.68 29.45 ? 132 ASN A CB  1 
ATOM   1076 C  CG  A ASN A 1 132 ? -7.239  -3.158  -9.637  0.32 23.46 ? 132 ASN A CG  1 
ATOM   1077 C  CG  B ASN A 1 132 ? -7.821  -4.106  -8.420  0.68 30.15 ? 132 ASN A CG  1 
ATOM   1078 O  OD1 A ASN A 1 132 ? -6.164  -3.417  -9.113  0.32 22.62 ? 132 ASN A OD1 1 
ATOM   1079 O  OD1 B ASN A 1 132 ? -6.604  -4.149  -8.195  0.68 34.84 ? 132 ASN A OD1 1 
ATOM   1080 N  ND2 A ASN A 1 132 ? -7.403  -3.112  -10.948 0.32 26.18 ? 132 ASN A ND2 1 
ATOM   1081 N  ND2 B ASN A 1 132 ? -8.598  -5.169  -8.358  0.68 35.94 ? 132 ASN A ND2 1 
ATOM   1082 N  N   . LYS A 1 133 ? -9.003  0.285   -8.928  1.00 22.21 ? 133 LYS A N   1 
ATOM   1083 C  CA  . LYS A 1 133 ? -8.864  1.541   -9.595  1.00 24.06 ? 133 LYS A CA  1 
ATOM   1084 C  C   . LYS A 1 133 ? -8.151  2.557   -8.644  1.00 20.45 ? 133 LYS A C   1 
ATOM   1085 O  O   . LYS A 1 133 ? -7.377  3.402   -9.125  1.00 20.55 ? 133 LYS A O   1 
ATOM   1086 C  CB  . LYS A 1 133 ? -10.230 2.122   -9.971  1.00 25.69 ? 133 LYS A CB  1 
ATOM   1087 C  CG  . LYS A 1 133 ? -10.942 1.436   -11.128 1.00 30.23 ? 133 LYS A CG  1 
ATOM   1088 C  CD  . LYS A 1 133 ? -12.289 2.087   -11.392 1.00 35.47 ? 133 LYS A CD  1 
ATOM   1089 C  CE  . LYS A 1 133 ? -13.000 1.399   -12.552 1.00 41.83 ? 133 LYS A CE  1 
ATOM   1090 N  NZ  . LYS A 1 133 ? -14.483 1.635   -12.578 1.00 39.84 ? 133 LYS A NZ  1 
ATOM   1091 N  N   . ALA A 1 134 ? -8.524  2.573   -7.367  1.00 19.70 ? 134 ALA A N   1 
ATOM   1092 C  CA  . ALA A 1 134 ? -7.907  3.602   -6.416  1.00 19.67 ? 134 ALA A CA  1 
ATOM   1093 C  C   . ALA A 1 134 ? -6.424  3.377   -6.288  1.00 21.37 ? 134 ALA A C   1 
ATOM   1094 O  O   . ALA A 1 134 ? -5.639  4.339   -6.358  1.00 23.48 ? 134 ALA A O   1 
ATOM   1095 C  CB  . ALA A 1 134 ? -8.526  3.551   -5.036  1.00 22.33 ? 134 ALA A CB  1 
ATOM   1096 N  N   . LEU A 1 135 ? -6.026  2.117   -6.235  1.00 20.18 ? 135 LEU A N   1 
ATOM   1097 C  CA  . LEU A 1 135 ? -4.614  1.752   -6.104  1.00 19.67 ? 135 LEU A CA  1 
ATOM   1098 C  C   . LEU A 1 135 ? -3.820  1.987   -7.426  1.00 23.13 ? 135 LEU A C   1 
ATOM   1099 O  O   . LEU A 1 135 ? -2.677  2.478   -7.433  1.00 20.64 ? 135 LEU A O   1 
ATOM   1100 C  CB  . LEU A 1 135 ? -4.445  0.354   -5.552  1.00 19.71 ? 135 LEU A CB  1 
ATOM   1101 C  CG  . LEU A 1 135 ? -4.952  0.099   -4.144  1.00 19.79 ? 135 LEU A CG  1 
ATOM   1102 C  CD1 . LEU A 1 135 ? -4.742  -1.328  -3.794  1.00 21.48 ? 135 LEU A CD1 1 
ATOM   1103 C  CD2 . LEU A 1 135 ? -4.256  0.992   -3.095  1.00 21.20 ? 135 LEU A CD2 1 
ATOM   1104 N  N   . GLU A 1 136 ? -4.471  1.705   -8.542  1.00 20.76 ? 136 GLU A N   1 
ATOM   1105 C  CA  . GLU A 1 136 ? -3.975  2.125   -9.832  1.00 24.49 ? 136 GLU A CA  1 
ATOM   1106 C  C   . GLU A 1 136 ? -3.729  3.613   -10.035 1.00 22.36 ? 136 GLU A C   1 
ATOM   1107 O  O   . GLU A 1 136 ? -2.687  3.987   -10.621 1.00 22.92 ? 136 GLU A O   1 
ATOM   1108 C  CB  . GLU A 1 136 ? -4.867  1.589   -10.956 1.00 29.80 ? 136 GLU A CB  1 
ATOM   1109 C  CG  . GLU A 1 136 ? -4.691  0.113   -11.247 1.00 39.28 ? 136 GLU A CG  1 
ATOM   1110 C  CD  . GLU A 1 136 ? -5.659  -0.450  -12.307 1.00 46.82 ? 136 GLU A CD  1 
ATOM   1111 O  OE1 . GLU A 1 136 ? -6.446  0.342   -12.903 1.00 47.41 ? 136 GLU A OE1 1 
ATOM   1112 O  OE2 . GLU A 1 136 ? -5.640  -1.701  -12.533 1.00 50.65 ? 136 GLU A OE2 1 
ATOM   1113 N  N   . LEU A 1 137 ? -4.626  4.464   -9.521  1.00 24.44 ? 137 LEU A N   1 
ATOM   1114 C  CA  . LEU A 1 137 ? -4.513  5.909   -9.667  1.00 21.37 ? 137 LEU A CA  1 
ATOM   1115 C  C   . LEU A 1 137 ? -3.306  6.388   -8.814  1.00 20.45 ? 137 LEU A C   1 
ATOM   1116 O  O   . LEU A 1 137 ? -2.492  7.194   -9.271  1.00 19.33 ? 137 LEU A O   1 
ATOM   1117 C  CB  . LEU A 1 137 ? -5.805  6.571   -9.184  1.00 22.66 ? 137 LEU A CB  1 
ATOM   1118 C  CG  . LEU A 1 137 ? -5.745  8.105   -9.110  1.00 23.22 ? 137 LEU A CG  1 
ATOM   1119 C  CD1 . LEU A 1 137 ? -5.562  8.684   -10.521 1.00 26.99 ? 137 LEU A CD1 1 
ATOM   1120 C  CD2 . LEU A 1 137 ? -6.994  8.690   -8.455  1.00 27.35 ? 137 LEU A CD2 1 
ATOM   1121 N  N   . PHE A 1 138 ? -3.227  5.850   -7.608  1.00 18.99 ? 138 PHE A N   1 
ATOM   1122 C  CA  . PHE A 1 138 ? -2.056  6.038   -6.771  1.00 18.19 ? 138 PHE A CA  1 
ATOM   1123 C  C   . PHE A 1 138 ? -0.727  5.716   -7.442  1.00 19.22 ? 138 PHE A C   1 
ATOM   1124 O  O   . PHE A 1 138 ? 0.238   6.546   -7.489  1.00 19.68 ? 138 PHE A O   1 
ATOM   1125 C  CB  . PHE A 1 138 ? -2.258  5.301   -5.489  1.00 20.15 ? 138 PHE A CB  1 
ATOM   1126 C  CG  . PHE A 1 138 ? -1.021  5.178   -4.658  1.00 20.35 ? 138 PHE A CG  1 
ATOM   1127 C  CD1 . PHE A 1 138 ? -0.515  6.278   -4.031  1.00 23.37 ? 138 PHE A CD1 1 
ATOM   1128 C  CD2 . PHE A 1 138 ? -0.398  3.949   -4.485  1.00 25.27 ? 138 PHE A CD2 1 
ATOM   1129 C  CE1 . PHE A 1 138 ? 0.628   6.148   -3.247  1.00 25.09 ? 138 PHE A CE1 1 
ATOM   1130 C  CE2 . PHE A 1 138 ? 0.749   3.821   -3.725  1.00 27.01 ? 138 PHE A CE2 1 
ATOM   1131 C  CZ  . PHE A 1 138 ? 1.252   4.933   -3.119  1.00 27.12 ? 138 PHE A CZ  1 
ATOM   1132 N  N   . ARG A 1 139 ? -0.650  4.516   -8.007  1.00 18.50 ? 139 ARG A N   1 
ATOM   1133 C  CA  . ARG A 1 139 ? 0.550   4.080   -8.715  1.00 19.58 ? 139 ARG A CA  1 
ATOM   1134 C  C   . ARG A 1 139 ? 0.894   5.007   -9.882  1.00 18.98 ? 139 ARG A C   1 
ATOM   1135 O  O   . ARG A 1 139 ? 2.051   5.387   -10.061 1.00 18.72 ? 139 ARG A O   1 
ATOM   1136 C  CB  . ARG A 1 139 ? 0.383   2.645   -9.216  1.00 19.54 ? 139 ARG A CB  1 
ATOM   1137 C  CG  . ARG A 1 139 ? 0.313   1.605   -8.109  1.00 20.50 ? 139 ARG A CG  1 
ATOM   1138 C  CD  . ARG A 1 139 ? 0.789   0.246   -8.597  1.00 22.40 ? 139 ARG A CD  1 
ATOM   1139 N  NE  . ARG A 1 139 ? -0.106  -0.318  -9.603  1.00 21.33 ? 139 ARG A NE  1 
ATOM   1140 C  CZ  . ARG A 1 139 ? -1.299  -0.839  -9.333  1.00 22.19 ? 139 ARG A CZ  1 
ATOM   1141 N  NH1 . ARG A 1 139 ? -1.745  -0.869  -8.085  1.00 21.26 ? 139 ARG A NH1 1 
ATOM   1142 N  NH2 . ARG A 1 139 ? -2.046  -1.331  -10.312 1.00 23.69 ? 139 ARG A NH2 1 
ATOM   1143 N  N   . LYS A 1 140 ? -0.114  5.362   -10.673 1.00 22.02 ? 140 LYS A N   1 
ATOM   1144 C  CA  . LYS A 1 140 ? 0.082   6.209   -11.840 1.00 22.05 ? 140 LYS A CA  1 
ATOM   1145 C  C   . LYS A 1 140 ? 0.625   7.552   -11.434 1.00 23.28 ? 140 LYS A C   1 
ATOM   1146 O  O   . LYS A 1 140 ? 1.575   8.076   -12.039 1.00 21.05 ? 140 LYS A O   1 
ATOM   1147 C  CB  . LYS A 1 140 ? -1.279  6.452   -12.521 1.00 26.94 ? 140 LYS A CB  1 
ATOM   1148 C  CG  . LYS A 1 140 ? -1.230  7.174   -13.852 1.00 31.58 ? 140 LYS A CG  1 
ATOM   1149 C  CD  . LYS A 1 140 ? -2.636  7.162   -14.488 1.00 35.26 ? 140 LYS A CD  1 
ATOM   1150 C  CE  . LYS A 1 140 ? -3.203  8.559   -14.566 0.90 36.71 ? 140 LYS A CE  1 
ATOM   1151 N  NZ  . LYS A 1 140 ? -3.441  9.091   -13.190 0.34 36.74 ? 140 LYS A NZ  1 
ATOM   1152 N  N   . ASP A 1 141 ? -0.002  8.131   -10.426 1.00 21.01 ? 141 ASP A N   1 
ATOM   1153 C  CA  . ASP A 1 141 ? 0.416   9.446   -9.970  1.00 23.89 ? 141 ASP A CA  1 
ATOM   1154 C  C   . ASP A 1 141 ? 1.794   9.428   -9.354  1.00 21.62 ? 141 ASP A C   1 
ATOM   1155 O  O   . ASP A 1 141 ? 2.591   10.311  -9.617  1.00 24.51 ? 141 ASP A O   1 
ATOM   1156 C  CB  . ASP A 1 141 ? -0.605  10.118  -9.063  1.00 25.73 ? 141 ASP A CB  1 
ATOM   1157 C  CG  . ASP A 1 141 ? -1.873  10.619  -9.851  1.00 31.48 ? 141 ASP A CG  1 
ATOM   1158 O  OD1 . ASP A 1 141 ? -1.895  10.588  -11.113 1.00 31.69 ? 141 ASP A OD1 1 
ATOM   1159 O  OD2 . ASP A 1 141 ? -2.893  10.919  -9.184  1.00 30.86 ? 141 ASP A OD2 1 
ATOM   1160 N  N   . ILE A 1 142 ? 2.114   8.406   -8.583  1.00 21.37 ? 142 ILE A N   1 
ATOM   1161 C  CA  . ILE A 1 142 ? 3.445   8.319   -7.987  1.00 23.80 ? 142 ILE A CA  1 
ATOM   1162 C  C   . ILE A 1 142 ? 4.516   8.075   -9.028  1.00 22.11 ? 142 ILE A C   1 
ATOM   1163 O  O   . ILE A 1 142 ? 5.633   8.647   -8.943  1.00 21.59 ? 142 ILE A O   1 
ATOM   1164 C  CB  . ILE A 1 142 ? 3.501   7.385   -6.773  1.00 24.64 ? 142 ILE A CB  1 
ATOM   1165 C  CG1 . ILE A 1 142 ? 4.404   8.007   -5.690  1.00 33.19 ? 142 ILE A CG1 1 
ATOM   1166 C  CG2 . ILE A 1 142 ? 3.897   6.034   -7.146  1.00 26.11 ? 142 ILE A CG2 1 
ATOM   1167 C  CD1 . ILE A 1 142 ? 4.774   7.045   -4.597  1.00 32.02 ? 142 ILE A CD1 1 
ATOM   1168 N  N   . ALA A 1 143 ? 4.195   7.303   -10.074 1.00 19.04 ? 143 ALA A N   1 
ATOM   1169 C  CA  . ALA A 1 143 ? 5.145   7.127   -11.145 1.00 19.72 ? 143 ALA A CA  1 
ATOM   1170 C  C   . ALA A 1 143 ? 5.497   8.390   -11.910 1.00 21.01 ? 143 ALA A C   1 
ATOM   1171 O  O   . ALA A 1 143 ? 6.638   8.569   -12.267 1.00 23.09 ? 143 ALA A O   1 
ATOM   1172 C  CB  . ALA A 1 143 ? 4.689   6.013   -12.134 1.00 21.32 ? 143 ALA A CB  1 
ATOM   1173 N  N   . ALA A 1 144 ? 4.531   9.274   -12.127 1.00 22.28 ? 144 ALA A N   1 
ATOM   1174 C  CA  . ALA A 1 144 ? 4.774   10.525  -12.800 1.00 21.56 ? 144 ALA A CA  1 
ATOM   1175 C  C   . ALA A 1 144 ? 5.679   11.370  -11.886 1.00 21.85 ? 144 ALA A C   1 
ATOM   1176 O  O   . ALA A 1 144 ? 6.587   12.000  -12.344 1.00 20.68 ? 144 ALA A O   1 
ATOM   1177 C  CB  . ALA A 1 144 ? 3.465   11.224  -13.083 1.00 23.04 ? 144 ALA A CB  1 
ATOM   1178 N  N   . LYS A 1 145 ? 5.409   11.345  -10.585 1.00 21.85 ? 145 LYS A N   1 
ATOM   1179 C  CA  . LYS A 1 145 ? 6.242   12.063  -9.628  1.00 24.16 ? 145 LYS A CA  1 
ATOM   1180 C  C   . LYS A 1 145 ? 7.686   11.574  -9.712  1.00 20.60 ? 145 LYS A C   1 
ATOM   1181 O  O   . LYS A 1 145 ? 8.613   12.362  -9.907  1.00 20.82 ? 145 LYS A O   1 
ATOM   1182 C  CB  . LYS A 1 145 ? 5.706   11.884  -8.207  1.00 24.28 ? 145 LYS A CB  1 
ATOM   1183 C  CG  . LYS A 1 145 ? 5.745   13.149  -7.365  1.00 34.61 ? 145 LYS A CG  1 
ATOM   1184 C  CD  . LYS A 1 145 ? 7.155   13.447  -6.882  0.25 35.51 ? 145 LYS A CD  1 
ATOM   1185 C  CE  . LYS A 1 145 ? 7.217   14.776  -6.146  1.00 41.93 ? 145 LYS A CE  1 
ATOM   1186 N  N   . TYR A 1 146 ? 7.864   10.266  -9.564  1.00 20.19 ? 146 TYR A N   1 
ATOM   1187 C  CA  . TYR A 1 146 ? 9.168   9.634   -9.660  1.00 19.23 ? 146 TYR A CA  1 
ATOM   1188 C  C   . TYR A 1 146 ? 9.985   10.154  -10.818 1.00 21.36 ? 146 TYR A C   1 
ATOM   1189 O  O   . TYR A 1 146 ? 11.138  10.516  -10.661 1.00 22.11 ? 146 TYR A O   1 
ATOM   1190 C  CB  . TYR A 1 146 ? 9.022   8.125   -9.908  1.00 19.56 ? 146 TYR A CB  1 
ATOM   1191 C  CG  . TYR A 1 146 ? 8.811   7.231   -8.708  1.00 19.78 ? 146 TYR A CG  1 
ATOM   1192 C  CD1 . TYR A 1 146 ? 8.585   7.727   -7.405  1.00 22.48 ? 146 TYR A CD1 1 
ATOM   1193 C  CD2 . TYR A 1 146 ? 8.889   5.863   -8.858  1.00 22.77 ? 146 TYR A CD2 1 
ATOM   1194 C  CE1 . TYR A 1 146 ? 8.450   6.870   -6.323  1.00 22.49 ? 146 TYR A CE1 1 
ATOM   1195 C  CE2 . TYR A 1 146 ? 8.767   4.987   -7.768  1.00 25.27 ? 146 TYR A CE2 1 
ATOM   1196 C  CZ  . TYR A 1 146 ? 8.582   5.503   -6.487  1.00 25.52 ? 146 TYR A CZ  1 
ATOM   1197 O  OH  . TYR A 1 146 ? 8.460   4.649   -5.408  1.00 25.44 ? 146 TYR A OH  1 
ATOM   1198 N  N   . LYS A 1 147 ? 9.388   10.155  -12.009 1.00 19.74 ? 147 LYS A N   1 
ATOM   1199 C  CA  . LYS A 1 147 ? 10.069  10.703  -13.162 1.00 21.21 ? 147 LYS A CA  1 
ATOM   1200 C  C   . LYS A 1 147 ? 10.412  12.164  -13.014 1.00 20.13 ? 147 LYS A C   1 
ATOM   1201 O  O   . LYS A 1 147 ? 11.496  12.534  -13.385 1.00 23.05 ? 147 LYS A O   1 
ATOM   1202 C  CB  . LYS A 1 147 ? 9.248   10.507  -14.435 1.00 23.31 ? 147 LYS A CB  1 
ATOM   1203 C  CG  . LYS A 1 147 ? 9.168   9.037   -14.843 1.00 27.62 ? 147 LYS A CG  1 
ATOM   1204 C  CD  . LYS A 1 147 ? 8.657   8.852   -16.295 1.00 37.50 ? 147 LYS A CD  1 
ATOM   1205 C  CE  . LYS A 1 147 ? 8.326   7.383   -16.601 1.00 43.47 ? 147 LYS A CE  1 
ATOM   1206 N  NZ  . LYS A 1 147 ? 7.247   6.799   -15.742 1.00 48.48 ? 147 LYS A NZ  1 
ATOM   1207 N  N   . GLU A 1 148 ? 9.538   12.968  -12.455 1.00 21.44 ? 148 GLU A N   1 
ATOM   1208 C  CA  . GLU A 1 148 ? 9.837   14.394  -12.206 1.00 24.79 ? 148 GLU A CA  1 
ATOM   1209 C  C   . GLU A 1 148 ? 11.095  14.571  -11.388 1.00 24.99 ? 148 GLU A C   1 
ATOM   1210 O  O   . GLU A 1 148 ? 11.848  15.514  -11.625 1.00 23.27 ? 148 GLU A O   1 
ATOM   1211 C  CB  . GLU A 1 148 ? 8.716   15.186  -11.476 1.00 27.79 ? 148 GLU A CB  1 
ATOM   1212 C  CG  . GLU A 1 148 ? 7.409   15.306  -12.154 1.00 35.73 ? 148 GLU A CG  1 
ATOM   1213 C  CD  . GLU A 1 148 ? 6.525   16.416  -11.556 1.00 42.65 ? 148 GLU A CD  1 
ATOM   1214 O  OE1 . GLU A 1 148 ? 5.458   16.649  -12.207 1.00 45.46 ? 148 GLU A OE1 1 
ATOM   1215 O  OE2 . GLU A 1 148 ? 6.899   17.059  -10.508 1.00 38.20 ? 148 GLU A OE2 1 
ATOM   1216 N  N   . LEU A 1 149 ? 11.295  13.640  -10.447 1.00 25.07 ? 149 LEU A N   1 
ATOM   1217 C  CA  . LEU A 1 149 ? 12.441  13.571  -9.548  1.00 23.98 ? 149 LEU A CA  1 
ATOM   1218 C  C   . LEU A 1 149 ? 13.635  12.886  -10.162 1.00 25.79 ? 149 LEU A C   1 
ATOM   1219 O  O   . LEU A 1 149 ? 14.710  12.799  -9.555  1.00 25.82 ? 149 LEU A O   1 
ATOM   1220 C  CB  . LEU A 1 149 ? 12.049  12.905  -8.217  1.00 26.20 ? 149 LEU A CB  1 
ATOM   1221 C  CG  . LEU A 1 149 ? 11.010  13.692  -7.384  1.00 28.00 ? 149 LEU A CG  1 
ATOM   1222 C  CD1 . LEU A 1 149 ? 10.382  12.714  -6.383  1.00 30.12 ? 149 LEU A CD1 1 
ATOM   1223 C  CD2 . LEU A 1 149 ? 11.596  14.958  -6.760  1.00 28.63 ? 149 LEU A CD2 1 
ATOM   1224 N  N   . GLY A 1 150 ? 13.484  12.455  -11.415 1.00 24.44 ? 150 GLY A N   1 
ATOM   1225 C  CA  . GLY A 1 150 ? 14.575  11.812  -12.171 1.00 23.66 ? 150 GLY A CA  1 
ATOM   1226 C  C   . GLY A 1 150 ? 14.756  10.321  -11.922 1.00 26.87 ? 150 GLY A C   1 
ATOM   1227 O  O   . GLY A 1 150 ? 15.784  9.717   -12.234 1.00 29.68 ? 150 GLY A O   1 
ATOM   1228 N  N   . TYR A 1 151 ? 13.760  9.683   -11.361 1.00 26.31 ? 151 TYR A N   1 
ATOM   1229 C  CA  . TYR A 1 151 ? 13.914  8.322   -10.929 1.00 27.14 ? 151 TYR A CA  1 
ATOM   1230 C  C   . TYR A 1 151 ? 13.140  7.463   -11.853 1.00 31.74 ? 151 TYR A C   1 
ATOM   1231 O  O   . TYR A 1 151 ? 11.905  7.692   -12.006 1.00 28.99 ? 151 TYR A O   1 
ATOM   1232 C  CB  . TYR A 1 151 ? 13.398  8.103   -9.506  1.00 27.10 ? 151 TYR A CB  1 
ATOM   1233 C  CG  . TYR A 1 151 ? 13.423  6.651   -9.094  1.00 33.26 ? 151 TYR A CG  1 
ATOM   1234 C  CD1 . TYR A 1 151 ? 14.623  5.886   -9.117  1.00 36.40 ? 151 TYR A CD1 1 
ATOM   1235 C  CD2 . TYR A 1 151 ? 12.253  6.028   -8.642  1.00 28.95 ? 151 TYR A CD2 1 
ATOM   1236 C  CE1 . TYR A 1 151 ? 14.611  4.522   -8.729  1.00 36.90 ? 151 TYR A CE1 1 
ATOM   1237 C  CE2 . TYR A 1 151 ? 12.244  4.698   -8.270  1.00 33.41 ? 151 TYR A CE2 1 
ATOM   1238 C  CZ  . TYR A 1 151 ? 13.424  3.938   -8.314  1.00 35.16 ? 151 TYR A CZ  1 
ATOM   1239 O  OH  . TYR A 1 151 ? 13.295  2.593   -7.923  1.00 32.62 ? 151 TYR A OH  1 
ATOM   1240 N  N   A GLN A 1 152 ? 13.758  6.399   -12.360 0.52 33.07 ? 152 GLN A N   1 
ATOM   1241 N  N   B GLN A 1 152 ? 13.971  6.639   -12.532 0.48 35.94 ? 152 GLN A N   1 
ATOM   1242 C  CA  A GLN A 1 152 ? 13.017  5.311   -13.014 0.52 38.96 ? 152 GLN A CA  1 
ATOM   1243 C  CA  B GLN A 1 152 ? 13.747  5.526   -13.502 0.48 42.62 ? 152 GLN A CA  1 
ATOM   1244 C  C   A GLN A 1 152 ? 12.531  5.976   -14.269 0.52 37.36 ? 152 GLN A C   1 
ATOM   1245 C  C   B GLN A 1 152 ? 13.358  5.972   -14.906 0.48 45.91 ? 152 GLN A C   1 
ATOM   1246 O  O   A GLN A 1 152 ? 11.464  6.599   -14.271 0.52 45.06 ? 152 GLN A O   1 
ATOM   1247 O  O   B GLN A 1 152 ? 12.554  5.328   -15.591 0.48 49.90 ? 152 GLN A O   1 
ATOM   1248 C  CB  A GLN A 1 152 ? 11.825  4.810   -12.139 0.52 34.44 ? 152 GLN A CB  1 
ATOM   1249 C  CB  B GLN A 1 152 ? 12.880  4.383   -12.937 0.48 44.79 ? 152 GLN A CB  1 
ATOM   1250 C  CG  A GLN A 1 152 ? 11.729  3.315   -11.842 0.52 35.56 ? 152 GLN A CG  1 
ATOM   1251 C  CG  B GLN A 1 152 ? 13.593  3.625   -11.818 0.48 43.95 ? 152 GLN A CG  1 
ATOM   1252 C  CD  A GLN A 1 152 ? 10.294  2.851   -11.728 0.52 33.56 ? 152 GLN A CD  1 
ATOM   1253 C  CD  B GLN A 1 152 ? 14.834  2.872   -12.280 0.48 44.17 ? 152 GLN A CD  1 
ATOM   1254 O  OE1 A GLN A 1 152 ? 9.382   3.615   -11.988 0.52 37.60 ? 152 GLN A OE1 1 
ATOM   1255 O  OE1 B GLN A 1 152 ? 14.849  1.647   -12.277 0.48 44.51 ? 152 GLN A OE1 1 
ATOM   1256 N  NE2 A GLN A 1 152 ? 10.088  1.594   -11.401 0.52 31.05 ? 152 GLN A NE2 1 
ATOM   1257 N  NE2 B GLN A 1 152 ? 15.876  3.598   -12.665 0.48 42.51 ? 152 GLN A NE2 1 
ATOM   1258 N  N   A GLY A 1 153 ? 13.336  5.907   -15.331 0.52 38.99 ? 153 GLY A N   1 
ATOM   1259 N  N   B GLY A 1 153 ? 14.008  7.050   -15.346 0.48 44.10 ? 153 GLY A N   1 
ATOM   1260 C  CA  A GLY A 1 153 ? 13.082  6.724   -16.517 0.52 38.03 ? 153 GLY A CA  1 
ATOM   1261 C  CA  B GLY A 1 153 ? 13.645  7.715   -16.577 0.48 43.52 ? 153 GLY A CA  1 
ATOM   1262 C  C   A GLY A 1 153 ? 12.340  8.015   -16.212 0.52 32.62 ? 153 GLY A C   1 
ATOM   1263 C  C   B GLY A 1 153 ? 12.150  7.919   -16.622 0.48 38.61 ? 153 GLY A C   1 
ATOM   1264 O  O   A GLY A 1 153 ? 12.926  9.110   -16.108 0.52 30.19 ? 153 GLY A O   1 
ATOM   1265 O  O   B GLY A 1 153 ? 11.394  6.972   -16.808 0.48 36.47 ? 153 GLY A O   1 
HETATM 1266 C  CHA . HEM B 2 .   ? 9.079   4.406   4.673   1.00 23.91 ? 201 HEM A CHA 1 
HETATM 1267 C  CHB . HEM B 2 .   ? 4.520   4.865   3.040   1.00 21.53 ? 201 HEM A CHB 1 
HETATM 1268 C  CHC . HEM B 2 .   ? 5.479   1.315   -0.229  1.00 24.59 ? 201 HEM A CHC 1 
HETATM 1269 C  CHD . HEM B 2 .   ? 9.688   0.309   1.901   1.00 27.31 ? 201 HEM A CHD 1 
HETATM 1270 C  C1A . HEM B 2 .   ? 7.735   4.889   4.442   1.00 21.94 ? 201 HEM A C1A 1 
HETATM 1271 C  C2A . HEM B 2 .   ? 7.169   5.935   5.259   1.00 21.07 ? 201 HEM A C2A 1 
HETATM 1272 C  C3A . HEM B 2 .   ? 5.818   6.083   4.802   1.00 20.91 ? 201 HEM A C3A 1 
HETATM 1273 C  C4A . HEM B 2 .   ? 5.757   5.031   3.757   1.00 21.38 ? 201 HEM A C4A 1 
HETATM 1274 C  CMA . HEM B 2 .   ? 4.759   7.030   5.253   1.00 19.98 ? 201 HEM A CMA 1 
HETATM 1275 C  CAA . HEM B 2 .   ? 7.872   6.734   6.339   1.00 21.71 ? 201 HEM A CAA 1 
HETATM 1276 C  CBA . HEM B 2 .   ? 8.165   8.099   5.748   1.00 22.35 ? 201 HEM A CBA 1 
HETATM 1277 C  CGA . HEM B 2 .   ? 8.967   8.090   4.492   1.00 25.59 ? 201 HEM A CGA 1 
HETATM 1278 O  O1A . HEM B 2 .   ? 8.512   8.593   3.439   1.00 26.09 ? 201 HEM A O1A 1 
HETATM 1279 O  O2A . HEM B 2 .   ? 10.175  7.540   4.538   1.00 26.76 ? 201 HEM A O2A 1 
HETATM 1280 C  C1B . HEM B 2 .   ? 4.303   3.858   2.053   1.00 22.87 ? 201 HEM A C1B 1 
HETATM 1281 C  C2B . HEM B 2 .   ? 3.009   3.689   1.348   1.00 22.07 ? 201 HEM A C2B 1 
HETATM 1282 C  C3B . HEM B 2 .   ? 3.351   2.611   0.422   1.00 22.62 ? 201 HEM A C3B 1 
HETATM 1283 C  C4B . HEM B 2 .   ? 4.667   2.053   0.720   1.00 20.63 ? 201 HEM A C4B 1 
HETATM 1284 C  CMB . HEM B 2 .   ? 1.790   4.521   1.576   1.00 20.99 ? 201 HEM A CMB 1 
HETATM 1285 C  CAB . HEM B 2 .   ? 2.405   1.861   -0.470  1.00 25.09 ? 201 HEM A CAB 1 
HETATM 1286 C  CBB . HEM B 2 .   ? 1.066   1.906   -0.473  1.00 25.87 ? 201 HEM A CBB 1 
HETATM 1287 C  C1C . HEM B 2 .   ? 6.766   0.729   0.120   1.00 24.74 ? 201 HEM A C1C 1 
HETATM 1288 C  C2C . HEM B 2 .   ? 7.147   -0.530  -0.577  1.00 25.39 ? 201 HEM A C2C 1 
HETATM 1289 C  C3C . HEM B 2 .   ? 8.410   -0.849  0.015   1.00 25.66 ? 201 HEM A C3C 1 
HETATM 1290 C  C4C . HEM B 2 .   ? 8.592   0.201   1.043   1.00 27.63 ? 201 HEM A C4C 1 
HETATM 1291 C  CMC . HEM B 2 .   ? 6.439   -1.248  -1.691  1.00 28.77 ? 201 HEM A CMC 1 
HETATM 1292 C  CAC . HEM B 2 .   ? 9.153   -2.113  -0.425  1.00 33.94 ? 201 HEM A CAC 1 
HETATM 1293 C  CBC . HEM B 2 .   ? 10.253  -2.533  0.153   1.00 40.20 ? 201 HEM A CBC 1 
HETATM 1294 C  C1D . HEM B 2 .   ? 9.924   1.592   2.456   1.00 25.31 ? 201 HEM A C1D 1 
HETATM 1295 C  C2D . HEM B 2 .   ? 11.083  1.637   3.339   1.00 27.70 ? 201 HEM A C2D 1 
HETATM 1296 C  C3D . HEM B 2 .   ? 10.984  2.737   4.276   1.00 28.49 ? 201 HEM A C3D 1 
HETATM 1297 C  C4D . HEM B 2 .   ? 9.642   3.270   4.010   1.00 26.74 ? 201 HEM A C4D 1 
HETATM 1298 C  CMD . HEM B 2 .   ? 12.244  0.663   3.176   1.00 29.06 ? 201 HEM A CMD 1 
HETATM 1299 C  CAD . HEM B 2 .   ? 11.963  3.163   5.295   1.00 30.08 ? 201 HEM A CAD 1 
HETATM 1300 C  CBD . HEM B 2 .   ? 11.431  2.475   6.536   1.00 34.23 ? 201 HEM A CBD 1 
HETATM 1301 C  CGD . HEM B 2 .   ? 12.208  2.698   7.808   1.00 43.51 ? 201 HEM A CGD 1 
HETATM 1302 O  O1D . HEM B 2 .   ? 12.447  3.831   8.211   1.00 45.95 ? 201 HEM A O1D 1 
HETATM 1303 O  O2D . HEM B 2 .   ? 12.587  1.623   8.519   1.00 54.86 ? 201 HEM A O2D 1 
HETATM 1304 N  NA  . HEM B 2 .   ? 6.867   4.312   3.623   1.00 22.72 ? 201 HEM A NA  1 
HETATM 1305 N  NB  . HEM B 2 .   ? 5.246   3.002   1.666   1.00 19.80 ? 201 HEM A NB  1 
HETATM 1306 N  NC  . HEM B 2 .   ? 7.621   1.136   1.115   1.00 22.07 ? 201 HEM A NC  1 
HETATM 1307 N  ND  . HEM B 2 .   ? 9.004   2.576   3.086   1.00 24.08 ? 201 HEM A ND  1 
HETATM 1308 FE FE  . HEM B 2 .   ? 7.205   2.861   2.165   1.00 22.69 ? 201 HEM A FE  1 
HETATM 1309 CL CL2 . T6C C 3 .   ? 5.854   -1.201  2.384   1.00 52.00 ? 202 T6C A CL2 1 
HETATM 1310 C  C2  . T6C C 3 .   ? 6.948   -0.781  3.721   1.00 55.33 ? 202 T6C A C2  1 
HETATM 1311 C  C1  . T6C C 3 .   ? 7.970   -1.743  4.110   1.00 54.83 ? 202 T6C A C1  1 
HETATM 1312 C  C6  . T6C C 3 .   ? 8.830   -1.379  5.217   1.00 55.78 ? 202 T6C A C6  1 
HETATM 1313 CL CL6 . T6C C 3 .   ? 10.101  -2.451  5.774   1.00 66.58 ? 202 T6C A CL6 1 
HETATM 1314 O  O1  . T6C C 3 .   ? 8.115   -2.912  3.463   1.00 64.09 ? 202 T6C A O1  1 
HETATM 1315 C  C3  . T6C C 3 .   ? 6.839   0.419   4.387   1.00 51.88 ? 202 T6C A C3  1 
HETATM 1316 C  C4  . T6C C 3 .   ? 7.685   0.670   5.440   1.00 53.41 ? 202 T6C A C4  1 
HETATM 1317 CL CL4 . T6C C 3 .   ? 7.542   2.154   6.357   1.00 55.43 ? 202 T6C A CL4 1 
HETATM 1318 C  C5  . T6C C 3 .   ? 8.665   -0.189  5.858   1.00 53.83 ? 202 T6C A C5  1 
HETATM 1319 O  O   . HOH D 4 .   ? -7.190  -6.983  -8.243  1.00 51.98 ? 301 HOH A O   1 
HETATM 1320 O  O   . HOH D 4 .   ? 2.027   -16.363 5.777   1.00 45.85 ? 302 HOH A O   1 
HETATM 1321 O  O   . HOH D 4 .   ? -4.321  -2.291  -8.029  1.00 35.10 ? 303 HOH A O   1 
HETATM 1322 O  O   . HOH D 4 .   ? -10.684 -5.934  -9.443  1.00 45.73 ? 304 HOH A O   1 
HETATM 1323 O  O   . HOH D 4 .   ? 0.889   0.000   -11.855 1.00 33.11 ? 305 HOH A O   1 
HETATM 1324 O  O   . HOH D 4 .   ? 7.038   10.626  3.298   1.00 31.40 ? 306 HOH A O   1 
HETATM 1325 O  O   . HOH D 4 .   ? -6.709  12.400  3.990   1.00 24.61 ? 307 HOH A O   1 
HETATM 1326 O  O   . HOH D 4 .   ? 5.021   -4.269  -13.944 1.00 33.10 ? 308 HOH A O   1 
HETATM 1327 O  O   . HOH D 4 .   ? 10.079  19.388  -2.585  1.00 37.49 ? 309 HOH A O   1 
HETATM 1328 O  O   . HOH D 4 .   ? 14.061  -5.439  13.148  1.00 44.56 ? 310 HOH A O   1 
HETATM 1329 O  O   . HOH D 4 .   ? 2.076   11.149  2.400   1.00 28.43 ? 311 HOH A O   1 
HETATM 1330 O  O   . HOH D 4 .   ? 15.331  1.056   -8.242  1.00 38.27 ? 312 HOH A O   1 
HETATM 1331 O  O   . HOH D 4 .   ? -10.987 -2.151  17.036  1.00 36.29 ? 313 HOH A O   1 
HETATM 1332 O  O   . HOH D 4 .   ? -19.066 -9.725  -0.921  1.00 35.83 ? 314 HOH A O   1 
HETATM 1333 O  O   . HOH D 4 .   ? -6.839  8.944   -3.369  1.00 21.15 ? 315 HOH A O   1 
HETATM 1334 O  O   . HOH D 4 .   ? 11.091  3.291   17.307  1.00 70.00 ? 316 HOH A O   1 
HETATM 1335 O  O   . HOH D 4 .   ? 4.915   7.988   -15.727 1.00 37.58 ? 317 HOH A O   1 
HETATM 1336 O  O   . HOH D 4 .   ? 15.665  3.448   3.066   1.00 41.30 ? 318 HOH A O   1 
HETATM 1337 O  O   . HOH D 4 .   ? -4.011  -3.112  -11.040 1.00 40.59 ? 319 HOH A O   1 
HETATM 1338 O  O   . HOH D 4 .   ? 15.454  -17.724 13.596  1.00 34.32 ? 320 HOH A O   1 
HETATM 1339 O  O   . HOH D 4 .   ? 1.377   -3.402  11.163  1.00 23.52 ? 321 HOH A O   1 
HETATM 1340 O  O   . HOH D 4 .   ? -20.441 -7.653  -0.862  1.00 36.67 ? 322 HOH A O   1 
HETATM 1341 O  O   . HOH D 4 .   ? 9.685   13.079  2.087   1.00 27.70 ? 323 HOH A O   1 
HETATM 1342 O  O   . HOH D 4 .   ? 9.435   -19.059 14.975  1.00 25.87 ? 324 HOH A O   1 
HETATM 1343 O  O   . HOH D 4 .   ? -16.620 -1.160  -9.036  1.00 36.95 ? 325 HOH A O   1 
HETATM 1344 O  O   . HOH D 4 .   ? -4.136  -9.765  -4.879  1.00 27.51 ? 326 HOH A O   1 
HETATM 1345 O  O   . HOH D 4 .   ? 12.309  -7.307  14.199  1.00 33.55 ? 327 HOH A O   1 
HETATM 1346 O  O   . HOH D 4 .   ? -13.189 2.068   11.707  1.00 40.05 ? 328 HOH A O   1 
HETATM 1347 O  O   . HOH D 4 .   ? 10.551  -11.491 15.863  1.00 33.73 ? 329 HOH A O   1 
HETATM 1348 O  O   . HOH D 4 .   ? 7.858   2.639   10.975  1.00 32.94 ? 330 HOH A O   1 
HETATM 1349 O  O   . HOH D 4 .   ? 4.992   -7.826  13.337  1.00 24.77 ? 331 HOH A O   1 
HETATM 1350 O  O   . HOH D 4 .   ? -12.672 4.946   5.556   1.00 28.64 ? 332 HOH A O   1 
HETATM 1351 O  O   . HOH D 4 .   ? 1.830   12.823  -10.234 1.00 31.64 ? 333 HOH A O   1 
HETATM 1352 O  O   . HOH D 4 .   ? 4.650   -14.789 17.023  1.00 31.14 ? 334 HOH A O   1 
HETATM 1353 O  O   . HOH D 4 .   ? -4.651  7.676   8.028   1.00 28.29 ? 335 HOH A O   1 
HETATM 1354 O  O   . HOH D 4 .   ? 3.169   18.217  0.060   1.00 32.79 ? 336 HOH A O   1 
HETATM 1355 O  O   . HOH D 4 .   ? -3.672  -13.312 9.697   1.00 41.64 ? 337 HOH A O   1 
HETATM 1356 O  O   . HOH D 4 .   ? -5.348  12.112  -9.144  1.00 34.57 ? 338 HOH A O   1 
HETATM 1357 O  O   . HOH D 4 .   ? 2.250   7.875   -14.689 1.00 25.07 ? 339 HOH A O   1 
HETATM 1358 O  O   . HOH D 4 .   ? -15.365 -11.245 7.586   1.00 28.70 ? 340 HOH A O   1 
HETATM 1359 O  O   . HOH D 4 .   ? -12.127 -14.608 1.991   1.00 42.53 ? 341 HOH A O   1 
HETATM 1360 O  O   . HOH D 4 .   ? -12.885 13.164  -5.622  1.00 41.76 ? 342 HOH A O   1 
HETATM 1361 O  O   . HOH D 4 .   ? 9.181   -0.984  -11.783 1.00 33.58 ? 343 HOH A O   1 
HETATM 1362 O  O   . HOH D 4 .   ? -0.335  -12.525 5.613   1.00 26.63 ? 344 HOH A O   1 
HETATM 1363 O  O   . HOH D 4 .   ? 15.492  -13.825 11.780  1.00 52.52 ? 345 HOH A O   1 
HETATM 1364 O  O   . HOH D 4 .   ? -19.713 10.094  -9.172  1.00 46.47 ? 346 HOH A O   1 
HETATM 1365 O  O   . HOH D 4 .   ? -18.085 4.828   2.597   1.00 33.39 ? 347 HOH A O   1 
HETATM 1366 O  O   . HOH D 4 .   ? 2.664   -17.785 12.666  1.00 39.09 ? 348 HOH A O   1 
HETATM 1367 O  O   . HOH D 4 .   ? 13.160  -17.047 17.222  1.00 38.98 ? 349 HOH A O   1 
HETATM 1368 O  O   . HOH D 4 .   ? -12.022 -5.005  10.969  1.00 40.10 ? 350 HOH A O   1 
HETATM 1369 O  O   . HOH D 4 .   ? -6.803  9.131   7.623   1.00 35.88 ? 351 HOH A O   1 
HETATM 1370 O  O   . HOH D 4 .   ? -5.140  -11.928 6.414   1.00 33.44 ? 352 HOH A O   1 
HETATM 1371 O  O   . HOH D 4 .   ? 8.739   17.359  -5.203  1.00 39.53 ? 353 HOH A O   1 
HETATM 1372 O  O   . HOH D 4 .   ? 10.600  -7.049  17.939  1.00 43.68 ? 354 HOH A O   1 
HETATM 1373 O  O   . HOH D 4 .   ? -3.559  16.915  -1.808  1.00 34.08 ? 355 HOH A O   1 
HETATM 1374 O  O   . HOH D 4 .   ? -6.829  -4.486  17.130  1.00 51.39 ? 356 HOH A O   1 
HETATM 1375 O  O   . HOH D 4 .   ? 6.534   16.837  -14.802 1.00 43.25 ? 357 HOH A O   1 
HETATM 1376 O  O   . HOH D 4 .   ? 2.177   -9.385  -3.038  1.00 36.99 ? 358 HOH A O   1 
HETATM 1377 O  O   . HOH D 4 .   ? -11.088 15.102  -1.630  1.00 38.50 ? 359 HOH A O   1 
HETATM 1378 O  O   . HOH D 4 .   ? -16.905 -2.086  0.334   1.00 28.80 ? 360 HOH A O   1 
HETATM 1379 O  O   . HOH D 4 .   ? -3.554  -15.254 3.708   1.00 35.63 ? 361 HOH A O   1 
HETATM 1380 O  O   . HOH D 4 .   ? -7.662  3.772   13.416  1.00 40.67 ? 362 HOH A O   1 
HETATM 1381 O  O   . HOH D 4 .   ? 8.348   6.121   -12.869 1.00 38.86 ? 363 HOH A O   1 
HETATM 1382 O  O   . HOH D 4 .   ? -7.217  -1.875  17.367  1.00 35.62 ? 364 HOH A O   1 
HETATM 1383 O  O   . HOH D 4 .   ? -13.025 11.046  2.714   1.00 37.01 ? 365 HOH A O   1 
HETATM 1384 O  O   . HOH D 4 .   ? -21.612 7.289   -7.973  1.00 37.35 ? 366 HOH A O   1 
HETATM 1385 O  O   . HOH D 4 .   ? 12.449  9.314   4.607   1.00 39.83 ? 367 HOH A O   1 
HETATM 1386 O  O   . HOH D 4 .   ? -16.984 -0.342  7.547   1.00 33.09 ? 368 HOH A O   1 
HETATM 1387 O  O   . HOH D 4 .   ? -7.563  4.223   -11.893 1.00 27.20 ? 369 HOH A O   1 
HETATM 1388 O  O   . HOH D 4 .   ? -0.509  10.269  3.174   1.00 24.16 ? 370 HOH A O   1 
HETATM 1389 O  O   . HOH D 4 .   ? -0.719  -15.818 2.309   1.00 35.33 ? 371 HOH A O   1 
HETATM 1390 O  O   . HOH D 4 .   ? 2.469   7.186   8.221   1.00 27.79 ? 372 HOH A O   1 
HETATM 1391 O  O   . HOH D 4 .   ? -5.886  7.137   -5.571  1.00 28.02 ? 373 HOH A O   1 
HETATM 1392 O  O   . HOH D 4 .   ? 6.890   -19.975 9.029   1.00 32.26 ? 374 HOH A O   1 
HETATM 1393 O  O   . HOH D 4 .   ? -0.327  -11.079 -2.919  1.00 27.77 ? 375 HOH A O   1 
HETATM 1394 O  O   . HOH D 4 .   ? -18.888 -5.273  -4.163  1.00 26.99 ? 376 HOH A O   1 
HETATM 1395 O  O   . HOH D 4 .   ? -6.605  0.274   14.726  1.00 29.59 ? 377 HOH A O   1 
HETATM 1396 O  O   . HOH D 4 .   ? -17.109 -10.625 5.656   1.00 37.08 ? 378 HOH A O   1 
HETATM 1397 O  O   . HOH D 4 .   ? -4.002  -1.438  15.540  1.00 27.09 ? 379 HOH A O   1 
HETATM 1398 O  O   . HOH D 4 .   ? -18.970 -5.939  -1.439  1.00 27.04 ? 380 HOH A O   1 
HETATM 1399 O  O   . HOH D 4 .   ? -2.260  -12.052 -4.300  1.00 47.88 ? 381 HOH A O   1 
HETATM 1400 O  O   . HOH D 4 .   ? 11.716  -5.222  16.220  1.00 33.67 ? 382 HOH A O   1 
HETATM 1401 O  O   . HOH D 4 .   ? 15.941  13.926  -6.994  1.00 51.11 ? 383 HOH A O   1 
HETATM 1402 O  O   . HOH D 4 .   ? -3.705  -6.556  16.299  1.00 39.27 ? 384 HOH A O   1 
HETATM 1403 O  O   . HOH D 4 .   ? 7.795   20.029  -10.671 1.00 52.02 ? 385 HOH A O   1 
HETATM 1404 O  O   . HOH D 4 .   ? -8.053  9.683   10.235  1.00 44.37 ? 386 HOH A O   1 
HETATM 1405 O  O   . HOH D 4 .   ? -11.310 14.674  0.539   1.00 45.77 ? 387 HOH A O   1 
HETATM 1406 O  O   . HOH D 4 .   ? 0.027   -13.385 8.219   1.00 38.03 ? 388 HOH A O   1 
HETATM 1407 O  O   . HOH D 4 .   ? 0.269   12.701  -12.563 1.00 51.98 ? 389 HOH A O   1 
HETATM 1408 O  O   . HOH D 4 .   ? 2.066   2.884   -12.404 1.00 49.21 ? 390 HOH A O   1 
HETATM 1409 O  O   . HOH D 4 .   ? -17.059 4.662   5.282   1.00 45.91 ? 391 HOH A O   1 
HETATM 1410 O  O   . HOH D 4 .   ? 9.040   -15.662 17.394  1.00 34.68 ? 392 HOH A O   1 
HETATM 1411 O  O   . HOH D 4 .   ? 7.685   20.558  -7.625  1.00 43.61 ? 393 HOH A O   1 
HETATM 1412 O  O   . HOH D 4 .   ? -19.272 -3.627  0.167   1.00 32.15 ? 394 HOH A O   1 
HETATM 1413 O  O   . HOH D 4 .   ? 1.070   -14.356 4.139   1.00 30.97 ? 395 HOH A O   1 
HETATM 1414 O  O   . HOH D 4 .   ? -9.331  13.630  4.111   1.00 36.36 ? 396 HOH A O   1 
HETATM 1415 O  O   . HOH D 4 .   ? 6.723   -15.487 18.872  1.00 45.71 ? 397 HOH A O   1 
HETATM 1416 O  O   . HOH D 4 .   ? 10.537  -17.834 17.050  1.00 33.76 ? 398 HOH A O   1 
HETATM 1417 O  O   . HOH D 4 .   ? 1.934   13.740  3.694   1.00 33.59 ? 399 HOH A O   1 
HETATM 1418 O  O   . HOH D 4 .   ? 1.393   9.502   7.365   1.00 44.11 ? 400 HOH A O   1 
HETATM 1419 O  O   . HOH D 4 .   ? 12.538  -9.434  15.834  1.00 39.54 ? 401 HOH A O   1 
HETATM 1420 O  O   . HOH D 4 .   ? 4.330   10.829  3.800   1.00 38.96 ? 402 HOH A O   1 
HETATM 1421 O  O   . HOH D 4 .   ? -0.772  11.087  5.872   1.00 45.81 ? 403 HOH A O   1 
HETATM 1422 O  O   . HOH D 4 .   ? -11.060 12.867  5.421   1.00 45.25 ? 404 HOH A O   1 
HETATM 1423 O  O   . HOH D 4 .   ? -6.913  11.666  6.630   1.00 30.71 ? 405 HOH A O   1 
HETATM 1424 O  O   . HOH D 4 .   ? -17.549 7.404   2.210   1.00 40.40 ? 406 HOH A O   1 
HETATM 1425 O  O   . HOH D 4 .   ? -16.113 8.185   4.590   1.00 44.87 ? 407 HOH A O   1 
# 
loop_
_pdbx_poly_seq_scheme.asym_id 
_pdbx_poly_seq_scheme.entity_id 
_pdbx_poly_seq_scheme.seq_id 
_pdbx_poly_seq_scheme.mon_id 
_pdbx_poly_seq_scheme.ndb_seq_num 
_pdbx_poly_seq_scheme.pdb_seq_num 
_pdbx_poly_seq_scheme.auth_seq_num 
_pdbx_poly_seq_scheme.pdb_mon_id 
_pdbx_poly_seq_scheme.auth_mon_id 
_pdbx_poly_seq_scheme.pdb_strand_id 
_pdbx_poly_seq_scheme.pdb_ins_code 
_pdbx_poly_seq_scheme.hetero 
A 1 1   VAL 1   1   1   VAL VAL A . n 
A 1 2   LEU 2   2   2   LEU LEU A . n 
A 1 3   SER 3   3   3   SER SER A . n 
A 1 4   GLU 4   4   4   GLU GLU A . n 
A 1 5   GLY 5   5   5   GLY GLY A . n 
A 1 6   GLU 6   6   6   GLU GLU A . n 
A 1 7   TRP 7   7   7   TRP TRP A . n 
A 1 8   GLN 8   8   8   GLN GLN A . n 
A 1 9   LEU 9   9   9   LEU LEU A . n 
A 1 10  VAL 10  10  10  VAL VAL A . n 
A 1 11  LEU 11  11  11  LEU LEU A . n 
A 1 12  HIS 12  12  12  HIS HIS A . n 
A 1 13  VAL 13  13  13  VAL VAL A . n 
A 1 14  TRP 14  14  14  TRP TRP A . n 
A 1 15  ALA 15  15  15  ALA ALA A . n 
A 1 16  LYS 16  16  16  LYS LYS A . n 
A 1 17  VAL 17  17  17  VAL VAL A . n 
A 1 18  GLU 18  18  18  GLU GLU A . n 
A 1 19  ALA 19  19  19  ALA ALA A . n 
A 1 20  ASP 20  20  20  ASP ASP A . n 
A 1 21  VAL 21  21  21  VAL VAL A . n 
A 1 22  ALA 22  22  22  ALA ALA A . n 
A 1 23  GLY 23  23  23  GLY GLY A . n 
A 1 24  HIS 24  24  24  HIS HIS A . n 
A 1 25  GLY 25  25  25  GLY GLY A . n 
A 1 26  GLN 26  26  26  GLN GLN A . n 
A 1 27  ASP 27  27  27  ASP ASP A . n 
A 1 28  ILE 28  28  28  ILE ILE A . n 
A 1 29  LEU 29  29  29  LEU LEU A . n 
A 1 30  ILE 30  30  30  ILE ILE A . n 
A 1 31  ARG 31  31  31  ARG ARG A . n 
A 1 32  LEU 32  32  32  LEU LEU A . n 
A 1 33  PHE 33  33  33  PHE PHE A . n 
A 1 34  LYS 34  34  34  LYS LYS A . n 
A 1 35  SER 35  35  35  SER SER A . n 
A 1 36  HIS 36  36  36  HIS HIS A . n 
A 1 37  PRO 37  37  37  PRO PRO A . n 
A 1 38  GLU 38  38  38  GLU GLU A . n 
A 1 39  THR 39  39  39  THR THR A . n 
A 1 40  LEU 40  40  40  LEU LEU A . n 
A 1 41  GLU 41  41  41  GLU GLU A . n 
A 1 42  LYS 42  42  42  LYS LYS A . n 
A 1 43  TYR 43  43  43  TYR TYR A . n 
A 1 44  ASP 44  44  44  ASP ASP A . n 
A 1 45  ARG 45  45  45  ARG ARG A . n 
A 1 46  PHE 46  46  46  PHE PHE A . n 
A 1 47  LYS 47  47  47  LYS LYS A . n 
A 1 48  HIS 48  48  48  HIS HIS A . n 
A 1 49  LEU 49  49  49  LEU LEU A . n 
A 1 50  LYS 50  50  50  LYS LYS A . n 
A 1 51  THR 51  51  51  THR THR A . n 
A 1 52  GLU 52  52  52  GLU GLU A . n 
A 1 53  ALA 53  53  53  ALA ALA A . n 
A 1 54  GLU 54  54  54  GLU GLU A . n 
A 1 55  MET 55  55  55  MET MET A . n 
A 1 56  LYS 56  56  56  LYS LYS A . n 
A 1 57  ALA 57  57  57  ALA ALA A . n 
A 1 58  SER 58  58  58  SER SER A . n 
A 1 59  GLU 59  59  59  GLU GLU A . n 
A 1 60  ASP 60  60  60  ASP ASP A . n 
A 1 61  LEU 61  61  61  LEU LEU A . n 
A 1 62  LYS 62  62  62  LYS LYS A . n 
A 1 63  LYS 63  63  63  LYS LYS A . n 
A 1 64  ASP 64  64  64  ASP ASP A . n 
A 1 65  GLY 65  65  65  GLY GLY A . n 
A 1 66  VAL 66  66  66  VAL VAL A . n 
A 1 67  THR 67  67  67  THR THR A . n 
A 1 68  VAL 68  68  68  VAL VAL A . n 
A 1 69  LEU 69  69  69  LEU LEU A . n 
A 1 70  THR 70  70  70  THR THR A . n 
A 1 71  ALA 71  71  71  ALA ALA A . n 
A 1 72  LEU 72  72  72  LEU LEU A . n 
A 1 73  GLY 73  73  73  GLY GLY A . n 
A 1 74  ALA 74  74  74  ALA ALA A . n 
A 1 75  ILE 75  75  75  ILE ILE A . n 
A 1 76  LEU 76  76  76  LEU LEU A . n 
A 1 77  LYS 77  77  77  LYS LYS A . n 
A 1 78  LYS 78  78  78  LYS LYS A . n 
A 1 79  LYS 79  79  79  LYS LYS A . n 
A 1 80  GLY 80  80  80  GLY GLY A . n 
A 1 81  HIS 81  81  81  HIS HIS A . n 
A 1 82  HIS 82  82  82  HIS HIS A . n 
A 1 83  GLU 83  83  83  GLU GLU A . n 
A 1 84  ALA 84  84  84  ALA ALA A . n 
A 1 85  GLU 85  85  85  GLU GLU A . n 
A 1 86  LEU 86  86  86  LEU LEU A . n 
A 1 87  LYS 87  87  87  LYS LYS A . n 
A 1 88  PRO 88  88  88  PRO PRO A . n 
A 1 89  LEU 89  89  89  LEU LEU A . n 
A 1 90  ALA 90  90  90  ALA ALA A . n 
A 1 91  GLN 91  91  91  GLN GLN A . n 
A 1 92  SER 92  92  92  SER SER A . n 
A 1 93  HIS 93  93  93  HIS HIS A . n 
A 1 94  ALA 94  94  94  ALA ALA A . n 
A 1 95  THR 95  95  95  THR THR A . n 
A 1 96  LYS 96  96  96  LYS LYS A . n 
A 1 97  HIS 97  97  97  HIS HIS A . n 
A 1 98  LYS 98  98  98  LYS LYS A . n 
A 1 99  ILE 99  99  99  ILE ILE A . n 
A 1 100 PRO 100 100 100 PRO PRO A . n 
A 1 101 ILE 101 101 101 ILE ILE A . n 
A 1 102 LYS 102 102 102 LYS LYS A . n 
A 1 103 TYR 103 103 103 TYR TYR A . n 
A 1 104 LEU 104 104 104 LEU LEU A . n 
A 1 105 GLU 105 105 105 GLU GLU A . n 
A 1 106 PHE 106 106 106 PHE PHE A . n 
A 1 107 ILE 107 107 107 ILE ILE A . n 
A 1 108 SER 108 108 108 SER SER A . n 
A 1 109 GLU 109 109 109 GLU GLU A . n 
A 1 110 ALA 110 110 110 ALA ALA A . n 
A 1 111 ILE 111 111 111 ILE ILE A . n 
A 1 112 ILE 112 112 112 ILE ILE A . n 
A 1 113 HIS 113 113 113 HIS HIS A . n 
A 1 114 VAL 114 114 114 VAL VAL A . n 
A 1 115 LEU 115 115 115 LEU LEU A . n 
A 1 116 HIS 116 116 116 HIS HIS A . n 
A 1 117 SER 117 117 117 SER SER A . n 
A 1 118 ARG 118 118 118 ARG ARG A . n 
A 1 119 HIS 119 119 119 HIS HIS A . n 
A 1 120 PRO 120 120 120 PRO PRO A . n 
A 1 121 GLY 121 121 121 GLY GLY A . n 
A 1 122 ASP 122 122 122 ASP ASP A . n 
A 1 123 PHE 123 123 123 PHE PHE A . n 
A 1 124 GLY 124 124 124 GLY GLY A . n 
A 1 125 ALA 125 125 125 ALA ALA A . n 
A 1 126 ASP 126 126 126 ASP ASP A . n 
A 1 127 ALA 127 127 127 ALA ALA A . n 
A 1 128 GLN 128 128 128 GLN GLN A . n 
A 1 129 GLY 129 129 129 GLY GLY A . n 
A 1 130 ALA 130 130 130 ALA ALA A . n 
A 1 131 MET 131 131 131 MET MET A . n 
A 1 132 ASN 132 132 132 ASN ASN A . n 
A 1 133 LYS 133 133 133 LYS LYS A . n 
A 1 134 ALA 134 134 134 ALA ALA A . n 
A 1 135 LEU 135 135 135 LEU LEU A . n 
A 1 136 GLU 136 136 136 GLU GLU A . n 
A 1 137 LEU 137 137 137 LEU LEU A . n 
A 1 138 PHE 138 138 138 PHE PHE A . n 
A 1 139 ARG 139 139 139 ARG ARG A . n 
A 1 140 LYS 140 140 140 LYS LYS A . n 
A 1 141 ASP 141 141 141 ASP ASP A . n 
A 1 142 ILE 142 142 142 ILE ILE A . n 
A 1 143 ALA 143 143 143 ALA ALA A . n 
A 1 144 ALA 144 144 144 ALA ALA A . n 
A 1 145 LYS 145 145 145 LYS LYS A . n 
A 1 146 TYR 146 146 146 TYR TYR A . n 
A 1 147 LYS 147 147 147 LYS LYS A . n 
A 1 148 GLU 148 148 148 GLU GLU A . n 
A 1 149 LEU 149 149 149 LEU LEU A . n 
A 1 150 GLY 150 150 150 GLY GLY A . n 
A 1 151 TYR 151 151 151 TYR TYR A . n 
A 1 152 GLN 152 152 152 GLN GLN A . n 
A 1 153 GLY 153 153 153 GLY GLY A . n 
# 
loop_
_pdbx_nonpoly_scheme.asym_id 
_pdbx_nonpoly_scheme.entity_id 
_pdbx_nonpoly_scheme.mon_id 
_pdbx_nonpoly_scheme.ndb_seq_num 
_pdbx_nonpoly_scheme.pdb_seq_num 
_pdbx_nonpoly_scheme.auth_seq_num 
_pdbx_nonpoly_scheme.pdb_mon_id 
_pdbx_nonpoly_scheme.auth_mon_id 
_pdbx_nonpoly_scheme.pdb_strand_id 
_pdbx_nonpoly_scheme.pdb_ins_code 
B 2 HEM 1   201 1   HEM HEM A . 
C 3 T6C 1   202 1   T6C T6C A . 
D 4 HOH 1   301 72  HOH HOH A . 
D 4 HOH 2   302 95  HOH HOH A . 
D 4 HOH 3   303 45  HOH HOH A . 
D 4 HOH 4   304 69  HOH HOH A . 
D 4 HOH 5   305 20  HOH HOH A . 
D 4 HOH 6   306 94  HOH HOH A . 
D 4 HOH 7   307 9   HOH HOH A . 
D 4 HOH 8   308 46  HOH HOH A . 
D 4 HOH 9   309 56  HOH HOH A . 
D 4 HOH 10  310 66  HOH HOH A . 
D 4 HOH 11  311 4   HOH HOH A . 
D 4 HOH 12  312 47  HOH HOH A . 
D 4 HOH 13  313 79  HOH HOH A . 
D 4 HOH 14  314 49  HOH HOH A . 
D 4 HOH 15  315 3   HOH HOH A . 
D 4 HOH 16  316 104 HOH HOH A . 
D 4 HOH 17  317 36  HOH HOH A . 
D 4 HOH 18  318 90  HOH HOH A . 
D 4 HOH 19  319 50  HOH HOH A . 
D 4 HOH 20  320 57  HOH HOH A . 
D 4 HOH 21  321 1   HOH HOH A . 
D 4 HOH 22  322 59  HOH HOH A . 
D 4 HOH 23  323 86  HOH HOH A . 
D 4 HOH 24  324 34  HOH HOH A . 
D 4 HOH 25  325 52  HOH HOH A . 
D 4 HOH 26  326 63  HOH HOH A . 
D 4 HOH 27  327 51  HOH HOH A . 
D 4 HOH 28  328 82  HOH HOH A . 
D 4 HOH 29  329 35  HOH HOH A . 
D 4 HOH 30  330 25  HOH HOH A . 
D 4 HOH 31  331 2   HOH HOH A . 
D 4 HOH 32  332 28  HOH HOH A . 
D 4 HOH 33  333 85  HOH HOH A . 
D 4 HOH 34  334 13  HOH HOH A . 
D 4 HOH 35  335 5   HOH HOH A . 
D 4 HOH 36  336 55  HOH HOH A . 
D 4 HOH 37  337 64  HOH HOH A . 
D 4 HOH 38  338 27  HOH HOH A . 
D 4 HOH 39  339 33  HOH HOH A . 
D 4 HOH 40  340 12  HOH HOH A . 
D 4 HOH 41  341 29  HOH HOH A . 
D 4 HOH 42  342 92  HOH HOH A . 
D 4 HOH 43  343 14  HOH HOH A . 
D 4 HOH 44  344 21  HOH HOH A . 
D 4 HOH 45  345 41  HOH HOH A . 
D 4 HOH 46  346 99  HOH HOH A . 
D 4 HOH 47  347 43  HOH HOH A . 
D 4 HOH 48  348 88  HOH HOH A . 
D 4 HOH 49  349 62  HOH HOH A . 
D 4 HOH 50  350 58  HOH HOH A . 
D 4 HOH 51  351 87  HOH HOH A . 
D 4 HOH 52  352 24  HOH HOH A . 
D 4 HOH 53  353 97  HOH HOH A . 
D 4 HOH 54  354 76  HOH HOH A . 
D 4 HOH 55  355 40  HOH HOH A . 
D 4 HOH 56  356 98  HOH HOH A . 
D 4 HOH 57  357 109 HOH HOH A . 
D 4 HOH 58  358 67  HOH HOH A . 
D 4 HOH 59  359 100 HOH HOH A . 
D 4 HOH 60  360 31  HOH HOH A . 
D 4 HOH 61  361 78  HOH HOH A . 
D 4 HOH 62  362 53  HOH HOH A . 
D 4 HOH 63  363 73  HOH HOH A . 
D 4 HOH 64  364 44  HOH HOH A . 
D 4 HOH 65  365 84  HOH HOH A . 
D 4 HOH 66  366 77  HOH HOH A . 
D 4 HOH 67  367 60  HOH HOH A . 
D 4 HOH 68  368 26  HOH HOH A . 
D 4 HOH 69  369 17  HOH HOH A . 
D 4 HOH 70  370 8   HOH HOH A . 
D 4 HOH 71  371 68  HOH HOH A . 
D 4 HOH 72  372 6   HOH HOH A . 
D 4 HOH 73  373 22  HOH HOH A . 
D 4 HOH 74  374 11  HOH HOH A . 
D 4 HOH 75  375 32  HOH HOH A . 
D 4 HOH 76  376 108 HOH HOH A . 
D 4 HOH 77  377 16  HOH HOH A . 
D 4 HOH 78  378 23  HOH HOH A . 
D 4 HOH 79  379 7   HOH HOH A . 
D 4 HOH 80  380 19  HOH HOH A . 
D 4 HOH 81  381 83  HOH HOH A . 
D 4 HOH 82  382 18  HOH HOH A . 
D 4 HOH 83  383 91  HOH HOH A . 
D 4 HOH 84  384 61  HOH HOH A . 
D 4 HOH 85  385 96  HOH HOH A . 
D 4 HOH 86  386 65  HOH HOH A . 
D 4 HOH 87  387 101 HOH HOH A . 
D 4 HOH 88  388 81  HOH HOH A . 
D 4 HOH 89  389 106 HOH HOH A . 
D 4 HOH 90  390 103 HOH HOH A . 
D 4 HOH 91  391 71  HOH HOH A . 
D 4 HOH 92  392 75  HOH HOH A . 
D 4 HOH 93  393 102 HOH HOH A . 
D 4 HOH 94  394 15  HOH HOH A . 
D 4 HOH 95  395 54  HOH HOH A . 
D 4 HOH 96  396 107 HOH HOH A . 
D 4 HOH 97  397 74  HOH HOH A . 
D 4 HOH 98  398 30  HOH HOH A . 
D 4 HOH 99  399 39  HOH HOH A . 
D 4 HOH 100 400 42  HOH HOH A . 
D 4 HOH 101 401 80  HOH HOH A . 
D 4 HOH 102 402 38  HOH HOH A . 
D 4 HOH 103 403 48  HOH HOH A . 
D 4 HOH 104 404 105 HOH HOH A . 
D 4 HOH 105 405 37  HOH HOH A . 
D 4 HOH 106 406 89  HOH HOH A . 
D 4 HOH 107 407 70  HOH HOH A . 
# 
_pdbx_struct_assembly.id                   1 
_pdbx_struct_assembly.details              author_and_software_defined_assembly 
_pdbx_struct_assembly.method_details       PISA 
_pdbx_struct_assembly.oligomeric_details   monomeric 
_pdbx_struct_assembly.oligomeric_count     1 
# 
_pdbx_struct_assembly_gen.assembly_id       1 
_pdbx_struct_assembly_gen.oper_expression   1 
_pdbx_struct_assembly_gen.asym_id_list      A,B,C,D 
# 
loop_
_pdbx_struct_assembly_prop.biol_id 
_pdbx_struct_assembly_prop.type 
_pdbx_struct_assembly_prop.value 
_pdbx_struct_assembly_prop.details 
1 'ABSA (A^2)' 1100 ? 
1 MORE         -19  ? 
1 'SSA (A^2)'  7890 ? 
# 
_pdbx_struct_oper_list.id                   1 
_pdbx_struct_oper_list.type                 'identity operation' 
_pdbx_struct_oper_list.name                 1_555 
_pdbx_struct_oper_list.symmetry_operation   x,y,z 
_pdbx_struct_oper_list.matrix[1][1]         1.0000000000 
_pdbx_struct_oper_list.matrix[1][2]         0.0000000000 
_pdbx_struct_oper_list.matrix[1][3]         0.0000000000 
_pdbx_struct_oper_list.vector[1]            0.0000000000 
_pdbx_struct_oper_list.matrix[2][1]         0.0000000000 
_pdbx_struct_oper_list.matrix[2][2]         1.0000000000 
_pdbx_struct_oper_list.matrix[2][3]         0.0000000000 
_pdbx_struct_oper_list.vector[2]            0.0000000000 
_pdbx_struct_oper_list.matrix[3][1]         0.0000000000 
_pdbx_struct_oper_list.matrix[3][2]         0.0000000000 
_pdbx_struct_oper_list.matrix[3][3]         1.0000000000 
_pdbx_struct_oper_list.vector[3]            0.0000000000 
# 
loop_
_pdbx_struct_conn_angle.id 
_pdbx_struct_conn_angle.ptnr1_label_atom_id 
_pdbx_struct_conn_angle.ptnr1_label_alt_id 
_pdbx_struct_conn_angle.ptnr1_label_asym_id 
_pdbx_struct_conn_angle.ptnr1_label_comp_id 
_pdbx_struct_conn_angle.ptnr1_label_seq_id 
_pdbx_struct_conn_angle.ptnr1_auth_atom_id 
_pdbx_struct_conn_angle.ptnr1_auth_asym_id 
_pdbx_struct_conn_angle.ptnr1_auth_comp_id 
_pdbx_struct_conn_angle.ptnr1_auth_seq_id 
_pdbx_struct_conn_angle.ptnr1_PDB_ins_code 
_pdbx_struct_conn_angle.ptnr1_symmetry 
_pdbx_struct_conn_angle.ptnr2_label_atom_id 
_pdbx_struct_conn_angle.ptnr2_label_alt_id 
_pdbx_struct_conn_angle.ptnr2_label_asym_id 
_pdbx_struct_conn_angle.ptnr2_label_comp_id 
_pdbx_struct_conn_angle.ptnr2_label_seq_id 
_pdbx_struct_conn_angle.ptnr2_auth_atom_id 
_pdbx_struct_conn_angle.ptnr2_auth_asym_id 
_pdbx_struct_conn_angle.ptnr2_auth_comp_id 
_pdbx_struct_conn_angle.ptnr2_auth_seq_id 
_pdbx_struct_conn_angle.ptnr2_PDB_ins_code 
_pdbx_struct_conn_angle.ptnr2_symmetry 
_pdbx_struct_conn_angle.ptnr3_label_atom_id 
_pdbx_struct_conn_angle.ptnr3_label_alt_id 
_pdbx_struct_conn_angle.ptnr3_label_asym_id 
_pdbx_struct_conn_angle.ptnr3_label_comp_id 
_pdbx_struct_conn_angle.ptnr3_label_seq_id 
_pdbx_struct_conn_angle.ptnr3_auth_atom_id 
_pdbx_struct_conn_angle.ptnr3_auth_asym_id 
_pdbx_struct_conn_angle.ptnr3_auth_comp_id 
_pdbx_struct_conn_angle.ptnr3_auth_seq_id 
_pdbx_struct_conn_angle.ptnr3_PDB_ins_code 
_pdbx_struct_conn_angle.ptnr3_symmetry 
_pdbx_struct_conn_angle.value 
_pdbx_struct_conn_angle.value_esd 
1  NE2 ? A HIS 93 ? A HIS 93  ? 1_555 FE ? B HEM . ? A HEM 201 ? 1_555 NA ? B HEM . ? A HEM 201 ? 1_555 90.2  ? 
2  NE2 ? A HIS 93 ? A HIS 93  ? 1_555 FE ? B HEM . ? A HEM 201 ? 1_555 NB ? B HEM . ? A HEM 201 ? 1_555 93.6  ? 
3  NA  ? B HEM .  ? A HEM 201 ? 1_555 FE ? B HEM . ? A HEM 201 ? 1_555 NB ? B HEM . ? A HEM 201 ? 1_555 88.1  ? 
4  NE2 ? A HIS 93 ? A HIS 93  ? 1_555 FE ? B HEM . ? A HEM 201 ? 1_555 NC ? B HEM . ? A HEM 201 ? 1_555 102.0 ? 
5  NA  ? B HEM .  ? A HEM 201 ? 1_555 FE ? B HEM . ? A HEM 201 ? 1_555 NC ? B HEM . ? A HEM 201 ? 1_555 166.2 ? 
6  NB  ? B HEM .  ? A HEM 201 ? 1_555 FE ? B HEM . ? A HEM 201 ? 1_555 NC ? B HEM . ? A HEM 201 ? 1_555 97.3  ? 
7  NE2 ? A HIS 93 ? A HIS 93  ? 1_555 FE ? B HEM . ? A HEM 201 ? 1_555 ND ? B HEM . ? A HEM 201 ? 1_555 98.2  ? 
8  NA  ? B HEM .  ? A HEM 201 ? 1_555 FE ? B HEM . ? A HEM 201 ? 1_555 ND ? B HEM . ? A HEM 201 ? 1_555 85.7  ? 
9  NB  ? B HEM .  ? A HEM 201 ? 1_555 FE ? B HEM . ? A HEM 201 ? 1_555 ND ? B HEM . ? A HEM 201 ? 1_555 166.6 ? 
10 NC  ? B HEM .  ? A HEM 201 ? 1_555 FE ? B HEM . ? A HEM 201 ? 1_555 ND ? B HEM . ? A HEM 201 ? 1_555 86.3  ? 
# 
loop_
_pdbx_audit_revision_history.ordinal 
_pdbx_audit_revision_history.data_content_type 
_pdbx_audit_revision_history.major_revision 
_pdbx_audit_revision_history.minor_revision 
_pdbx_audit_revision_history.revision_date 
1 'Structure model' 1 0 2018-10-03 
2 'Structure model' 1 1 2023-11-22 
# 
_pdbx_audit_revision_details.ordinal             1 
_pdbx_audit_revision_details.revision_ordinal    1 
_pdbx_audit_revision_details.data_content_type   'Structure model' 
_pdbx_audit_revision_details.provider            repository 
_pdbx_audit_revision_details.type                'Initial release' 
_pdbx_audit_revision_details.description         ? 
_pdbx_audit_revision_details.details             ? 
# 
loop_
_pdbx_audit_revision_group.ordinal 
_pdbx_audit_revision_group.revision_ordinal 
_pdbx_audit_revision_group.data_content_type 
_pdbx_audit_revision_group.group 
1 2 'Structure model' 'Data collection'        
2 2 'Structure model' 'Database references'    
3 2 'Structure model' 'Refinement description' 
# 
loop_
_pdbx_audit_revision_category.ordinal 
_pdbx_audit_revision_category.revision_ordinal 
_pdbx_audit_revision_category.data_content_type 
_pdbx_audit_revision_category.category 
1 2 'Structure model' chem_comp_atom                
2 2 'Structure model' chem_comp_bond                
3 2 'Structure model' database_2                    
4 2 'Structure model' pdbx_initial_refinement_model 
# 
loop_
_pdbx_audit_revision_item.ordinal 
_pdbx_audit_revision_item.revision_ordinal 
_pdbx_audit_revision_item.data_content_type 
_pdbx_audit_revision_item.item 
1 2 'Structure model' '_database_2.pdbx_DOI'                
2 2 'Structure model' '_database_2.pdbx_database_accession' 
# 
loop_
_software.citation_id 
_software.classification 
_software.compiler_name 
_software.compiler_version 
_software.contact_author 
_software.contact_author_email 
_software.date 
_software.description 
_software.dependencies 
_software.hardware 
_software.language 
_software.location 
_software.mods 
_software.name 
_software.os 
_software.os_version 
_software.type 
_software.version 
_software.pdbx_ordinal 
? refinement       ? ? ? ? ? ? ? ? ? ? ? REFMAC   ? ? ? 5.7.0032 1 
? 'data reduction' ? ? ? ? ? ? ? ? ? ? ? HKL-3000 ? ? ? .        2 
? 'data scaling'   ? ? ? ? ? ? ? ? ? ? ? HKL-3000 ? ? ? .        3 
? phasing          ? ? ? ? ? ? ? ? ? ? ? HKL-3000 ? ? ? .        4 
# 
loop_
_pdbx_validate_torsion.id 
_pdbx_validate_torsion.PDB_model_num 
_pdbx_validate_torsion.auth_comp_id 
_pdbx_validate_torsion.auth_asym_id 
_pdbx_validate_torsion.auth_seq_id 
_pdbx_validate_torsion.PDB_ins_code 
_pdbx_validate_torsion.label_alt_id 
_pdbx_validate_torsion.phi 
_pdbx_validate_torsion.psi 
1 1 LYS A 42  ? ? -81.33  42.74  
2 1 ARG A 45  ? ? -8.29   -72.79 
3 1 PHE A 123 ? ? -146.95 47.76  
4 1 GLN A 152 ? A 69.23   89.74  
5 1 GLN A 152 ? B 75.94   39.64  
# 
_pdbx_validate_peptide_omega.id               1 
_pdbx_validate_peptide_omega.PDB_model_num    1 
_pdbx_validate_peptide_omega.auth_comp_id_1   TYR 
_pdbx_validate_peptide_omega.auth_asym_id_1   A 
_pdbx_validate_peptide_omega.auth_seq_id_1    43 
_pdbx_validate_peptide_omega.PDB_ins_code_1   ? 
_pdbx_validate_peptide_omega.label_alt_id_1   ? 
_pdbx_validate_peptide_omega.auth_comp_id_2   ASP 
_pdbx_validate_peptide_omega.auth_asym_id_2   A 
_pdbx_validate_peptide_omega.auth_seq_id_2    44 
_pdbx_validate_peptide_omega.PDB_ins_code_2   ? 
_pdbx_validate_peptide_omega.label_alt_id_2   ? 
_pdbx_validate_peptide_omega.omega            148.71 
# 
_pdbx_unobs_or_zero_occ_atoms.id               1 
_pdbx_unobs_or_zero_occ_atoms.PDB_model_num    1 
_pdbx_unobs_or_zero_occ_atoms.polymer_flag     Y 
_pdbx_unobs_or_zero_occ_atoms.occupancy_flag   1 
_pdbx_unobs_or_zero_occ_atoms.auth_asym_id     A 
_pdbx_unobs_or_zero_occ_atoms.auth_comp_id     LYS 
_pdbx_unobs_or_zero_occ_atoms.auth_seq_id      145 
_pdbx_unobs_or_zero_occ_atoms.PDB_ins_code     ? 
_pdbx_unobs_or_zero_occ_atoms.auth_atom_id     NZ 
_pdbx_unobs_or_zero_occ_atoms.label_alt_id     ? 
_pdbx_unobs_or_zero_occ_atoms.label_asym_id    A 
_pdbx_unobs_or_zero_occ_atoms.label_comp_id    LYS 
_pdbx_unobs_or_zero_occ_atoms.label_seq_id     145 
_pdbx_unobs_or_zero_occ_atoms.label_atom_id    NZ 
# 
loop_
_chem_comp_atom.comp_id 
_chem_comp_atom.atom_id 
_chem_comp_atom.type_symbol 
_chem_comp_atom.pdbx_aromatic_flag 
_chem_comp_atom.pdbx_stereo_config 
_chem_comp_atom.pdbx_ordinal 
ALA N    N  N N 1   
ALA CA   C  N S 2   
ALA C    C  N N 3   
ALA O    O  N N 4   
ALA CB   C  N N 5   
ALA OXT  O  N N 6   
ALA H    H  N N 7   
ALA H2   H  N N 8   
ALA HA   H  N N 9   
ALA HB1  H  N N 10  
ALA HB2  H  N N 11  
ALA HB3  H  N N 12  
ALA HXT  H  N N 13  
ARG N    N  N N 14  
ARG CA   C  N S 15  
ARG C    C  N N 16  
ARG O    O  N N 17  
ARG CB   C  N N 18  
ARG CG   C  N N 19  
ARG CD   C  N N 20  
ARG NE   N  N N 21  
ARG CZ   C  N N 22  
ARG NH1  N  N N 23  
ARG NH2  N  N N 24  
ARG OXT  O  N N 25  
ARG H    H  N N 26  
ARG H2   H  N N 27  
ARG HA   H  N N 28  
ARG HB2  H  N N 29  
ARG HB3  H  N N 30  
ARG HG2  H  N N 31  
ARG HG3  H  N N 32  
ARG HD2  H  N N 33  
ARG HD3  H  N N 34  
ARG HE   H  N N 35  
ARG HH11 H  N N 36  
ARG HH12 H  N N 37  
ARG HH21 H  N N 38  
ARG HH22 H  N N 39  
ARG HXT  H  N N 40  
ASN N    N  N N 41  
ASN CA   C  N S 42  
ASN C    C  N N 43  
ASN O    O  N N 44  
ASN CB   C  N N 45  
ASN CG   C  N N 46  
ASN OD1  O  N N 47  
ASN ND2  N  N N 48  
ASN OXT  O  N N 49  
ASN H    H  N N 50  
ASN H2   H  N N 51  
ASN HA   H  N N 52  
ASN HB2  H  N N 53  
ASN HB3  H  N N 54  
ASN HD21 H  N N 55  
ASN HD22 H  N N 56  
ASN HXT  H  N N 57  
ASP N    N  N N 58  
ASP CA   C  N S 59  
ASP C    C  N N 60  
ASP O    O  N N 61  
ASP CB   C  N N 62  
ASP CG   C  N N 63  
ASP OD1  O  N N 64  
ASP OD2  O  N N 65  
ASP OXT  O  N N 66  
ASP H    H  N N 67  
ASP H2   H  N N 68  
ASP HA   H  N N 69  
ASP HB2  H  N N 70  
ASP HB3  H  N N 71  
ASP HD2  H  N N 72  
ASP HXT  H  N N 73  
GLN N    N  N N 74  
GLN CA   C  N S 75  
GLN C    C  N N 76  
GLN O    O  N N 77  
GLN CB   C  N N 78  
GLN CG   C  N N 79  
GLN CD   C  N N 80  
GLN OE1  O  N N 81  
GLN NE2  N  N N 82  
GLN OXT  O  N N 83  
GLN H    H  N N 84  
GLN H2   H  N N 85  
GLN HA   H  N N 86  
GLN HB2  H  N N 87  
GLN HB3  H  N N 88  
GLN HG2  H  N N 89  
GLN HG3  H  N N 90  
GLN HE21 H  N N 91  
GLN HE22 H  N N 92  
GLN HXT  H  N N 93  
GLU N    N  N N 94  
GLU CA   C  N S 95  
GLU C    C  N N 96  
GLU O    O  N N 97  
GLU CB   C  N N 98  
GLU CG   C  N N 99  
GLU CD   C  N N 100 
GLU OE1  O  N N 101 
GLU OE2  O  N N 102 
GLU OXT  O  N N 103 
GLU H    H  N N 104 
GLU H2   H  N N 105 
GLU HA   H  N N 106 
GLU HB2  H  N N 107 
GLU HB3  H  N N 108 
GLU HG2  H  N N 109 
GLU HG3  H  N N 110 
GLU HE2  H  N N 111 
GLU HXT  H  N N 112 
GLY N    N  N N 113 
GLY CA   C  N N 114 
GLY C    C  N N 115 
GLY O    O  N N 116 
GLY OXT  O  N N 117 
GLY H    H  N N 118 
GLY H2   H  N N 119 
GLY HA2  H  N N 120 
GLY HA3  H  N N 121 
GLY HXT  H  N N 122 
HEM CHA  C  N N 123 
HEM CHB  C  N N 124 
HEM CHC  C  N N 125 
HEM CHD  C  N N 126 
HEM C1A  C  Y N 127 
HEM C2A  C  Y N 128 
HEM C3A  C  Y N 129 
HEM C4A  C  Y N 130 
HEM CMA  C  N N 131 
HEM CAA  C  N N 132 
HEM CBA  C  N N 133 
HEM CGA  C  N N 134 
HEM O1A  O  N N 135 
HEM O2A  O  N N 136 
HEM C1B  C  N N 137 
HEM C2B  C  N N 138 
HEM C3B  C  N N 139 
HEM C4B  C  N N 140 
HEM CMB  C  N N 141 
HEM CAB  C  N N 142 
HEM CBB  C  N N 143 
HEM C1C  C  Y N 144 
HEM C2C  C  Y N 145 
HEM C3C  C  Y N 146 
HEM C4C  C  Y N 147 
HEM CMC  C  N N 148 
HEM CAC  C  N N 149 
HEM CBC  C  N N 150 
HEM C1D  C  N N 151 
HEM C2D  C  N N 152 
HEM C3D  C  N N 153 
HEM C4D  C  N N 154 
HEM CMD  C  N N 155 
HEM CAD  C  N N 156 
HEM CBD  C  N N 157 
HEM CGD  C  N N 158 
HEM O1D  O  N N 159 
HEM O2D  O  N N 160 
HEM NA   N  Y N 161 
HEM NB   N  N N 162 
HEM NC   N  Y N 163 
HEM ND   N  N N 164 
HEM FE   FE N N 165 
HEM HHB  H  N N 166 
HEM HHC  H  N N 167 
HEM HHD  H  N N 168 
HEM HMA  H  N N 169 
HEM HMAA H  N N 170 
HEM HMAB H  N N 171 
HEM HAA  H  N N 172 
HEM HAAA H  N N 173 
HEM HBA  H  N N 174 
HEM HBAA H  N N 175 
HEM HMB  H  N N 176 
HEM HMBA H  N N 177 
HEM HMBB H  N N 178 
HEM HAB  H  N N 179 
HEM HBB  H  N N 180 
HEM HBBA H  N N 181 
HEM HMC  H  N N 182 
HEM HMCA H  N N 183 
HEM HMCB H  N N 184 
HEM HAC  H  N N 185 
HEM HBC  H  N N 186 
HEM HBCA H  N N 187 
HEM HMD  H  N N 188 
HEM HMDA H  N N 189 
HEM HMDB H  N N 190 
HEM HAD  H  N N 191 
HEM HADA H  N N 192 
HEM HBD  H  N N 193 
HEM HBDA H  N N 194 
HEM H2A  H  N N 195 
HEM H2D  H  N N 196 
HEM HHA  H  N N 197 
HIS N    N  N N 198 
HIS CA   C  N S 199 
HIS C    C  N N 200 
HIS O    O  N N 201 
HIS CB   C  N N 202 
HIS CG   C  Y N 203 
HIS ND1  N  Y N 204 
HIS CD2  C  Y N 205 
HIS CE1  C  Y N 206 
HIS NE2  N  Y N 207 
HIS OXT  O  N N 208 
HIS H    H  N N 209 
HIS H2   H  N N 210 
HIS HA   H  N N 211 
HIS HB2  H  N N 212 
HIS HB3  H  N N 213 
HIS HD1  H  N N 214 
HIS HD2  H  N N 215 
HIS HE1  H  N N 216 
HIS HE2  H  N N 217 
HIS HXT  H  N N 218 
HOH O    O  N N 219 
HOH H1   H  N N 220 
HOH H2   H  N N 221 
ILE N    N  N N 222 
ILE CA   C  N S 223 
ILE C    C  N N 224 
ILE O    O  N N 225 
ILE CB   C  N S 226 
ILE CG1  C  N N 227 
ILE CG2  C  N N 228 
ILE CD1  C  N N 229 
ILE OXT  O  N N 230 
ILE H    H  N N 231 
ILE H2   H  N N 232 
ILE HA   H  N N 233 
ILE HB   H  N N 234 
ILE HG12 H  N N 235 
ILE HG13 H  N N 236 
ILE HG21 H  N N 237 
ILE HG22 H  N N 238 
ILE HG23 H  N N 239 
ILE HD11 H  N N 240 
ILE HD12 H  N N 241 
ILE HD13 H  N N 242 
ILE HXT  H  N N 243 
LEU N    N  N N 244 
LEU CA   C  N S 245 
LEU C    C  N N 246 
LEU O    O  N N 247 
LEU CB   C  N N 248 
LEU CG   C  N N 249 
LEU CD1  C  N N 250 
LEU CD2  C  N N 251 
LEU OXT  O  N N 252 
LEU H    H  N N 253 
LEU H2   H  N N 254 
LEU HA   H  N N 255 
LEU HB2  H  N N 256 
LEU HB3  H  N N 257 
LEU HG   H  N N 258 
LEU HD11 H  N N 259 
LEU HD12 H  N N 260 
LEU HD13 H  N N 261 
LEU HD21 H  N N 262 
LEU HD22 H  N N 263 
LEU HD23 H  N N 264 
LEU HXT  H  N N 265 
LYS N    N  N N 266 
LYS CA   C  N S 267 
LYS C    C  N N 268 
LYS O    O  N N 269 
LYS CB   C  N N 270 
LYS CG   C  N N 271 
LYS CD   C  N N 272 
LYS CE   C  N N 273 
LYS NZ   N  N N 274 
LYS OXT  O  N N 275 
LYS H    H  N N 276 
LYS H2   H  N N 277 
LYS HA   H  N N 278 
LYS HB2  H  N N 279 
LYS HB3  H  N N 280 
LYS HG2  H  N N 281 
LYS HG3  H  N N 282 
LYS HD2  H  N N 283 
LYS HD3  H  N N 284 
LYS HE2  H  N N 285 
LYS HE3  H  N N 286 
LYS HZ1  H  N N 287 
LYS HZ2  H  N N 288 
LYS HZ3  H  N N 289 
LYS HXT  H  N N 290 
MET N    N  N N 291 
MET CA   C  N S 292 
MET C    C  N N 293 
MET O    O  N N 294 
MET CB   C  N N 295 
MET CG   C  N N 296 
MET SD   S  N N 297 
MET CE   C  N N 298 
MET OXT  O  N N 299 
MET H    H  N N 300 
MET H2   H  N N 301 
MET HA   H  N N 302 
MET HB2  H  N N 303 
MET HB3  H  N N 304 
MET HG2  H  N N 305 
MET HG3  H  N N 306 
MET HE1  H  N N 307 
MET HE2  H  N N 308 
MET HE3  H  N N 309 
MET HXT  H  N N 310 
PHE N    N  N N 311 
PHE CA   C  N S 312 
PHE C    C  N N 313 
PHE O    O  N N 314 
PHE CB   C  N N 315 
PHE CG   C  Y N 316 
PHE CD1  C  Y N 317 
PHE CD2  C  Y N 318 
PHE CE1  C  Y N 319 
PHE CE2  C  Y N 320 
PHE CZ   C  Y N 321 
PHE OXT  O  N N 322 
PHE H    H  N N 323 
PHE H2   H  N N 324 
PHE HA   H  N N 325 
PHE HB2  H  N N 326 
PHE HB3  H  N N 327 
PHE HD1  H  N N 328 
PHE HD2  H  N N 329 
PHE HE1  H  N N 330 
PHE HE2  H  N N 331 
PHE HZ   H  N N 332 
PHE HXT  H  N N 333 
PRO N    N  N N 334 
PRO CA   C  N S 335 
PRO C    C  N N 336 
PRO O    O  N N 337 
PRO CB   C  N N 338 
PRO CG   C  N N 339 
PRO CD   C  N N 340 
PRO OXT  O  N N 341 
PRO H    H  N N 342 
PRO HA   H  N N 343 
PRO HB2  H  N N 344 
PRO HB3  H  N N 345 
PRO HG2  H  N N 346 
PRO HG3  H  N N 347 
PRO HD2  H  N N 348 
PRO HD3  H  N N 349 
PRO HXT  H  N N 350 
SER N    N  N N 351 
SER CA   C  N S 352 
SER C    C  N N 353 
SER O    O  N N 354 
SER CB   C  N N 355 
SER OG   O  N N 356 
SER OXT  O  N N 357 
SER H    H  N N 358 
SER H2   H  N N 359 
SER HA   H  N N 360 
SER HB2  H  N N 361 
SER HB3  H  N N 362 
SER HG   H  N N 363 
SER HXT  H  N N 364 
T6C CL2  CL N N 365 
T6C C2   C  Y N 366 
T6C C1   C  Y N 367 
T6C C6   C  Y N 368 
T6C CL6  CL N N 369 
T6C O1   O  N N 370 
T6C C3   C  Y N 371 
T6C C4   C  Y N 372 
T6C CL4  CL N N 373 
T6C C5   C  Y N 374 
T6C H1   H  N N 375 
T6C H2   H  N N 376 
T6C H3   H  N N 377 
THR N    N  N N 378 
THR CA   C  N S 379 
THR C    C  N N 380 
THR O    O  N N 381 
THR CB   C  N R 382 
THR OG1  O  N N 383 
THR CG2  C  N N 384 
THR OXT  O  N N 385 
THR H    H  N N 386 
THR H2   H  N N 387 
THR HA   H  N N 388 
THR HB   H  N N 389 
THR HG1  H  N N 390 
THR HG21 H  N N 391 
THR HG22 H  N N 392 
THR HG23 H  N N 393 
THR HXT  H  N N 394 
TRP N    N  N N 395 
TRP CA   C  N S 396 
TRP C    C  N N 397 
TRP O    O  N N 398 
TRP CB   C  N N 399 
TRP CG   C  Y N 400 
TRP CD1  C  Y N 401 
TRP CD2  C  Y N 402 
TRP NE1  N  Y N 403 
TRP CE2  C  Y N 404 
TRP CE3  C  Y N 405 
TRP CZ2  C  Y N 406 
TRP CZ3  C  Y N 407 
TRP CH2  C  Y N 408 
TRP OXT  O  N N 409 
TRP H    H  N N 410 
TRP H2   H  N N 411 
TRP HA   H  N N 412 
TRP HB2  H  N N 413 
TRP HB3  H  N N 414 
TRP HD1  H  N N 415 
TRP HE1  H  N N 416 
TRP HE3  H  N N 417 
TRP HZ2  H  N N 418 
TRP HZ3  H  N N 419 
TRP HH2  H  N N 420 
TRP HXT  H  N N 421 
TYR N    N  N N 422 
TYR CA   C  N S 423 
TYR C    C  N N 424 
TYR O    O  N N 425 
TYR CB   C  N N 426 
TYR CG   C  Y N 427 
TYR CD1  C  Y N 428 
TYR CD2  C  Y N 429 
TYR CE1  C  Y N 430 
TYR CE2  C  Y N 431 
TYR CZ   C  Y N 432 
TYR OH   O  N N 433 
TYR OXT  O  N N 434 
TYR H    H  N N 435 
TYR H2   H  N N 436 
TYR HA   H  N N 437 
TYR HB2  H  N N 438 
TYR HB3  H  N N 439 
TYR HD1  H  N N 440 
TYR HD2  H  N N 441 
TYR HE1  H  N N 442 
TYR HE2  H  N N 443 
TYR HH   H  N N 444 
TYR HXT  H  N N 445 
VAL N    N  N N 446 
VAL CA   C  N S 447 
VAL C    C  N N 448 
VAL O    O  N N 449 
VAL CB   C  N N 450 
VAL CG1  C  N N 451 
VAL CG2  C  N N 452 
VAL OXT  O  N N 453 
VAL H    H  N N 454 
VAL H2   H  N N 455 
VAL HA   H  N N 456 
VAL HB   H  N N 457 
VAL HG11 H  N N 458 
VAL HG12 H  N N 459 
VAL HG13 H  N N 460 
VAL HG21 H  N N 461 
VAL HG22 H  N N 462 
VAL HG23 H  N N 463 
VAL HXT  H  N N 464 
# 
loop_
_chem_comp_bond.comp_id 
_chem_comp_bond.atom_id_1 
_chem_comp_bond.atom_id_2 
_chem_comp_bond.value_order 
_chem_comp_bond.pdbx_aromatic_flag 
_chem_comp_bond.pdbx_stereo_config 
_chem_comp_bond.pdbx_ordinal 
ALA N   CA   sing N N 1   
ALA N   H    sing N N 2   
ALA N   H2   sing N N 3   
ALA CA  C    sing N N 4   
ALA CA  CB   sing N N 5   
ALA CA  HA   sing N N 6   
ALA C   O    doub N N 7   
ALA C   OXT  sing N N 8   
ALA CB  HB1  sing N N 9   
ALA CB  HB2  sing N N 10  
ALA CB  HB3  sing N N 11  
ALA OXT HXT  sing N N 12  
ARG N   CA   sing N N 13  
ARG N   H    sing N N 14  
ARG N   H2   sing N N 15  
ARG CA  C    sing N N 16  
ARG CA  CB   sing N N 17  
ARG CA  HA   sing N N 18  
ARG C   O    doub N N 19  
ARG C   OXT  sing N N 20  
ARG CB  CG   sing N N 21  
ARG CB  HB2  sing N N 22  
ARG CB  HB3  sing N N 23  
ARG CG  CD   sing N N 24  
ARG CG  HG2  sing N N 25  
ARG CG  HG3  sing N N 26  
ARG CD  NE   sing N N 27  
ARG CD  HD2  sing N N 28  
ARG CD  HD3  sing N N 29  
ARG NE  CZ   sing N N 30  
ARG NE  HE   sing N N 31  
ARG CZ  NH1  sing N N 32  
ARG CZ  NH2  doub N N 33  
ARG NH1 HH11 sing N N 34  
ARG NH1 HH12 sing N N 35  
ARG NH2 HH21 sing N N 36  
ARG NH2 HH22 sing N N 37  
ARG OXT HXT  sing N N 38  
ASN N   CA   sing N N 39  
ASN N   H    sing N N 40  
ASN N   H2   sing N N 41  
ASN CA  C    sing N N 42  
ASN CA  CB   sing N N 43  
ASN CA  HA   sing N N 44  
ASN C   O    doub N N 45  
ASN C   OXT  sing N N 46  
ASN CB  CG   sing N N 47  
ASN CB  HB2  sing N N 48  
ASN CB  HB3  sing N N 49  
ASN CG  OD1  doub N N 50  
ASN CG  ND2  sing N N 51  
ASN ND2 HD21 sing N N 52  
ASN ND2 HD22 sing N N 53  
ASN OXT HXT  sing N N 54  
ASP N   CA   sing N N 55  
ASP N   H    sing N N 56  
ASP N   H2   sing N N 57  
ASP CA  C    sing N N 58  
ASP CA  CB   sing N N 59  
ASP CA  HA   sing N N 60  
ASP C   O    doub N N 61  
ASP C   OXT  sing N N 62  
ASP CB  CG   sing N N 63  
ASP CB  HB2  sing N N 64  
ASP CB  HB3  sing N N 65  
ASP CG  OD1  doub N N 66  
ASP CG  OD2  sing N N 67  
ASP OD2 HD2  sing N N 68  
ASP OXT HXT  sing N N 69  
GLN N   CA   sing N N 70  
GLN N   H    sing N N 71  
GLN N   H2   sing N N 72  
GLN CA  C    sing N N 73  
GLN CA  CB   sing N N 74  
GLN CA  HA   sing N N 75  
GLN C   O    doub N N 76  
GLN C   OXT  sing N N 77  
GLN CB  CG   sing N N 78  
GLN CB  HB2  sing N N 79  
GLN CB  HB3  sing N N 80  
GLN CG  CD   sing N N 81  
GLN CG  HG2  sing N N 82  
GLN CG  HG3  sing N N 83  
GLN CD  OE1  doub N N 84  
GLN CD  NE2  sing N N 85  
GLN NE2 HE21 sing N N 86  
GLN NE2 HE22 sing N N 87  
GLN OXT HXT  sing N N 88  
GLU N   CA   sing N N 89  
GLU N   H    sing N N 90  
GLU N   H2   sing N N 91  
GLU CA  C    sing N N 92  
GLU CA  CB   sing N N 93  
GLU CA  HA   sing N N 94  
GLU C   O    doub N N 95  
GLU C   OXT  sing N N 96  
GLU CB  CG   sing N N 97  
GLU CB  HB2  sing N N 98  
GLU CB  HB3  sing N N 99  
GLU CG  CD   sing N N 100 
GLU CG  HG2  sing N N 101 
GLU CG  HG3  sing N N 102 
GLU CD  OE1  doub N N 103 
GLU CD  OE2  sing N N 104 
GLU OE2 HE2  sing N N 105 
GLU OXT HXT  sing N N 106 
GLY N   CA   sing N N 107 
GLY N   H    sing N N 108 
GLY N   H2   sing N N 109 
GLY CA  C    sing N N 110 
GLY CA  HA2  sing N N 111 
GLY CA  HA3  sing N N 112 
GLY C   O    doub N N 113 
GLY C   OXT  sing N N 114 
GLY OXT HXT  sing N N 115 
HEM CHA C1A  sing N N 116 
HEM CHA C4D  doub N N 117 
HEM CHA HHA  sing N N 118 
HEM CHB C4A  sing N N 119 
HEM CHB C1B  doub N N 120 
HEM CHB HHB  sing N N 121 
HEM CHC C4B  sing N N 122 
HEM CHC C1C  doub N N 123 
HEM CHC HHC  sing N N 124 
HEM CHD C4C  doub N N 125 
HEM CHD C1D  sing N N 126 
HEM CHD HHD  sing N N 127 
HEM C1A C2A  doub Y N 128 
HEM C1A NA   sing Y N 129 
HEM C2A C3A  sing Y N 130 
HEM C2A CAA  sing N N 131 
HEM C3A C4A  doub Y N 132 
HEM C3A CMA  sing N N 133 
HEM C4A NA   sing Y N 134 
HEM CMA HMA  sing N N 135 
HEM CMA HMAA sing N N 136 
HEM CMA HMAB sing N N 137 
HEM CAA CBA  sing N N 138 
HEM CAA HAA  sing N N 139 
HEM CAA HAAA sing N N 140 
HEM CBA CGA  sing N N 141 
HEM CBA HBA  sing N N 142 
HEM CBA HBAA sing N N 143 
HEM CGA O1A  doub N N 144 
HEM CGA O2A  sing N N 145 
HEM C1B C2B  sing N N 146 
HEM C1B NB   sing N N 147 
HEM C2B C3B  doub N N 148 
HEM C2B CMB  sing N N 149 
HEM C3B C4B  sing N N 150 
HEM C3B CAB  sing N N 151 
HEM C4B NB   doub N N 152 
HEM CMB HMB  sing N N 153 
HEM CMB HMBA sing N N 154 
HEM CMB HMBB sing N N 155 
HEM CAB CBB  doub N N 156 
HEM CAB HAB  sing N N 157 
HEM CBB HBB  sing N N 158 
HEM CBB HBBA sing N N 159 
HEM C1C C2C  sing Y N 160 
HEM C1C NC   sing Y N 161 
HEM C2C C3C  doub Y N 162 
HEM C2C CMC  sing N N 163 
HEM C3C C4C  sing Y N 164 
HEM C3C CAC  sing N N 165 
HEM C4C NC   sing Y N 166 
HEM CMC HMC  sing N N 167 
HEM CMC HMCA sing N N 168 
HEM CMC HMCB sing N N 169 
HEM CAC CBC  doub N N 170 
HEM CAC HAC  sing N N 171 
HEM CBC HBC  sing N N 172 
HEM CBC HBCA sing N N 173 
HEM C1D C2D  sing N N 174 
HEM C1D ND   doub N N 175 
HEM C2D C3D  doub N N 176 
HEM C2D CMD  sing N N 177 
HEM C3D C4D  sing N N 178 
HEM C3D CAD  sing N N 179 
HEM C4D ND   sing N N 180 
HEM CMD HMD  sing N N 181 
HEM CMD HMDA sing N N 182 
HEM CMD HMDB sing N N 183 
HEM CAD CBD  sing N N 184 
HEM CAD HAD  sing N N 185 
HEM CAD HADA sing N N 186 
HEM CBD CGD  sing N N 187 
HEM CBD HBD  sing N N 188 
HEM CBD HBDA sing N N 189 
HEM CGD O1D  doub N N 190 
HEM CGD O2D  sing N N 191 
HEM O2A H2A  sing N N 192 
HEM O2D H2D  sing N N 193 
HEM FE  NA   sing N N 194 
HEM FE  NB   sing N N 195 
HEM FE  NC   sing N N 196 
HEM FE  ND   sing N N 197 
HIS N   CA   sing N N 198 
HIS N   H    sing N N 199 
HIS N   H2   sing N N 200 
HIS CA  C    sing N N 201 
HIS CA  CB   sing N N 202 
HIS CA  HA   sing N N 203 
HIS C   O    doub N N 204 
HIS C   OXT  sing N N 205 
HIS CB  CG   sing N N 206 
HIS CB  HB2  sing N N 207 
HIS CB  HB3  sing N N 208 
HIS CG  ND1  sing Y N 209 
HIS CG  CD2  doub Y N 210 
HIS ND1 CE1  doub Y N 211 
HIS ND1 HD1  sing N N 212 
HIS CD2 NE2  sing Y N 213 
HIS CD2 HD2  sing N N 214 
HIS CE1 NE2  sing Y N 215 
HIS CE1 HE1  sing N N 216 
HIS NE2 HE2  sing N N 217 
HIS OXT HXT  sing N N 218 
HOH O   H1   sing N N 219 
HOH O   H2   sing N N 220 
ILE N   CA   sing N N 221 
ILE N   H    sing N N 222 
ILE N   H2   sing N N 223 
ILE CA  C    sing N N 224 
ILE CA  CB   sing N N 225 
ILE CA  HA   sing N N 226 
ILE C   O    doub N N 227 
ILE C   OXT  sing N N 228 
ILE CB  CG1  sing N N 229 
ILE CB  CG2  sing N N 230 
ILE CB  HB   sing N N 231 
ILE CG1 CD1  sing N N 232 
ILE CG1 HG12 sing N N 233 
ILE CG1 HG13 sing N N 234 
ILE CG2 HG21 sing N N 235 
ILE CG2 HG22 sing N N 236 
ILE CG2 HG23 sing N N 237 
ILE CD1 HD11 sing N N 238 
ILE CD1 HD12 sing N N 239 
ILE CD1 HD13 sing N N 240 
ILE OXT HXT  sing N N 241 
LEU N   CA   sing N N 242 
LEU N   H    sing N N 243 
LEU N   H2   sing N N 244 
LEU CA  C    sing N N 245 
LEU CA  CB   sing N N 246 
LEU CA  HA   sing N N 247 
LEU C   O    doub N N 248 
LEU C   OXT  sing N N 249 
LEU CB  CG   sing N N 250 
LEU CB  HB2  sing N N 251 
LEU CB  HB3  sing N N 252 
LEU CG  CD1  sing N N 253 
LEU CG  CD2  sing N N 254 
LEU CG  HG   sing N N 255 
LEU CD1 HD11 sing N N 256 
LEU CD1 HD12 sing N N 257 
LEU CD1 HD13 sing N N 258 
LEU CD2 HD21 sing N N 259 
LEU CD2 HD22 sing N N 260 
LEU CD2 HD23 sing N N 261 
LEU OXT HXT  sing N N 262 
LYS N   CA   sing N N 263 
LYS N   H    sing N N 264 
LYS N   H2   sing N N 265 
LYS CA  C    sing N N 266 
LYS CA  CB   sing N N 267 
LYS CA  HA   sing N N 268 
LYS C   O    doub N N 269 
LYS C   OXT  sing N N 270 
LYS CB  CG   sing N N 271 
LYS CB  HB2  sing N N 272 
LYS CB  HB3  sing N N 273 
LYS CG  CD   sing N N 274 
LYS CG  HG2  sing N N 275 
LYS CG  HG3  sing N N 276 
LYS CD  CE   sing N N 277 
LYS CD  HD2  sing N N 278 
LYS CD  HD3  sing N N 279 
LYS CE  NZ   sing N N 280 
LYS CE  HE2  sing N N 281 
LYS CE  HE3  sing N N 282 
LYS NZ  HZ1  sing N N 283 
LYS NZ  HZ2  sing N N 284 
LYS NZ  HZ3  sing N N 285 
LYS OXT HXT  sing N N 286 
MET N   CA   sing N N 287 
MET N   H    sing N N 288 
MET N   H2   sing N N 289 
MET CA  C    sing N N 290 
MET CA  CB   sing N N 291 
MET CA  HA   sing N N 292 
MET C   O    doub N N 293 
MET C   OXT  sing N N 294 
MET CB  CG   sing N N 295 
MET CB  HB2  sing N N 296 
MET CB  HB3  sing N N 297 
MET CG  SD   sing N N 298 
MET CG  HG2  sing N N 299 
MET CG  HG3  sing N N 300 
MET SD  CE   sing N N 301 
MET CE  HE1  sing N N 302 
MET CE  HE2  sing N N 303 
MET CE  HE3  sing N N 304 
MET OXT HXT  sing N N 305 
PHE N   CA   sing N N 306 
PHE N   H    sing N N 307 
PHE N   H2   sing N N 308 
PHE CA  C    sing N N 309 
PHE CA  CB   sing N N 310 
PHE CA  HA   sing N N 311 
PHE C   O    doub N N 312 
PHE C   OXT  sing N N 313 
PHE CB  CG   sing N N 314 
PHE CB  HB2  sing N N 315 
PHE CB  HB3  sing N N 316 
PHE CG  CD1  doub Y N 317 
PHE CG  CD2  sing Y N 318 
PHE CD1 CE1  sing Y N 319 
PHE CD1 HD1  sing N N 320 
PHE CD2 CE2  doub Y N 321 
PHE CD2 HD2  sing N N 322 
PHE CE1 CZ   doub Y N 323 
PHE CE1 HE1  sing N N 324 
PHE CE2 CZ   sing Y N 325 
PHE CE2 HE2  sing N N 326 
PHE CZ  HZ   sing N N 327 
PHE OXT HXT  sing N N 328 
PRO N   CA   sing N N 329 
PRO N   CD   sing N N 330 
PRO N   H    sing N N 331 
PRO CA  C    sing N N 332 
PRO CA  CB   sing N N 333 
PRO CA  HA   sing N N 334 
PRO C   O    doub N N 335 
PRO C   OXT  sing N N 336 
PRO CB  CG   sing N N 337 
PRO CB  HB2  sing N N 338 
PRO CB  HB3  sing N N 339 
PRO CG  CD   sing N N 340 
PRO CG  HG2  sing N N 341 
PRO CG  HG3  sing N N 342 
PRO CD  HD2  sing N N 343 
PRO CD  HD3  sing N N 344 
PRO OXT HXT  sing N N 345 
SER N   CA   sing N N 346 
SER N   H    sing N N 347 
SER N   H2   sing N N 348 
SER CA  C    sing N N 349 
SER CA  CB   sing N N 350 
SER CA  HA   sing N N 351 
SER C   O    doub N N 352 
SER C   OXT  sing N N 353 
SER CB  OG   sing N N 354 
SER CB  HB2  sing N N 355 
SER CB  HB3  sing N N 356 
SER OG  HG   sing N N 357 
SER OXT HXT  sing N N 358 
T6C CL2 C2   sing N N 359 
T6C CL4 C4   sing N N 360 
T6C C3  C2   doub Y N 361 
T6C C3  C4   sing Y N 362 
T6C C2  C1   sing Y N 363 
T6C C4  C5   doub Y N 364 
T6C C1  O1   sing N N 365 
T6C C1  C6   doub Y N 366 
T6C C5  C6   sing Y N 367 
T6C C6  CL6  sing N N 368 
T6C O1  H1   sing N N 369 
T6C C3  H2   sing N N 370 
T6C C5  H3   sing N N 371 
THR N   CA   sing N N 372 
THR N   H    sing N N 373 
THR N   H2   sing N N 374 
THR CA  C    sing N N 375 
THR CA  CB   sing N N 376 
THR CA  HA   sing N N 377 
THR C   O    doub N N 378 
THR C   OXT  sing N N 379 
THR CB  OG1  sing N N 380 
THR CB  CG2  sing N N 381 
THR CB  HB   sing N N 382 
THR OG1 HG1  sing N N 383 
THR CG2 HG21 sing N N 384 
THR CG2 HG22 sing N N 385 
THR CG2 HG23 sing N N 386 
THR OXT HXT  sing N N 387 
TRP N   CA   sing N N 388 
TRP N   H    sing N N 389 
TRP N   H2   sing N N 390 
TRP CA  C    sing N N 391 
TRP CA  CB   sing N N 392 
TRP CA  HA   sing N N 393 
TRP C   O    doub N N 394 
TRP C   OXT  sing N N 395 
TRP CB  CG   sing N N 396 
TRP CB  HB2  sing N N 397 
TRP CB  HB3  sing N N 398 
TRP CG  CD1  doub Y N 399 
TRP CG  CD2  sing Y N 400 
TRP CD1 NE1  sing Y N 401 
TRP CD1 HD1  sing N N 402 
TRP CD2 CE2  doub Y N 403 
TRP CD2 CE3  sing Y N 404 
TRP NE1 CE2  sing Y N 405 
TRP NE1 HE1  sing N N 406 
TRP CE2 CZ2  sing Y N 407 
TRP CE3 CZ3  doub Y N 408 
TRP CE3 HE3  sing N N 409 
TRP CZ2 CH2  doub Y N 410 
TRP CZ2 HZ2  sing N N 411 
TRP CZ3 CH2  sing Y N 412 
TRP CZ3 HZ3  sing N N 413 
TRP CH2 HH2  sing N N 414 
TRP OXT HXT  sing N N 415 
TYR N   CA   sing N N 416 
TYR N   H    sing N N 417 
TYR N   H2   sing N N 418 
TYR CA  C    sing N N 419 
TYR CA  CB   sing N N 420 
TYR CA  HA   sing N N 421 
TYR C   O    doub N N 422 
TYR C   OXT  sing N N 423 
TYR CB  CG   sing N N 424 
TYR CB  HB2  sing N N 425 
TYR CB  HB3  sing N N 426 
TYR CG  CD1  doub Y N 427 
TYR CG  CD2  sing Y N 428 
TYR CD1 CE1  sing Y N 429 
TYR CD1 HD1  sing N N 430 
TYR CD2 CE2  doub Y N 431 
TYR CD2 HD2  sing N N 432 
TYR CE1 CZ   doub Y N 433 
TYR CE1 HE1  sing N N 434 
TYR CE2 CZ   sing Y N 435 
TYR CE2 HE2  sing N N 436 
TYR CZ  OH   sing N N 437 
TYR OH  HH   sing N N 438 
TYR OXT HXT  sing N N 439 
VAL N   CA   sing N N 440 
VAL N   H    sing N N 441 
VAL N   H2   sing N N 442 
VAL CA  C    sing N N 443 
VAL CA  CB   sing N N 444 
VAL CA  HA   sing N N 445 
VAL C   O    doub N N 446 
VAL C   OXT  sing N N 447 
VAL CB  CG1  sing N N 448 
VAL CB  CG2  sing N N 449 
VAL CB  HB   sing N N 450 
VAL CG1 HG11 sing N N 451 
VAL CG1 HG12 sing N N 452 
VAL CG1 HG13 sing N N 453 
VAL CG2 HG21 sing N N 454 
VAL CG2 HG22 sing N N 455 
VAL CG2 HG23 sing N N 456 
VAL OXT HXT  sing N N 457 
# 
loop_
_pdbx_entity_nonpoly.entity_id 
_pdbx_entity_nonpoly.name 
_pdbx_entity_nonpoly.comp_id 
2 'PROTOPORPHYRIN IX CONTAINING FE' HEM 
3 2,4,6-trichlorophenol             T6C 
4 water                             HOH 
# 
_pdbx_initial_refinement_model.id               1 
_pdbx_initial_refinement_model.entity_id_list   ? 
_pdbx_initial_refinement_model.type             'experimental model' 
_pdbx_initial_refinement_model.source_name      PDB 
_pdbx_initial_refinement_model.accession_code   2EB8 
_pdbx_initial_refinement_model.details          ? 
# 
_pdbx_struct_assembly_auth_evidence.id                     1 
_pdbx_struct_assembly_auth_evidence.assembly_id            1 
_pdbx_struct_assembly_auth_evidence.experimental_support   'gel filtration' 
_pdbx_struct_assembly_auth_evidence.details                ? 
# 
